data_6QCT
#
_entry.id   6QCT
#
_cell.length_a   1.00
_cell.length_b   1.00
_cell.length_c   1.00
_cell.angle_alpha   90.00
_cell.angle_beta   90.00
_cell.angle_gamma   90.00
#
_symmetry.space_group_name_H-M   'P 1'
#
loop_
_entity.id
_entity.type
_entity.pdbx_description
1 polymer 'Polymerase acidic protein'
2 polymer 'RNA-directed RNA polymerase catalytic subunit'
3 polymer 'Polymerase basic protein 2'
4 polymer '5 end'
5 polymer '3 end'
6 polymer 'capped RNA'
7 non-polymer 'MAGNESIUM ION'
#
loop_
_entity_poly.entity_id
_entity_poly.type
_entity_poly.pdbx_seq_one_letter_code
_entity_poly.pdbx_strand_id
1 'polypeptide(L)'
;GSHHHHHHHHGSGSMDTFITRNFQTTIIQKAKNTMAEFSEDPELQPAMLFNICVHLEVCYVISDMNFLDEEGKAYTALEG
QGKEQNLRPQYEVIEGMPRTIAWMVQRSLAQEHGIETPKYLADLFDYKTKRFIEVGITKGLADDYFWKKKEKLGNSMELM
IFSYNQDYSLSNESSLDEEGKGRVLSRLTELQAELSLKNLWQVLIGEEDVEKGIDFKLGQTISRLRDISVPAGFSNFEGM
RSYIDNIDPKGAIERNLARMSPLVSVTPKKLTWEDLRPIGPHIYNHELPEVPYNAFLLMSDELGLANMTEGKSKKPKTLA
KECLEKYSTLRDQTDPILIMKSEKANENFLWKLWRDCVNTISNEEMSNELQKTNYAKWATGDGLTYQKIMKEVAIDDETM
CQEEPKIPNKCRVAAWVQTEMNLLSTLTSKRALDLPEIGPDVAPVEHVGSERRKYFVNEINYCKASTVMMKYVLFHTSLL
NESNASMGKYKVIPITNRVVNEKGESFDMLYGLAVKGQSHLRGDTDVVTVVTFEFSSTDPRVDSGKWPKYTVFRIGSLFV
SGREKSVYLYCRVNGTNKIQMKWGMEARRCLLQSMQQMEAIVEQESSIQGYDMTKACFKGDRVNSPKTFSIGTQEGKLVK
GSFGKALRVIFTKCLMHYVFGNAQLEGFSAESRRLLLLIQALKDRKGPWVFDLEGMYSGIEECISNNPWVIQSAYWFNEW
LGFEKEGSKVLESVDEIMDEGSGSGENLYFQ
;
A
2 'polypeptide(L)'
;GSGSGSGSGMNINPYFLFIDVPIQAAISTTFPYTGVPPYSHGTGTGYTIDTVIRTHEYSNKGKQYISDVTGCTMVDPTNG
PLPEDNEPSAYAQLDCVLEALDRMDEEHPGLFQAASQNAMETLMVTTVDKLTQGRQTFDWTVCRNQPAATALNTTITSFR
LNDLNGADKGGLIPFCQDIIDSLDRPEMTFFSVKNIKKKLPAKNRKGFLIKRIPMKVKDKITKVEYIKRALSLNTMTKDA
ERGKLKRRAIATAGIQIRGFVLVVENLAKNICENLEQSGLPVGGNEKKAKLSNAVAKMLSNCPPGGISMTVTGDNTKWNE
CLNPRIFLAMTERITRDSPIWFRDFCSIAPVLFSNKIARLGKGFMITSKTKRLKAQIPCPDLFSIPLERYNEETRAKLKK
LKPFFNEEGTASLSPGMMMGMFNMLSTVLGVAALGIKNIGNKEYLWDGLQSSDDFALFVNAKDEETCMEGINDFYRTCKL
LGINMSKKKSYCNETGMFEFTSMFYRDGFVSNFAMELPSFGVAGVNESADMAIGMTIIKNNMINNGMGPATAQTAIQLFI
ADYRYTYKCHRGDSKVEGKRMKIIKELWENTKGRDGLLVADGGPNIYNLRNLHIPEIVLKYNLMDPEYKGRLLHPQNPFV
GHLSIEGIKEADITPAHGPVKKMDYDAVSGTHSWRTKRNRSILNTDQRNMILEEQCYAKCCNLFEACFNSASYRKPVGQH
SMLEAMAHRLRMDARLDYESGRMSKDDFEKAMAHLGEIGYIGSGSGENLYFQ
;
B
3 'polypeptide(L)'
;GSGSGSGSGMTLAKIELLKQLLRDNEAKTVLKQTTVDQYNIIRKFNTSRIEKNPSLRMKWAMCSNFPLALTKGDMANRIP
LEYKGIQLKTNAEDIGTKGQMCSIAAVTWWNTYGPIGDTEGFERVYESFFLRKMRLDNATWGRITFGPVERVRKRVLLNP
LTKEMPPDEASNVIMEILFPKEAGIPRESTWIHRELIKEKREKLKGTMITPIVLAYMLERELVARRRFLPVAGATSAEFI
EMLHCLQGENWRQIYHPGGNKLTESRSQSMIVACRKIIRRSIVASNPLELAVEIANKTVIDTEPLKSCLAAIDGGDVACD
IIRAALGLKIRQRQRFGRLELKRISGRGFKNDEEILIGNGTIQKIGIWDGEEEFHVRCGECRGILKKSKMKLEKLLINSA
KKEDMRDLIILCMVFSQDTRMFQGVRGEINFLNRAGQLLSPMYQLQRYFLNRSNDLFDQWGYEESPKASELHGINESMNA
SDYTLKGVVVTRNVIDDFSSTETEKVSITKNLSLIKRTGEVIMGANDVSELESQAQLMITYDTPKMWEMGTTKELVQNTY
QWVLKNLVTLKAQFLLGKEDMFQWDAFEAFESIIPQKMAGQYSGFARAVLKQMRDQEVMKTDQFIKLLPFCFSPPKLRSN
GEPYQFLKLVLKGGGENFIEVRKGSPLFSYNPQTEVLTICGRMMSLKGKIEDEERNRSMGNAVLAGFLVSGKYDPDLGDF
KTIEELEKLKPGEKANILLYQGKPVKVVKRKRYSALSNDISQGIKRQRMTVESMGWALSGWSHPQFEKGSGSENLYFQ
;
C
4 'polyribonucleotide' AGUAGUAACAAGAG V
5 'polyribonucleotide' UAUACCUCUGCUUCUGCUAUU R
6 'polyribonucleotide' (GTG)AAUGCUAUAAUAGCAGAAG M
#
loop_
_chem_comp.id
_chem_comp.type
_chem_comp.name
_chem_comp.formula
A RNA linking ADENOSINE-5'-MONOPHOSPHATE 'C10 H14 N5 O7 P'
C RNA linking CYTIDINE-5'-MONOPHOSPHATE 'C9 H14 N3 O8 P'
G RNA linking GUANOSINE-5'-MONOPHOSPHATE 'C10 H14 N5 O8 P'
GTG non-polymer 7-METHYL-GUANOSINE-5'-TRIPHOSPHATE-5'-GUANOSINE 'C21 H30 N10 O18 P3 1'
MG non-polymer 'MAGNESIUM ION' 'Mg 2'
U RNA linking URIDINE-5'-MONOPHOSPHATE 'C9 H13 N2 O9 P'
#
# COMPACT_ATOMS: atom_id res chain seq x y z
N MET A 15 49.37 12.68 32.12
CA MET A 15 48.86 11.42 31.57
C MET A 15 48.85 11.44 30.04
N ASP A 16 48.14 12.40 29.48
CA ASP A 16 47.93 12.42 28.02
C ASP A 16 49.17 12.87 27.29
N THR A 17 49.94 13.79 27.88
CA THR A 17 51.21 14.17 27.27
C THR A 17 52.23 13.06 27.39
N PHE A 18 52.14 12.24 28.45
CA PHE A 18 52.97 11.04 28.55
C PHE A 18 52.63 10.05 27.44
N ILE A 19 51.33 9.93 27.12
CA ILE A 19 50.88 9.07 26.02
C ILE A 19 51.42 9.60 24.69
N THR A 20 51.33 10.91 24.48
CA THR A 20 51.74 11.48 23.20
C THR A 20 53.26 11.51 23.05
N ARG A 21 54.00 11.51 24.15
CA ARG A 21 55.45 11.61 24.10
C ARG A 21 56.16 10.30 24.40
N ASN A 22 55.43 9.22 24.62
CA ASN A 22 56.06 7.92 24.84
C ASN A 22 55.71 6.88 23.80
N PHE A 23 54.46 6.79 23.38
CA PHE A 23 54.05 5.84 22.34
C PHE A 23 54.34 6.43 20.96
N GLN A 24 53.80 5.80 19.92
CA GLN A 24 53.92 6.29 18.56
C GLN A 24 52.56 6.74 18.05
N THR A 25 52.57 7.30 16.84
CA THR A 25 51.38 7.97 16.33
C THR A 25 50.29 6.97 15.91
N THR A 26 50.69 5.89 15.24
CA THR A 26 49.72 4.93 14.71
C THR A 26 49.05 4.16 15.83
N ILE A 27 49.79 3.85 16.90
CA ILE A 27 49.22 3.13 18.04
C ILE A 27 48.18 3.99 18.75
N ILE A 28 48.49 5.29 18.89
CA ILE A 28 47.56 6.23 19.54
C ILE A 28 46.30 6.39 18.71
N GLN A 29 46.45 6.49 17.38
CA GLN A 29 45.28 6.64 16.52
C GLN A 29 44.41 5.39 16.53
N LYS A 30 45.03 4.20 16.51
CA LYS A 30 44.27 2.96 16.55
C LYS A 30 43.57 2.79 17.90
N ALA A 31 44.20 3.25 18.99
CA ALA A 31 43.57 3.19 20.29
C ALA A 31 42.39 4.15 20.39
N LYS A 32 42.54 5.35 19.80
CA LYS A 32 41.46 6.33 19.82
C LYS A 32 40.25 5.83 19.04
N ASN A 33 40.50 5.24 17.86
CA ASN A 33 39.41 4.63 17.10
C ASN A 33 38.79 3.45 17.82
N THR A 34 39.60 2.67 18.56
CA THR A 34 39.07 1.54 19.31
C THR A 34 38.16 2.01 20.45
N MET A 35 38.50 3.14 21.07
CA MET A 35 37.63 3.70 22.09
C MET A 35 36.35 4.25 21.50
N ALA A 36 36.45 4.92 20.33
CA ALA A 36 35.28 5.49 19.68
C ALA A 36 34.34 4.43 19.13
N GLU A 37 34.84 3.22 18.86
CA GLU A 37 33.96 2.15 18.40
C GLU A 37 33.00 1.66 19.47
N PHE A 38 33.29 1.88 20.75
CA PHE A 38 32.41 1.47 21.83
C PHE A 38 31.55 2.62 22.34
N SER A 39 31.42 3.70 21.54
CA SER A 39 30.65 4.90 21.85
C SER A 39 31.11 5.55 23.15
N GLU A 40 32.40 5.89 23.19
CA GLU A 40 33.01 6.53 24.34
C GLU A 40 33.96 7.62 23.87
N ASP A 41 34.48 8.39 24.83
CA ASP A 41 35.40 9.48 24.55
C ASP A 41 36.75 9.20 25.17
N PRO A 42 37.82 9.74 24.59
CA PRO A 42 39.13 9.63 25.26
C PRO A 42 39.22 10.46 26.52
N GLU A 43 38.70 11.69 26.50
CA GLU A 43 38.90 12.63 27.60
C GLU A 43 37.84 12.52 28.68
N LEU A 44 37.21 11.36 28.81
CA LEU A 44 36.54 10.95 30.04
C LEU A 44 37.27 9.82 30.75
N GLN A 45 37.95 8.95 29.99
CA GLN A 45 38.76 7.88 30.56
C GLN A 45 40.12 7.86 29.86
N PRO A 46 41.10 8.61 30.36
CA PRO A 46 42.46 8.49 29.79
C PRO A 46 43.18 7.21 30.20
N ALA A 47 42.82 6.62 31.33
CA ALA A 47 43.44 5.36 31.75
C ALA A 47 43.06 4.22 30.81
N MET A 48 41.84 4.25 30.26
CA MET A 48 41.45 3.27 29.27
C MET A 48 42.25 3.44 27.98
N LEU A 49 42.53 4.68 27.61
CA LEU A 49 43.39 4.97 26.46
C LEU A 49 44.80 4.42 26.68
N PHE A 50 45.32 4.58 27.90
CA PHE A 50 46.64 4.04 28.22
C PHE A 50 46.64 2.52 28.18
N ASN A 51 45.59 1.88 28.72
CA ASN A 51 45.51 0.43 28.72
C ASN A 51 45.45 -0.14 27.31
N ILE A 52 44.65 0.48 26.43
CA ILE A 52 44.54 0.01 25.07
C ILE A 52 45.84 0.26 24.29
N CYS A 53 46.53 1.38 24.58
CA CYS A 53 47.80 1.66 23.94
C CYS A 53 48.87 0.63 24.33
N VAL A 54 48.94 0.27 25.61
CA VAL A 54 49.93 -0.71 26.06
C VAL A 54 49.58 -2.11 25.54
N HIS A 55 48.28 -2.43 25.48
CA HIS A 55 47.83 -3.72 24.94
C HIS A 55 48.21 -3.87 23.48
N LEU A 56 47.99 -2.81 22.69
CA LEU A 56 48.35 -2.85 21.28
C LEU A 56 49.85 -2.81 21.07
N GLU A 57 50.59 -2.13 21.95
CA GLU A 57 52.04 -2.13 21.85
C GLU A 57 52.61 -3.51 22.13
N VAL A 58 52.05 -4.24 23.10
CA VAL A 58 52.50 -5.60 23.37
C VAL A 58 52.15 -6.52 22.21
N CYS A 59 50.92 -6.40 21.66
CA CYS A 59 50.51 -7.25 20.55
C CYS A 59 51.33 -6.99 19.29
N TYR A 60 51.82 -5.76 19.09
CA TYR A 60 52.74 -5.51 18.00
C TYR A 60 54.17 -5.91 18.34
N VAL A 61 54.53 -5.96 19.62
CA VAL A 61 55.87 -6.38 20.00
C VAL A 61 56.06 -7.88 19.80
N ILE A 62 55.00 -8.67 20.02
CA ILE A 62 55.05 -10.12 19.80
C ILE A 62 55.33 -10.45 18.33
N SER A 63 54.83 -9.62 17.41
CA SER A 63 55.00 -9.87 15.98
C SER A 63 55.90 -8.83 15.35
N ASP A 64 57.03 -8.54 15.99
CA ASP A 64 57.91 -7.47 15.54
C ASP A 64 58.65 -7.84 14.25
N MET A 65 59.50 -8.87 14.31
CA MET A 65 60.36 -9.20 13.17
C MET A 65 60.35 -10.68 12.85
N ASN A 66 59.33 -11.41 13.26
CA ASN A 66 59.27 -12.84 12.98
C ASN A 66 58.64 -13.07 11.62
N PHE A 67 59.38 -13.72 10.72
CA PHE A 67 58.89 -14.08 9.40
C PHE A 67 58.94 -15.60 9.25
N LEU A 68 58.50 -16.06 8.08
CA LEU A 68 58.60 -17.45 7.69
C LEU A 68 59.38 -17.54 6.39
N ASP A 69 60.02 -18.68 6.17
CA ASP A 69 60.78 -18.89 4.95
C ASP A 69 59.88 -19.56 3.91
N GLU A 70 60.49 -20.08 2.84
CA GLU A 70 59.72 -20.72 1.78
C GLU A 70 59.15 -22.06 2.20
N GLU A 71 59.65 -22.66 3.29
CA GLU A 71 59.13 -23.92 3.79
C GLU A 71 57.95 -23.72 4.74
N GLY A 72 57.99 -22.68 5.56
CA GLY A 72 56.93 -22.43 6.52
C GLY A 72 57.38 -22.52 7.96
N LYS A 73 58.62 -22.15 8.24
CA LYS A 73 59.18 -22.25 9.57
C LYS A 73 59.67 -20.88 10.03
N ALA A 74 59.48 -20.59 11.31
CA ALA A 74 59.63 -19.24 11.83
C ALA A 74 61.09 -18.87 12.03
N TYR A 75 61.54 -17.84 11.33
CA TYR A 75 62.86 -17.28 11.56
C TYR A 75 62.71 -15.81 11.94
N THR A 76 63.59 -15.33 12.80
CA THR A 76 63.62 -13.93 13.20
C THR A 76 64.73 -13.23 12.41
N ALA A 77 64.34 -12.29 11.55
CA ALA A 77 65.32 -11.58 10.75
C ALA A 77 66.01 -10.49 11.56
N LEU A 78 66.83 -9.70 10.87
CA LEU A 78 67.58 -8.61 11.47
C LEU A 78 66.97 -7.28 11.07
N GLU A 79 67.08 -6.30 11.96
CA GLU A 79 66.49 -4.99 11.73
C GLU A 79 67.30 -4.20 10.72
N GLY A 80 66.60 -3.35 9.95
CA GLY A 80 67.23 -2.54 8.93
C GLY A 80 67.73 -3.35 7.76
N GLN A 81 66.86 -4.15 7.16
CA GLN A 81 67.18 -5.06 6.08
C GLN A 81 66.23 -4.82 4.91
N GLY A 82 66.43 -5.59 3.83
CA GLY A 82 65.53 -5.51 2.70
C GLY A 82 64.25 -6.29 2.95
N LYS A 83 63.12 -5.68 2.61
CA LYS A 83 61.81 -6.27 2.87
C LYS A 83 61.47 -7.43 1.93
N GLU A 84 62.13 -7.52 0.78
CA GLU A 84 61.68 -8.43 -0.26
C GLU A 84 62.03 -9.89 0.01
N GLN A 85 62.95 -10.16 0.93
CA GLN A 85 63.20 -11.52 1.36
C GLN A 85 62.35 -11.93 2.56
N ASN A 86 61.51 -11.03 3.04
CA ASN A 86 60.66 -11.25 4.21
C ASN A 86 59.21 -11.00 3.77
N LEU A 87 58.54 -12.07 3.34
CA LEU A 87 57.20 -11.96 2.74
C LEU A 87 56.10 -12.17 3.77
N ARG A 88 56.06 -13.35 4.39
CA ARG A 88 54.96 -13.71 5.26
C ARG A 88 55.33 -13.49 6.71
N PRO A 89 54.65 -12.59 7.42
CA PRO A 89 54.85 -12.50 8.86
C PRO A 89 54.25 -13.70 9.56
N GLN A 90 54.82 -14.02 10.73
CA GLN A 90 54.39 -15.22 11.45
C GLN A 90 53.00 -15.06 12.04
N TYR A 91 52.65 -13.85 12.47
CA TYR A 91 51.40 -13.62 13.18
C TYR A 91 50.48 -12.71 12.37
N GLU A 92 49.19 -12.81 12.69
CA GLU A 92 48.19 -11.85 12.24
C GLU A 92 47.76 -11.03 13.43
N VAL A 93 47.91 -9.72 13.33
CA VAL A 93 47.46 -8.80 14.37
C VAL A 93 46.02 -8.42 14.05
N ILE A 94 45.09 -8.89 14.86
CA ILE A 94 43.68 -8.66 14.63
C ILE A 94 43.14 -7.49 15.46
N GLU A 95 43.55 -7.41 16.73
CA GLU A 95 43.20 -6.25 17.53
C GLU A 95 43.99 -5.03 17.04
N GLY A 96 43.34 -3.87 17.06
CA GLY A 96 43.90 -2.68 16.46
C GLY A 96 43.31 -2.34 15.11
N MET A 97 42.39 -3.14 14.62
CA MET A 97 41.62 -2.91 13.41
C MET A 97 40.15 -2.74 13.77
N PRO A 98 39.36 -2.08 12.93
CA PRO A 98 37.93 -1.89 13.25
C PRO A 98 37.16 -3.20 13.29
N ARG A 99 35.94 -3.12 13.84
CA ARG A 99 35.14 -4.30 14.14
C ARG A 99 34.80 -5.10 12.90
N THR A 100 34.50 -4.42 11.79
CA THR A 100 34.18 -5.12 10.56
C THR A 100 35.44 -5.70 9.91
N ILE A 101 36.55 -4.96 9.96
CA ILE A 101 37.81 -5.47 9.40
C ILE A 101 38.32 -6.63 10.23
N ALA A 102 38.27 -6.51 11.56
CA ALA A 102 38.77 -7.58 12.42
C ALA A 102 37.90 -8.83 12.33
N TRP A 103 36.58 -8.65 12.20
CA TRP A 103 35.72 -9.82 12.06
C TRP A 103 35.90 -10.48 10.70
N MET A 104 36.14 -9.68 9.66
CA MET A 104 36.43 -10.26 8.35
C MET A 104 37.75 -11.03 8.36
N VAL A 105 38.77 -10.48 9.03
CA VAL A 105 40.07 -11.15 9.13
C VAL A 105 39.96 -12.46 9.89
N GLN A 106 39.23 -12.45 11.01
CA GLN A 106 39.09 -13.66 11.81
C GLN A 106 38.28 -14.73 11.09
N ARG A 107 37.18 -14.35 10.42
CA ARG A 107 36.39 -15.34 9.70
C ARG A 107 37.11 -15.86 8.46
N SER A 108 37.95 -15.03 7.82
CA SER A 108 38.74 -15.49 6.69
C SER A 108 39.79 -16.49 7.13
N LEU A 109 40.48 -16.20 8.24
CA LEU A 109 41.49 -17.14 8.75
C LEU A 109 40.87 -18.40 9.32
N ALA A 110 39.63 -18.32 9.81
CA ALA A 110 38.99 -19.51 10.33
C ALA A 110 38.47 -20.41 9.22
N GLN A 111 37.84 -19.81 8.19
CA GLN A 111 37.30 -20.61 7.10
C GLN A 111 38.39 -21.15 6.20
N GLU A 112 39.49 -20.41 6.02
CA GLU A 112 40.55 -20.84 5.12
C GLU A 112 41.30 -22.06 5.66
N HIS A 113 41.62 -22.06 6.95
CA HIS A 113 42.34 -23.16 7.56
C HIS A 113 41.43 -24.26 8.07
N GLY A 114 40.13 -24.22 7.74
CA GLY A 114 39.21 -25.29 8.05
C GLY A 114 38.82 -25.43 9.51
N ILE A 115 39.10 -24.43 10.34
CA ILE A 115 38.88 -24.53 11.76
C ILE A 115 37.65 -23.71 12.13
N GLU A 116 37.22 -23.85 13.38
CA GLU A 116 36.04 -23.13 13.83
C GLU A 116 36.35 -21.68 14.14
N THR A 117 35.38 -20.82 13.86
CA THR A 117 35.51 -19.41 14.24
C THR A 117 35.06 -19.25 15.68
N PRO A 118 35.88 -18.63 16.53
CA PRO A 118 35.49 -18.47 17.94
C PRO A 118 34.39 -17.43 18.09
N LYS A 119 33.73 -17.49 19.24
CA LYS A 119 32.59 -16.61 19.50
C LYS A 119 33.01 -15.19 19.86
N TYR A 120 34.31 -14.94 20.04
CA TYR A 120 34.80 -13.62 20.42
C TYR A 120 35.94 -13.22 19.49
N LEU A 121 36.32 -11.96 19.59
CA LEU A 121 37.36 -11.38 18.74
C LEU A 121 38.71 -11.62 19.40
N ALA A 122 39.48 -12.58 18.89
CA ALA A 122 40.81 -12.83 19.38
C ALA A 122 41.75 -11.72 18.93
N ASP A 123 42.90 -11.61 19.59
CA ASP A 123 43.80 -10.49 19.37
C ASP A 123 44.97 -10.84 18.45
N LEU A 124 45.27 -12.12 18.25
CA LEU A 124 46.33 -12.54 17.34
C LEU A 124 45.94 -13.85 16.69
N PHE A 125 46.61 -14.16 15.59
CA PHE A 125 46.49 -15.47 14.95
C PHE A 125 47.89 -16.00 14.67
N ASP A 126 48.12 -17.27 15.02
CA ASP A 126 49.38 -17.94 14.77
C ASP A 126 49.16 -18.93 13.63
N TYR A 127 49.82 -18.66 12.50
CA TYR A 127 49.74 -19.54 11.33
C TYR A 127 50.47 -20.85 11.58
N LYS A 128 51.59 -20.80 12.32
CA LYS A 128 52.42 -21.97 12.53
C LYS A 128 51.71 -23.00 13.42
N THR A 129 50.98 -22.52 14.41
CA THR A 129 50.14 -23.38 15.23
C THR A 129 48.69 -23.39 14.77
N LYS A 130 48.32 -22.44 13.90
CA LYS A 130 46.94 -22.22 13.42
C LYS A 130 45.96 -22.04 14.58
N ARG A 131 46.33 -21.15 15.50
CA ARG A 131 45.52 -20.93 16.70
C ARG A 131 45.26 -19.45 16.91
N PHE A 132 44.08 -19.14 17.43
CA PHE A 132 43.76 -17.78 17.81
C PHE A 132 44.30 -17.52 19.21
N ILE A 133 45.11 -16.48 19.36
CA ILE A 133 45.75 -16.13 20.62
C ILE A 133 45.07 -14.89 21.18
N GLU A 134 44.86 -14.88 22.49
CA GLU A 134 44.28 -13.76 23.21
C GLU A 134 45.31 -13.23 24.19
N VAL A 135 45.58 -11.93 24.13
CA VAL A 135 46.62 -11.29 24.93
C VAL A 135 45.95 -10.46 26.01
N GLY A 136 46.37 -10.65 27.25
CA GLY A 136 45.90 -9.83 28.35
C GLY A 136 47.07 -9.30 29.14
N ILE A 137 46.96 -8.04 29.55
CA ILE A 137 48.00 -7.38 30.33
C ILE A 137 47.33 -6.93 31.63
N THR A 138 47.41 -7.76 32.67
CA THR A 138 46.78 -7.43 33.94
C THR A 138 47.74 -6.63 34.81
N LYS A 139 47.27 -6.25 36.00
CA LYS A 139 48.06 -5.43 36.92
C LYS A 139 48.43 -6.16 38.19
N GLY A 140 47.89 -7.35 38.43
CA GLY A 140 48.21 -8.08 39.63
C GLY A 140 48.59 -9.53 39.38
N LEU A 141 47.86 -10.44 40.00
CA LEU A 141 48.09 -11.87 39.79
C LEU A 141 47.62 -12.27 38.40
N ALA A 142 48.56 -12.72 37.57
CA ALA A 142 48.22 -13.13 36.21
C ALA A 142 47.41 -14.40 36.18
N ASP A 143 47.50 -15.23 37.22
CA ASP A 143 46.83 -16.52 37.21
C ASP A 143 45.32 -16.40 37.37
N ASP A 144 44.87 -15.43 38.18
CA ASP A 144 43.43 -15.28 38.37
C ASP A 144 42.77 -14.64 37.15
N TYR A 145 43.47 -13.70 36.52
CA TYR A 145 43.07 -13.18 35.21
C TYR A 145 43.00 -14.30 34.18
N PHE A 146 43.98 -15.21 34.22
CA PHE A 146 43.99 -16.38 33.33
C PHE A 146 42.78 -17.27 33.55
N TRP A 147 42.54 -17.69 34.79
CA TRP A 147 41.45 -18.62 35.04
C TRP A 147 40.09 -17.95 35.08
N LYS A 148 40.01 -16.62 34.97
CA LYS A 148 38.75 -15.99 34.63
C LYS A 148 38.57 -15.86 33.12
N LYS A 149 39.66 -15.70 32.36
CA LYS A 149 39.57 -15.77 30.91
C LYS A 149 39.15 -17.16 30.45
N LYS A 150 39.60 -18.20 31.14
CA LYS A 150 39.34 -19.59 30.76
C LYS A 150 37.92 -20.05 31.07
N GLU A 151 37.05 -19.19 31.55
CA GLU A 151 35.65 -19.53 31.78
C GLU A 151 34.73 -18.98 30.72
N LYS A 152 35.09 -17.87 30.08
CA LYS A 152 34.32 -17.34 28.96
C LYS A 152 34.83 -17.86 27.61
N LEU A 153 36.13 -18.13 27.50
CA LEU A 153 36.69 -18.69 26.27
C LEU A 153 36.79 -20.21 26.39
N GLY A 154 37.50 -20.68 27.40
CA GLY A 154 37.54 -22.10 27.71
C GLY A 154 38.60 -22.91 27.00
N ASN A 155 38.40 -23.14 25.71
CA ASN A 155 39.32 -24.00 24.96
C ASN A 155 39.55 -23.55 23.53
N SER A 156 38.90 -22.48 23.08
CA SER A 156 38.98 -22.06 21.68
C SER A 156 40.18 -21.17 21.38
N MET A 157 40.78 -20.57 22.40
CA MET A 157 41.87 -19.64 22.19
C MET A 157 43.04 -19.97 23.10
N GLU A 158 44.25 -19.87 22.55
CA GLU A 158 45.42 -19.80 23.39
C GLU A 158 45.45 -18.48 24.14
N LEU A 159 46.15 -18.45 25.27
CA LEU A 159 46.25 -17.24 26.08
C LEU A 159 47.70 -16.83 26.24
N MET A 160 47.90 -15.52 26.37
CA MET A 160 49.18 -14.92 26.75
C MET A 160 48.86 -13.81 27.74
N ILE A 161 49.01 -14.09 29.04
CA ILE A 161 48.72 -13.12 30.08
C ILE A 161 50.05 -12.63 30.63
N PHE A 162 50.20 -11.31 30.74
CA PHE A 162 51.37 -10.69 31.32
C PHE A 162 50.92 -9.76 32.44
N SER A 163 51.88 -9.26 33.20
CA SER A 163 51.58 -8.32 34.27
C SER A 163 52.81 -7.46 34.52
N TYR A 164 52.59 -6.38 35.27
CA TYR A 164 53.67 -5.44 35.54
C TYR A 164 54.67 -5.95 36.59
N ASN A 165 54.31 -6.98 37.34
CA ASN A 165 55.19 -7.55 38.35
C ASN A 165 55.93 -8.79 37.84
N GLN A 166 56.34 -8.75 36.57
CA GLN A 166 57.24 -9.71 35.92
C GLN A 166 56.68 -11.12 35.85
N ASP A 167 55.36 -11.28 35.94
CA ASP A 167 54.71 -12.58 35.85
C ASP A 167 54.22 -12.81 34.42
N TYR A 168 53.86 -14.07 34.14
CA TYR A 168 53.26 -14.44 32.87
C TYR A 168 52.53 -15.77 33.04
N SER A 169 51.33 -15.85 32.46
CA SER A 169 50.48 -17.04 32.49
C SER A 169 50.09 -17.40 31.07
N LEU A 170 50.50 -18.57 30.62
CA LEU A 170 50.31 -19.00 29.24
C LEU A 170 49.45 -20.25 29.22
N SER A 171 49.03 -20.65 28.02
CA SER A 171 48.19 -21.81 27.84
C SER A 171 49.07 -23.07 27.82
N ASN A 172 48.47 -24.20 27.43
CA ASN A 172 49.20 -25.47 27.39
C ASN A 172 50.28 -25.49 26.32
N GLU A 173 50.17 -24.65 25.29
CA GLU A 173 51.21 -24.48 24.29
C GLU A 173 51.89 -23.13 24.52
N SER A 174 53.18 -23.16 24.83
CA SER A 174 53.99 -21.97 24.98
C SER A 174 54.78 -21.75 23.70
N SER A 175 54.77 -20.51 23.21
CA SER A 175 55.41 -20.20 21.93
C SER A 175 56.46 -19.10 22.01
N LEU A 176 56.28 -18.09 22.83
CA LEU A 176 57.22 -16.97 22.90
C LEU A 176 58.49 -17.39 23.63
N ASP A 177 59.64 -16.99 23.08
CA ASP A 177 60.91 -17.28 23.74
C ASP A 177 61.13 -16.32 24.90
N GLU A 178 62.18 -16.60 25.68
CA GLU A 178 62.43 -15.82 26.89
C GLU A 178 63.07 -14.47 26.60
N GLU A 179 63.68 -14.29 25.42
CA GLU A 179 64.17 -12.96 25.06
C GLU A 179 63.01 -12.03 24.71
N GLY A 180 62.04 -12.52 23.95
CA GLY A 180 60.86 -11.71 23.65
C GLY A 180 60.00 -11.48 24.87
N LYS A 181 59.86 -12.49 25.73
CA LYS A 181 59.15 -12.34 26.98
C LYS A 181 59.87 -11.37 27.92
N GLY A 182 61.20 -11.37 27.87
CA GLY A 182 61.96 -10.39 28.63
C GLY A 182 61.77 -8.98 28.10
N ARG A 183 61.66 -8.82 26.78
CA ARG A 183 61.40 -7.51 26.21
C ARG A 183 60.01 -7.01 26.57
N VAL A 184 59.02 -7.92 26.57
CA VAL A 184 57.65 -7.57 26.97
C VAL A 184 57.61 -7.12 28.43
N LEU A 185 58.18 -7.93 29.32
CA LEU A 185 58.15 -7.59 30.74
C LEU A 185 59.02 -6.39 31.06
N SER A 186 60.06 -6.14 30.26
CA SER A 186 60.88 -4.95 30.45
C SER A 186 60.13 -3.70 30.04
N ARG A 187 59.35 -3.78 28.95
CA ARG A 187 58.52 -2.64 28.56
C ARG A 187 57.42 -2.38 29.60
N LEU A 188 56.87 -3.45 30.17
CA LEU A 188 55.86 -3.30 31.22
C LEU A 188 56.44 -2.66 32.47
N THR A 189 57.64 -3.07 32.88
CA THR A 189 58.26 -2.47 34.06
C THR A 189 58.74 -1.05 33.78
N GLU A 190 59.14 -0.75 32.55
CA GLU A 190 59.51 0.61 32.17
C GLU A 190 58.31 1.56 32.24
N LEU A 191 57.16 1.11 31.73
CA LEU A 191 55.94 1.92 31.84
C LEU A 191 55.45 1.99 33.28
N GLN A 192 55.70 0.95 34.08
CA GLN A 192 55.41 0.99 35.51
C GLN A 192 56.22 2.07 36.21
N ALA A 193 57.52 2.10 35.93
CA ALA A 193 58.42 3.07 36.56
C ALA A 193 58.10 4.49 36.13
N GLU A 194 57.71 4.68 34.86
CA GLU A 194 57.41 6.03 34.43
C GLU A 194 55.97 6.44 34.72
N LEU A 195 55.10 5.52 35.11
CA LEU A 195 53.80 5.92 35.65
C LEU A 195 53.90 6.25 37.13
N SER A 196 54.72 5.52 37.88
CA SER A 196 54.89 5.86 39.28
C SER A 196 55.84 7.04 39.50
N LEU A 197 56.69 7.35 38.52
CA LEU A 197 57.62 8.47 38.66
C LEU A 197 56.90 9.80 38.60
N LYS A 198 56.04 9.98 37.59
CA LYS A 198 55.25 11.19 37.45
C LYS A 198 53.93 11.14 38.22
N ASN A 199 53.83 10.24 39.21
CA ASN A 199 52.69 10.14 40.14
C ASN A 199 51.37 9.87 39.42
N LEU A 200 51.43 9.08 38.36
CA LEU A 200 50.27 8.81 37.52
C LEU A 200 49.64 7.45 37.77
N TRP A 201 50.19 6.65 38.69
CA TRP A 201 49.62 5.31 38.91
C TRP A 201 48.34 5.38 39.71
N GLN A 202 48.23 6.32 40.66
CA GLN A 202 46.98 6.55 41.37
C GLN A 202 45.92 7.17 40.46
N VAL A 203 46.34 7.85 39.40
CA VAL A 203 45.41 8.30 38.37
C VAL A 203 44.88 7.10 37.59
N LEU A 204 45.71 6.07 37.42
CA LEU A 204 45.32 4.87 36.68
C LEU A 204 44.39 3.98 37.50
N ILE A 205 44.69 3.81 38.80
CA ILE A 205 44.04 2.78 39.59
C ILE A 205 42.61 3.16 39.95
N GLY A 206 42.39 4.42 40.32
CA GLY A 206 41.10 4.91 40.82
C GLY A 206 39.90 4.73 39.91
N GLU A 207 38.86 4.09 40.44
CA GLU A 207 37.66 3.73 39.69
C GLU A 207 36.87 4.98 39.37
N GLU A 208 37.03 5.50 38.14
CA GLU A 208 36.34 6.69 37.70
C GLU A 208 35.10 6.26 36.93
N ASP A 209 34.08 5.85 37.68
CA ASP A 209 32.81 5.47 37.09
C ASP A 209 32.07 6.71 36.62
N VAL A 210 31.55 6.66 35.40
CA VAL A 210 30.74 7.76 34.87
C VAL A 210 29.65 7.19 33.98
N GLU A 211 28.39 7.43 34.35
CA GLU A 211 27.25 7.02 33.55
C GLU A 211 26.95 8.11 32.53
N LYS A 212 27.00 7.76 31.25
CA LYS A 212 26.90 8.73 30.17
C LYS A 212 25.77 8.37 29.23
N GLY A 213 25.28 9.39 28.53
CA GLY A 213 24.28 9.22 27.50
C GLY A 213 24.59 10.05 26.27
N ILE A 214 23.58 10.28 25.44
CA ILE A 214 23.75 11.05 24.22
C ILE A 214 23.87 12.53 24.57
N ASP A 215 24.77 13.22 23.88
CA ASP A 215 24.97 14.65 24.07
C ASP A 215 24.43 15.39 22.85
N PHE A 216 23.36 16.17 23.06
CA PHE A 216 22.74 16.94 21.99
C PHE A 216 22.56 18.37 22.49
N LYS A 217 23.55 19.21 22.22
CA LYS A 217 23.56 20.59 22.70
C LYS A 217 23.05 21.49 21.58
N LEU A 218 22.02 22.29 21.88
CA LEU A 218 21.55 23.28 20.92
C LEU A 218 22.57 24.40 20.79
N GLY A 219 22.60 25.00 19.61
CA GLY A 219 23.54 26.07 19.32
C GLY A 219 23.05 27.41 19.81
N GLN A 220 23.44 28.46 19.10
CA GLN A 220 23.08 29.82 19.48
C GLN A 220 21.92 30.38 18.67
N THR A 221 21.80 29.99 17.40
CA THR A 221 20.73 30.48 16.53
C THR A 221 19.47 29.65 16.63
N ILE A 222 19.59 28.34 16.84
CA ILE A 222 18.39 27.51 16.95
C ILE A 222 17.66 27.78 18.26
N SER A 223 18.39 28.18 19.31
CA SER A 223 17.72 28.58 20.55
C SER A 223 16.96 29.90 20.36
N ARG A 224 17.51 30.82 19.57
CA ARG A 224 16.82 32.07 19.28
C ARG A 224 15.60 31.82 18.38
N LEU A 225 15.72 30.89 17.44
CA LEU A 225 14.58 30.52 16.61
C LEU A 225 13.52 29.78 17.41
N ARG A 226 13.91 29.10 18.47
CA ARG A 226 12.94 28.45 19.34
C ARG A 226 12.28 29.45 20.28
N ASP A 227 12.95 30.54 20.62
CA ASP A 227 12.35 31.52 21.51
C ASP A 227 11.31 32.40 20.81
N ILE A 228 11.47 32.65 19.51
CA ILE A 228 10.50 33.45 18.77
C ILE A 228 9.41 32.60 18.16
N SER A 229 9.40 31.30 18.44
CA SER A 229 8.42 30.37 17.91
C SER A 229 7.58 29.76 19.02
N VAL A 230 7.17 30.58 19.98
CA VAL A 230 6.30 30.15 21.07
C VAL A 230 4.97 30.87 20.89
N PRO A 231 3.84 30.34 21.40
CA PRO A 231 2.56 31.01 21.23
C PRO A 231 2.42 32.35 21.94
N ALA A 232 1.27 33.01 21.74
CA ALA A 232 1.05 34.30 22.35
C ALA A 232 0.82 34.16 23.85
N GLY A 233 1.30 35.14 24.61
CA GLY A 233 1.31 35.04 26.04
C GLY A 233 2.55 34.38 26.62
N PHE A 234 3.63 34.26 25.86
CA PHE A 234 4.86 33.64 26.33
C PHE A 234 6.04 34.50 25.91
N SER A 235 7.15 34.37 26.66
CA SER A 235 8.32 35.21 26.45
C SER A 235 9.45 34.44 25.77
N ASN A 236 9.88 33.33 26.34
CA ASN A 236 10.91 32.49 25.75
C ASN A 236 10.46 31.05 25.88
N PHE A 237 11.37 30.12 25.61
CA PHE A 237 10.97 28.72 25.55
C PHE A 237 11.02 28.02 26.90
N GLU A 238 11.86 28.50 27.84
CA GLU A 238 11.88 27.90 29.18
C GLU A 238 10.55 28.14 29.89
N GLY A 239 9.95 29.32 29.68
CA GLY A 239 8.67 29.59 30.29
C GLY A 239 7.55 28.75 29.71
N MET A 240 7.59 28.54 28.39
CA MET A 240 6.58 27.69 27.73
C MET A 240 6.74 26.24 28.16
N ARG A 241 7.98 25.76 28.26
CA ARG A 241 8.24 24.39 28.69
C ARG A 241 7.80 24.17 30.13
N SER A 242 8.06 25.14 31.01
CA SER A 242 7.62 25.00 32.40
C SER A 242 6.11 25.10 32.52
N TYR A 243 5.46 25.92 31.68
CA TYR A 243 4.01 26.00 31.68
C TYR A 243 3.38 24.68 31.23
N ILE A 244 3.98 24.03 30.24
CA ILE A 244 3.42 22.77 29.77
C ILE A 244 3.66 21.67 30.79
N ASP A 245 4.85 21.63 31.40
CA ASP A 245 5.17 20.58 32.34
C ASP A 245 4.48 20.74 33.70
N ASN A 246 4.10 21.95 34.09
CA ASN A 246 3.69 22.18 35.47
C ASN A 246 2.20 22.38 35.68
N ILE A 247 1.52 23.14 34.84
CA ILE A 247 0.14 23.54 35.16
C ILE A 247 -0.83 22.41 34.85
N ASP A 248 -2.06 22.55 35.34
CA ASP A 248 -3.13 21.58 35.11
C ASP A 248 -4.24 22.26 34.31
N PRO A 249 -4.39 21.94 33.03
CA PRO A 249 -5.29 22.71 32.17
C PRO A 249 -6.73 22.22 32.17
N LYS A 250 -7.12 21.46 33.18
CA LYS A 250 -8.46 20.89 33.23
C LYS A 250 -9.53 21.97 33.35
N GLY A 251 -10.65 21.75 32.68
CA GLY A 251 -11.75 22.69 32.69
C GLY A 251 -11.61 23.86 31.73
N ALA A 252 -10.66 23.80 30.79
CA ALA A 252 -10.39 24.93 29.92
C ALA A 252 -11.15 24.88 28.60
N ILE A 253 -11.58 23.70 28.16
CA ILE A 253 -12.35 23.61 26.92
C ILE A 253 -13.75 24.15 27.13
N GLU A 254 -14.38 23.80 28.26
CA GLU A 254 -15.68 24.36 28.60
C GLU A 254 -15.58 25.84 28.96
N ARG A 255 -14.41 26.27 29.44
CA ARG A 255 -14.17 27.68 29.68
C ARG A 255 -14.10 28.46 28.37
N ASN A 256 -13.33 27.95 27.40
CA ASN A 256 -13.16 28.58 26.10
C ASN A 256 -14.31 28.32 25.15
N LEU A 257 -15.35 27.61 25.59
CA LEU A 257 -16.58 27.45 24.84
C LEU A 257 -17.70 28.34 25.34
N ALA A 258 -17.49 29.05 26.44
CA ALA A 258 -18.46 30.01 26.93
C ALA A 258 -18.13 31.43 26.54
N ARG A 259 -16.87 31.73 26.21
CA ARG A 259 -16.51 33.04 25.70
C ARG A 259 -16.40 33.04 24.18
N MET A 260 -16.78 31.95 23.52
CA MET A 260 -16.91 31.89 22.08
C MET A 260 -18.30 32.34 21.68
N SER A 261 -18.37 33.12 20.60
CA SER A 261 -19.62 33.71 20.15
C SER A 261 -20.60 32.63 19.67
N PRO A 262 -21.91 32.85 19.82
CA PRO A 262 -22.89 31.91 19.27
C PRO A 262 -23.03 31.96 17.76
N LEU A 263 -22.29 32.81 17.07
CA LEU A 263 -22.29 32.84 15.62
C LEU A 263 -21.31 31.85 15.00
N VAL A 264 -20.52 31.16 15.83
CA VAL A 264 -19.68 30.07 15.35
C VAL A 264 -20.40 28.76 15.65
N SER A 265 -21.24 28.31 14.73
CA SER A 265 -21.98 27.08 14.90
C SER A 265 -21.94 26.30 13.60
N VAL A 266 -22.51 25.09 13.62
CA VAL A 266 -22.51 24.23 12.45
C VAL A 266 -23.80 24.38 11.64
N THR A 267 -24.84 25.02 12.18
CA THR A 267 -26.16 25.28 11.60
C THR A 267 -26.77 24.08 10.89
N PRO A 268 -27.18 23.04 11.62
CA PRO A 268 -27.73 21.87 10.96
C PRO A 268 -29.13 22.12 10.43
N LYS A 269 -29.43 21.49 9.31
CA LYS A 269 -30.69 21.67 8.62
C LYS A 269 -31.21 20.32 8.16
N LYS A 270 -32.46 20.00 8.52
CA LYS A 270 -33.03 18.71 8.16
C LYS A 270 -33.38 18.69 6.69
N LEU A 271 -32.81 17.73 5.96
CA LEU A 271 -32.98 17.67 4.51
C LEU A 271 -34.32 17.02 4.17
N THR A 272 -35.15 17.73 3.42
CA THR A 272 -36.39 17.21 2.89
C THR A 272 -36.28 17.08 1.38
N TRP A 273 -37.33 16.54 0.76
CA TRP A 273 -37.31 16.32 -0.67
C TRP A 273 -37.45 17.63 -1.44
N GLU A 274 -38.29 18.54 -0.95
CA GLU A 274 -38.47 19.82 -1.61
C GLU A 274 -37.28 20.76 -1.42
N ASP A 275 -36.35 20.41 -0.55
CA ASP A 275 -35.14 21.21 -0.36
C ASP A 275 -34.16 21.05 -1.50
N LEU A 276 -34.28 19.98 -2.28
CA LEU A 276 -33.36 19.68 -3.37
C LEU A 276 -33.84 20.39 -4.64
N ARG A 277 -33.11 21.41 -5.05
CA ARG A 277 -33.33 22.17 -6.26
C ARG A 277 -32.59 21.53 -7.42
N PRO A 278 -32.96 21.83 -8.67
CA PRO A 278 -32.20 21.31 -9.81
C PRO A 278 -30.81 21.92 -9.88
N ILE A 279 -29.81 21.06 -10.06
CA ILE A 279 -28.44 21.50 -10.20
C ILE A 279 -28.25 22.12 -11.58
N GLY A 280 -27.50 23.22 -11.64
CA GLY A 280 -27.11 23.84 -12.89
C GLY A 280 -28.25 24.49 -13.64
N PRO A 281 -28.77 25.62 -13.15
CA PRO A 281 -29.94 26.22 -13.80
C PRO A 281 -29.62 26.91 -15.11
N HIS A 282 -28.41 27.44 -15.28
CA HIS A 282 -28.04 28.20 -16.48
C HIS A 282 -28.03 27.38 -17.75
N ILE A 283 -28.04 26.05 -17.67
CA ILE A 283 -28.14 25.22 -18.85
C ILE A 283 -29.55 25.20 -19.43
N TYR A 284 -30.53 25.75 -18.73
CA TYR A 284 -31.87 25.88 -19.30
C TYR A 284 -32.08 27.23 -19.97
N ASN A 285 -31.16 28.18 -19.76
CA ASN A 285 -31.27 29.51 -20.32
C ASN A 285 -31.04 29.48 -21.82
N HIS A 286 -32.01 29.98 -22.59
CA HIS A 286 -31.94 29.97 -24.04
C HIS A 286 -31.09 31.08 -24.63
N GLU A 287 -30.56 31.97 -23.80
CA GLU A 287 -29.69 33.03 -24.30
C GLU A 287 -28.21 32.64 -24.23
N LEU A 288 -27.91 31.37 -24.04
CA LEU A 288 -26.59 30.79 -24.12
C LEU A 288 -26.52 29.85 -25.31
N PRO A 289 -25.38 29.76 -25.99
CA PRO A 289 -25.29 28.87 -27.14
C PRO A 289 -25.34 27.41 -26.75
N GLU A 290 -25.86 26.59 -27.67
CA GLU A 290 -25.86 25.15 -27.49
C GLU A 290 -24.43 24.64 -27.51
N VAL A 291 -24.17 23.59 -26.74
CA VAL A 291 -22.81 23.12 -26.55
C VAL A 291 -22.34 22.43 -27.83
N PRO A 292 -21.24 22.90 -28.43
CA PRO A 292 -20.81 22.35 -29.70
C PRO A 292 -20.13 20.99 -29.55
N TYR A 293 -20.14 20.25 -30.65
CA TYR A 293 -19.44 18.96 -30.69
C TYR A 293 -17.95 19.22 -30.70
N ASN A 294 -17.25 18.76 -29.65
CA ASN A 294 -15.82 18.96 -29.54
C ASN A 294 -15.10 17.66 -29.21
N ALA A 295 -15.55 16.55 -29.77
CA ALA A 295 -14.83 15.31 -29.60
C ALA A 295 -13.67 15.26 -30.60
N PHE A 296 -12.87 14.21 -30.52
CA PHE A 296 -11.75 14.07 -31.46
C PHE A 296 -12.24 13.61 -32.82
N LEU A 297 -12.93 12.46 -32.86
CA LEU A 297 -13.44 11.89 -34.09
C LEU A 297 -14.96 11.83 -34.01
N LEU A 298 -15.59 11.63 -35.17
CA LEU A 298 -17.03 11.44 -35.19
C LEU A 298 -17.39 10.08 -34.59
N MET A 299 -18.47 10.03 -33.82
CA MET A 299 -18.83 8.81 -33.13
C MET A 299 -20.11 8.19 -33.67
N SER A 300 -21.23 8.90 -33.64
CA SER A 300 -22.46 8.32 -34.14
C SER A 300 -22.78 8.74 -35.57
N ASP A 301 -22.19 9.82 -36.06
CA ASP A 301 -22.34 10.26 -37.44
C ASP A 301 -21.22 9.74 -38.32
N GLU A 302 -20.61 8.62 -37.96
CA GLU A 302 -19.53 8.08 -38.75
C GLU A 302 -20.08 7.41 -40.02
N LEU A 303 -19.21 7.31 -41.02
CA LEU A 303 -19.49 6.54 -42.22
C LEU A 303 -18.26 5.72 -42.56
N GLY A 304 -18.42 4.40 -42.62
CA GLY A 304 -17.33 3.52 -42.94
C GLY A 304 -17.44 3.03 -44.37
N LEU A 305 -16.46 3.40 -45.19
CA LEU A 305 -16.33 2.79 -46.51
C LEU A 305 -15.80 1.38 -46.33
N ALA A 306 -16.60 0.39 -46.73
CA ALA A 306 -16.21 -1.00 -46.53
C ALA A 306 -15.33 -1.48 -47.67
N ASN A 307 -14.51 -2.47 -47.36
CA ASN A 307 -13.76 -3.19 -48.39
C ASN A 307 -13.54 -4.60 -47.88
N MET A 308 -14.13 -5.59 -48.54
CA MET A 308 -14.04 -6.97 -48.08
C MET A 308 -12.67 -7.50 -48.45
N THR A 309 -11.74 -7.45 -47.50
CA THR A 309 -10.37 -7.86 -47.78
C THR A 309 -10.26 -9.38 -47.74
N GLU A 310 -9.07 -9.88 -48.11
CA GLU A 310 -8.90 -11.32 -48.28
C GLU A 310 -7.85 -11.87 -47.32
N GLY A 311 -7.92 -11.48 -46.05
CA GLY A 311 -7.05 -12.03 -45.03
C GLY A 311 -5.62 -11.58 -45.17
N LYS A 312 -5.40 -10.27 -45.09
CA LYS A 312 -4.06 -9.73 -45.26
C LYS A 312 -4.02 -8.38 -44.56
N SER A 313 -3.35 -8.32 -43.41
CA SER A 313 -3.10 -7.05 -42.73
C SER A 313 -1.82 -6.42 -43.29
N LYS A 314 -1.94 -5.96 -44.53
CA LYS A 314 -0.76 -5.65 -45.34
C LYS A 314 -0.11 -4.33 -44.92
N LYS A 315 -0.84 -3.22 -45.06
CA LYS A 315 -0.34 -1.90 -44.72
C LYS A 315 -1.53 -0.97 -44.65
N PRO A 316 -1.50 0.06 -43.80
CA PRO A 316 -2.63 1.00 -43.78
C PRO A 316 -2.70 1.89 -45.01
N LYS A 317 -1.56 2.22 -45.61
CA LYS A 317 -1.58 3.01 -46.84
C LYS A 317 -2.14 2.21 -48.00
N THR A 318 -1.75 0.93 -48.11
CA THR A 318 -2.33 0.06 -49.13
C THR A 318 -3.80 -0.22 -48.86
N LEU A 319 -4.19 -0.29 -47.58
CA LEU A 319 -5.59 -0.48 -47.23
C LEU A 319 -6.43 0.72 -47.64
N ALA A 320 -5.94 1.93 -47.38
CA ALA A 320 -6.66 3.13 -47.79
C ALA A 320 -6.69 3.25 -49.30
N LYS A 321 -5.61 2.84 -49.98
CA LYS A 321 -5.58 2.88 -51.44
C LYS A 321 -6.59 1.93 -52.06
N GLU A 322 -6.69 0.71 -51.54
CA GLU A 322 -7.64 -0.25 -52.09
C GLU A 322 -9.08 0.14 -51.75
N CYS A 323 -9.31 0.66 -50.54
CA CYS A 323 -10.66 1.05 -50.17
C CYS A 323 -11.11 2.30 -50.91
N LEU A 324 -10.18 3.15 -51.33
CA LEU A 324 -10.54 4.27 -52.18
C LEU A 324 -10.66 3.86 -53.64
N GLU A 325 -9.93 2.82 -54.06
CA GLU A 325 -10.09 2.29 -55.41
C GLU A 325 -11.46 1.63 -55.58
N LYS A 326 -12.00 1.05 -54.50
CA LYS A 326 -13.35 0.51 -54.58
C LYS A 326 -14.39 1.62 -54.72
N TYR A 327 -14.23 2.71 -53.97
CA TYR A 327 -15.11 3.88 -54.12
C TYR A 327 -14.39 4.93 -54.97
N SER A 328 -14.35 4.66 -56.27
CA SER A 328 -13.55 5.46 -57.18
C SER A 328 -14.17 6.82 -57.47
N THR A 329 -15.46 7.00 -57.21
CA THR A 329 -16.10 8.27 -57.49
C THR A 329 -15.82 9.30 -56.40
N LEU A 330 -15.77 8.86 -55.14
CA LEU A 330 -15.41 9.76 -54.06
C LEU A 330 -13.93 10.11 -54.10
N ARG A 331 -13.12 9.25 -54.70
CA ARG A 331 -11.69 9.55 -54.86
C ARG A 331 -11.45 10.53 -56.00
N ASP A 332 -12.27 10.47 -57.04
CA ASP A 332 -12.08 11.28 -58.23
C ASP A 332 -12.96 12.53 -58.24
N GLN A 333 -13.20 13.12 -57.08
CA GLN A 333 -13.85 14.41 -56.98
C GLN A 333 -12.79 15.51 -56.94
N THR A 334 -12.89 16.48 -57.84
CA THR A 334 -11.96 17.59 -57.88
C THR A 334 -12.65 18.94 -57.76
N ASP A 335 -13.95 18.95 -57.44
CA ASP A 335 -14.71 20.19 -57.31
C ASP A 335 -15.36 20.24 -55.94
N PRO A 336 -15.05 21.21 -55.10
CA PRO A 336 -15.68 21.27 -53.77
C PRO A 336 -17.06 21.88 -53.84
N ILE A 337 -17.98 21.31 -53.07
CA ILE A 337 -19.32 21.84 -52.92
C ILE A 337 -19.47 22.19 -51.44
N LEU A 338 -19.20 23.46 -51.10
CA LEU A 338 -19.10 23.89 -49.72
C LEU A 338 -20.48 23.96 -49.07
N ILE A 339 -20.69 23.17 -48.03
CA ILE A 339 -21.95 23.11 -47.32
C ILE A 339 -21.91 23.96 -46.04
N MET A 340 -20.84 23.85 -45.28
CA MET A 340 -20.66 24.58 -44.04
C MET A 340 -19.21 25.07 -43.98
N LYS A 341 -18.99 26.13 -43.22
CA LYS A 341 -17.64 26.64 -43.00
C LYS A 341 -17.52 27.13 -41.58
N SER A 342 -16.41 26.80 -40.93
CA SER A 342 -16.11 27.33 -39.61
C SER A 342 -15.73 28.81 -39.71
N GLU A 343 -15.57 29.45 -38.56
CA GLU A 343 -15.37 30.90 -38.57
C GLU A 343 -13.95 31.27 -38.98
N LYS A 344 -12.96 30.87 -38.19
CA LYS A 344 -11.58 31.20 -38.54
C LYS A 344 -10.92 30.10 -39.35
N ALA A 345 -11.60 29.65 -40.39
CA ALA A 345 -11.17 28.52 -41.20
C ALA A 345 -10.74 29.02 -42.57
N ASN A 346 -10.46 28.07 -43.45
CA ASN A 346 -10.08 28.38 -44.83
C ASN A 346 -10.51 27.18 -45.67
N GLU A 347 -11.59 27.32 -46.43
CA GLU A 347 -12.15 26.18 -47.13
C GLU A 347 -11.26 25.75 -48.29
N ASN A 348 -10.53 26.69 -48.87
CA ASN A 348 -9.70 26.37 -50.03
C ASN A 348 -8.48 25.57 -49.63
N PHE A 349 -7.83 25.96 -48.53
CA PHE A 349 -6.67 25.24 -48.05
C PHE A 349 -7.04 23.86 -47.53
N LEU A 350 -8.20 23.72 -46.92
CA LEU A 350 -8.63 22.41 -46.43
C LEU A 350 -9.00 21.48 -47.59
N TRP A 351 -9.59 22.03 -48.66
CA TRP A 351 -9.87 21.19 -49.81
C TRP A 351 -8.60 20.80 -50.55
N LYS A 352 -7.63 21.71 -50.64
CA LYS A 352 -6.37 21.36 -51.28
C LYS A 352 -5.58 20.37 -50.44
N LEU A 353 -5.72 20.40 -49.11
CA LEU A 353 -5.06 19.39 -48.28
C LEU A 353 -5.77 18.04 -48.38
N TRP A 354 -7.09 18.02 -48.55
CA TRP A 354 -7.77 16.75 -48.77
C TRP A 354 -7.38 16.13 -50.11
N ARG A 355 -7.25 16.97 -51.15
CA ARG A 355 -6.77 16.44 -52.43
C ARG A 355 -5.31 16.01 -52.36
N ASP A 356 -4.50 16.67 -51.53
CA ASP A 356 -3.13 16.21 -51.33
C ASP A 356 -3.08 14.87 -50.61
N CYS A 357 -3.98 14.66 -49.65
CA CYS A 357 -4.05 13.36 -48.96
C CYS A 357 -4.52 12.25 -49.89
N VAL A 358 -5.47 12.56 -50.78
CA VAL A 358 -5.93 11.56 -51.72
C VAL A 358 -4.85 11.23 -52.75
N ASN A 359 -4.15 12.24 -53.26
CA ASN A 359 -3.07 11.99 -54.21
C ASN A 359 -1.84 11.37 -53.56
N THR A 360 -1.67 11.51 -52.25
CA THR A 360 -0.55 10.87 -51.58
C THR A 360 -0.86 9.44 -51.19
N ILE A 361 -2.12 9.13 -50.85
CA ILE A 361 -2.43 7.79 -50.40
C ILE A 361 -2.61 6.81 -51.56
N SER A 362 -2.78 7.31 -52.78
CA SER A 362 -3.06 6.47 -53.94
C SER A 362 -1.93 6.45 -54.96
N ASN A 363 -0.68 6.65 -54.54
CA ASN A 363 0.42 6.64 -55.48
C ASN A 363 1.13 5.30 -55.43
N GLU A 364 2.16 5.16 -56.28
CA GLU A 364 2.99 3.96 -56.31
C GLU A 364 4.01 3.92 -55.20
N GLU A 365 4.18 5.01 -54.46
CA GLU A 365 5.24 5.12 -53.47
C GLU A 365 4.96 4.25 -52.25
N MET A 366 5.88 4.26 -51.30
CA MET A 366 5.76 3.49 -50.07
C MET A 366 5.67 4.39 -48.84
N SER A 367 5.65 5.70 -49.03
CA SER A 367 5.66 6.66 -47.93
C SER A 367 4.39 7.49 -47.97
N ASN A 368 3.81 7.74 -46.79
CA ASN A 368 2.63 8.59 -46.67
C ASN A 368 2.97 9.96 -46.12
N GLU A 369 4.09 10.53 -46.56
CA GLU A 369 4.50 11.85 -46.12
C GLU A 369 3.95 12.92 -47.04
N LEU A 370 3.62 14.07 -46.47
CA LEU A 370 3.24 15.25 -47.24
C LEU A 370 4.40 16.23 -47.31
N GLN A 371 4.28 17.16 -48.25
CA GLN A 371 5.25 18.24 -48.35
C GLN A 371 4.76 19.46 -47.57
N LYS A 372 5.66 20.41 -47.36
CA LYS A 372 5.36 21.60 -46.58
C LYS A 372 4.91 22.71 -47.54
N THR A 373 3.67 22.60 -47.98
CA THR A 373 3.08 23.57 -48.90
C THR A 373 2.53 24.75 -48.09
N ASN A 374 1.79 25.65 -48.74
CA ASN A 374 1.17 26.73 -47.99
C ASN A 374 0.00 26.23 -47.16
N TYR A 375 -0.83 25.36 -47.75
CA TYR A 375 -2.01 24.86 -47.05
C TYR A 375 -1.64 23.90 -45.93
N ALA A 376 -0.54 23.16 -46.09
CA ALA A 376 -0.08 22.28 -45.02
C ALA A 376 0.45 23.09 -43.84
N LYS A 377 1.23 24.14 -44.11
CA LYS A 377 1.73 25.01 -43.06
C LYS A 377 0.63 25.83 -42.41
N TRP A 378 -0.48 26.09 -43.10
CA TRP A 378 -1.59 26.75 -42.43
C TRP A 378 -2.35 25.77 -41.54
N ALA A 379 -2.68 24.59 -42.07
CA ALA A 379 -3.56 23.69 -41.33
C ALA A 379 -2.86 23.00 -40.18
N THR A 380 -1.55 22.74 -40.30
CA THR A 380 -0.83 22.22 -39.15
C THR A 380 -0.48 23.35 -38.19
N GLY A 381 -0.03 24.48 -38.72
CA GLY A 381 0.28 25.61 -37.88
C GLY A 381 1.76 25.68 -37.65
N ASP A 382 2.45 26.51 -38.43
CA ASP A 382 3.89 26.60 -38.41
C ASP A 382 4.28 28.03 -38.09
N GLY A 383 5.24 28.19 -37.20
CA GLY A 383 5.69 29.53 -36.85
C GLY A 383 4.71 30.33 -36.05
N LEU A 384 3.77 29.65 -35.37
CA LEU A 384 2.82 30.34 -34.51
C LEU A 384 3.30 30.42 -33.08
N THR A 385 4.46 29.85 -32.76
CA THR A 385 5.03 30.02 -31.44
C THR A 385 5.55 31.45 -31.28
N TYR A 386 5.45 31.95 -30.06
CA TYR A 386 5.96 33.29 -29.77
C TYR A 386 7.47 33.23 -29.61
N GLN A 387 8.14 34.27 -30.09
CA GLN A 387 9.59 34.33 -29.91
C GLN A 387 9.90 34.71 -28.48
N LYS A 388 10.91 34.07 -27.91
CA LYS A 388 11.33 34.32 -26.53
C LYS A 388 12.52 35.26 -26.55
N ILE A 389 12.37 36.40 -25.87
CA ILE A 389 13.43 37.41 -25.79
C ILE A 389 13.91 37.49 -24.35
N MET A 390 14.91 38.32 -24.10
CA MET A 390 15.45 38.41 -22.75
C MET A 390 14.58 39.30 -21.89
N LYS A 391 14.80 39.22 -20.57
CA LYS A 391 13.87 39.82 -19.63
C LYS A 391 14.02 41.32 -19.50
N GLU A 392 15.20 41.87 -19.79
CA GLU A 392 15.40 43.31 -19.66
C GLU A 392 14.64 44.07 -20.75
N VAL A 393 14.67 43.55 -21.97
CA VAL A 393 13.97 44.17 -23.09
C VAL A 393 12.46 44.11 -22.88
N ALA A 394 11.97 43.07 -22.22
CA ALA A 394 10.54 43.00 -21.92
C ALA A 394 10.16 43.83 -20.71
N ILE A 395 11.11 44.04 -19.79
CA ILE A 395 10.86 44.90 -18.65
C ILE A 395 10.73 46.35 -19.12
N ASP A 396 11.56 46.75 -20.09
CA ASP A 396 11.45 48.10 -20.64
C ASP A 396 10.20 48.26 -21.50
N ASP A 397 9.78 47.20 -22.20
CA ASP A 397 8.69 47.28 -23.15
C ASP A 397 7.36 47.38 -22.42
N GLU A 398 6.71 48.53 -22.50
CA GLU A 398 5.44 48.75 -21.83
C GLU A 398 4.27 48.12 -22.56
N THR A 399 4.50 47.53 -23.74
CA THR A 399 3.44 46.86 -24.49
C THR A 399 3.26 45.41 -24.09
N MET A 400 4.30 44.77 -23.55
CA MET A 400 4.27 43.35 -23.22
C MET A 400 3.55 43.17 -21.88
N CYS A 401 2.22 43.13 -21.95
CA CYS A 401 1.42 42.81 -20.77
C CYS A 401 1.42 41.30 -20.56
N GLN A 402 0.70 40.87 -19.54
CA GLN A 402 0.45 39.46 -19.30
C GLN A 402 -1.02 39.18 -19.60
N GLU A 403 -1.27 38.30 -20.56
CA GLU A 403 -2.62 38.11 -21.08
C GLU A 403 -3.49 37.37 -20.08
N GLU A 404 -4.78 37.72 -20.08
CA GLU A 404 -5.74 37.06 -19.22
C GLU A 404 -5.98 35.65 -19.71
N PRO A 405 -6.30 34.71 -18.82
CA PRO A 405 -6.68 33.38 -19.27
C PRO A 405 -8.09 33.40 -19.84
N LYS A 406 -8.33 32.51 -20.78
CA LYS A 406 -9.66 32.34 -21.35
C LYS A 406 -10.42 31.33 -20.49
N ILE A 407 -11.40 31.82 -19.73
CA ILE A 407 -12.30 30.93 -19.00
C ILE A 407 -13.14 30.15 -20.02
N PRO A 408 -13.46 28.88 -19.77
CA PRO A 408 -14.35 28.16 -20.69
C PRO A 408 -15.72 28.77 -20.76
N ASN A 409 -16.27 28.83 -21.98
CA ASN A 409 -17.55 29.46 -22.23
C ASN A 409 -18.67 28.68 -21.56
N LYS A 410 -19.77 29.38 -21.26
CA LYS A 410 -20.95 28.75 -20.69
C LYS A 410 -21.94 28.37 -21.79
N CYS A 411 -22.49 27.16 -21.70
CA CYS A 411 -23.31 26.62 -22.78
C CYS A 411 -24.55 25.98 -22.20
N ARG A 412 -25.55 25.79 -23.05
CA ARG A 412 -26.80 25.16 -22.65
C ARG A 412 -26.89 23.77 -23.25
N VAL A 413 -27.96 23.05 -22.91
CA VAL A 413 -28.12 21.66 -23.30
C VAL A 413 -28.42 21.58 -24.79
N ALA A 414 -27.48 21.05 -25.56
CA ALA A 414 -27.71 20.77 -26.96
C ALA A 414 -28.28 19.37 -27.11
N ALA A 415 -29.29 19.24 -27.96
CA ALA A 415 -30.08 18.02 -28.05
C ALA A 415 -29.40 16.91 -28.83
N TRP A 416 -28.12 17.04 -29.18
CA TRP A 416 -27.45 15.95 -29.86
C TRP A 416 -26.79 14.97 -28.92
N VAL A 417 -26.58 15.33 -27.65
CA VAL A 417 -25.91 14.41 -26.74
C VAL A 417 -26.85 13.26 -26.38
N GLN A 418 -28.14 13.54 -26.30
CA GLN A 418 -29.13 12.48 -26.16
C GLN A 418 -29.14 11.58 -27.38
N THR A 419 -28.88 12.14 -28.56
CA THR A 419 -28.80 11.33 -29.77
C THR A 419 -27.56 10.44 -29.78
N GLU A 420 -26.43 10.97 -29.31
CA GLU A 420 -25.22 10.15 -29.18
C GLU A 420 -25.40 9.05 -28.15
N MET A 421 -26.13 9.31 -27.08
CA MET A 421 -26.39 8.25 -26.11
C MET A 421 -27.34 7.21 -26.68
N ASN A 422 -28.36 7.65 -27.41
CA ASN A 422 -29.36 6.71 -27.94
C ASN A 422 -28.81 5.85 -29.06
N LEU A 423 -27.89 6.39 -29.87
CA LEU A 423 -27.42 5.63 -31.02
C LEU A 423 -26.22 4.74 -30.71
N LEU A 424 -25.34 5.15 -29.80
CA LEU A 424 -24.20 4.32 -29.44
C LEU A 424 -24.57 3.19 -28.50
N SER A 425 -25.79 3.17 -27.98
CA SER A 425 -26.28 2.10 -27.12
C SER A 425 -27.21 1.16 -27.85
N THR A 426 -27.03 0.99 -29.15
CA THR A 426 -27.88 0.16 -29.97
C THR A 426 -27.05 -0.96 -30.59
N LEU A 427 -27.74 -1.98 -31.11
CA LEU A 427 -27.07 -3.12 -31.72
C LEU A 427 -26.84 -2.86 -33.20
N THR A 428 -25.63 -3.19 -33.64
CA THR A 428 -25.28 -3.19 -35.05
C THR A 428 -25.05 -4.62 -35.50
N SER A 429 -24.82 -4.79 -36.80
CA SER A 429 -24.64 -6.12 -37.36
C SER A 429 -23.19 -6.55 -37.41
N LYS A 430 -22.25 -5.66 -37.09
CA LYS A 430 -20.82 -5.92 -37.21
C LYS A 430 -20.17 -5.96 -35.84
N ARG A 431 -19.12 -6.76 -35.71
CA ARG A 431 -18.25 -6.76 -34.55
C ARG A 431 -17.03 -5.92 -34.84
N ALA A 432 -16.36 -5.47 -33.78
CA ALA A 432 -15.09 -4.78 -33.98
C ALA A 432 -14.02 -5.16 -32.97
N LEU A 433 -14.30 -6.01 -31.99
CA LEU A 433 -13.34 -6.31 -30.95
C LEU A 433 -12.37 -7.39 -31.41
N ASP A 434 -11.09 -7.19 -31.09
CA ASP A 434 -9.99 -8.02 -31.54
C ASP A 434 -9.52 -8.97 -30.45
N LEU A 435 -10.45 -9.51 -29.68
CA LEU A 435 -10.16 -10.23 -28.43
C LEU A 435 -9.32 -11.48 -28.67
N PRO A 436 -8.15 -11.59 -28.06
CA PRO A 436 -7.33 -12.78 -28.26
C PRO A 436 -7.88 -13.97 -27.51
N GLU A 437 -7.25 -15.12 -27.77
CA GLU A 437 -7.68 -16.36 -27.15
C GLU A 437 -7.20 -16.42 -25.70
N ILE A 438 -7.72 -17.41 -24.98
CA ILE A 438 -7.41 -17.63 -23.59
C ILE A 438 -7.07 -19.11 -23.44
N GLY A 439 -6.45 -19.45 -22.31
CA GLY A 439 -6.09 -20.82 -22.02
C GLY A 439 -7.30 -21.71 -21.84
N PRO A 440 -7.12 -23.02 -22.02
CA PRO A 440 -8.25 -23.94 -21.90
C PRO A 440 -8.73 -24.08 -20.46
N ASP A 441 -10.03 -24.31 -20.32
CA ASP A 441 -10.69 -24.29 -19.03
C ASP A 441 -10.64 -25.68 -18.38
N VAL A 442 -10.28 -25.72 -17.11
CA VAL A 442 -10.17 -26.95 -16.35
C VAL A 442 -11.04 -26.92 -15.10
N ALA A 443 -10.91 -25.87 -14.29
CA ALA A 443 -11.74 -25.74 -13.11
C ALA A 443 -13.16 -25.37 -13.50
N PRO A 444 -14.16 -25.68 -12.67
CA PRO A 444 -15.54 -25.26 -12.99
C PRO A 444 -15.76 -23.76 -12.92
N VAL A 445 -14.89 -23.02 -12.24
CA VAL A 445 -14.95 -21.56 -12.24
C VAL A 445 -14.74 -21.03 -13.64
N GLU A 446 -13.85 -21.67 -14.40
CA GLU A 446 -13.57 -21.21 -15.75
C GLU A 446 -14.68 -21.57 -16.73
N HIS A 447 -15.38 -22.68 -16.49
CA HIS A 447 -16.57 -22.99 -17.30
C HIS A 447 -17.68 -21.99 -17.04
N VAL A 448 -17.90 -21.64 -15.77
CA VAL A 448 -18.90 -20.63 -15.42
C VAL A 448 -18.54 -19.27 -15.99
N GLY A 449 -17.25 -18.93 -15.94
CA GLY A 449 -16.80 -17.66 -16.50
C GLY A 449 -16.92 -17.60 -18.01
N SER A 450 -16.64 -18.70 -18.71
CA SER A 450 -16.77 -18.69 -20.17
C SER A 450 -18.23 -18.64 -20.60
N GLU A 451 -19.09 -19.38 -19.92
CA GLU A 451 -20.51 -19.34 -20.26
C GLU A 451 -21.17 -18.04 -19.84
N ARG A 452 -20.53 -17.26 -18.96
CA ARG A 452 -20.99 -15.90 -18.71
C ARG A 452 -20.43 -14.92 -19.74
N ARG A 453 -19.16 -15.13 -20.13
CA ARG A 453 -18.48 -14.26 -21.08
C ARG A 453 -19.10 -14.30 -22.46
N LYS A 454 -19.66 -15.45 -22.85
CA LYS A 454 -20.33 -15.52 -24.15
C LYS A 454 -21.53 -14.58 -24.22
N TYR A 455 -22.36 -14.58 -23.17
CA TYR A 455 -23.50 -13.66 -23.10
C TYR A 455 -23.05 -12.21 -23.03
N PHE A 456 -22.09 -11.91 -22.14
CA PHE A 456 -21.65 -10.54 -21.94
C PHE A 456 -20.97 -9.96 -23.18
N VAL A 457 -20.16 -10.76 -23.87
CA VAL A 457 -19.49 -10.29 -25.06
C VAL A 457 -20.46 -10.16 -26.22
N ASN A 458 -21.36 -11.14 -26.40
CA ASN A 458 -22.35 -11.05 -27.48
C ASN A 458 -23.31 -9.89 -27.30
N GLU A 459 -23.49 -9.40 -26.07
CA GLU A 459 -24.20 -8.12 -25.95
C GLU A 459 -23.29 -6.93 -26.22
N ILE A 460 -22.07 -6.94 -25.69
CA ILE A 460 -21.23 -5.75 -25.78
C ILE A 460 -20.58 -5.62 -27.16
N ASN A 461 -20.22 -6.72 -27.82
CA ASN A 461 -19.39 -6.64 -29.01
C ASN A 461 -20.17 -6.13 -30.22
N TYR A 462 -21.38 -6.64 -30.43
CA TYR A 462 -22.18 -6.20 -31.56
C TYR A 462 -22.95 -4.91 -31.26
N CYS A 463 -22.27 -3.86 -30.82
CA CYS A 463 -22.91 -2.58 -30.59
C CYS A 463 -22.02 -1.48 -31.15
N LYS A 464 -22.62 -0.29 -31.29
CA LYS A 464 -21.97 0.79 -32.03
C LYS A 464 -20.81 1.40 -31.24
N ALA A 465 -20.94 1.44 -29.92
CA ALA A 465 -19.90 2.02 -29.08
C ALA A 465 -18.64 1.18 -29.08
N SER A 466 -18.75 -0.13 -29.34
CA SER A 466 -17.56 -0.97 -29.45
C SER A 466 -16.78 -0.66 -30.71
N THR A 467 -17.49 -0.40 -31.82
CA THR A 467 -16.85 0.01 -33.06
C THR A 467 -16.17 1.37 -32.91
N VAL A 468 -16.84 2.31 -32.25
CA VAL A 468 -16.26 3.63 -32.01
C VAL A 468 -15.05 3.54 -31.08
N MET A 469 -15.13 2.69 -30.05
CA MET A 469 -14.03 2.49 -29.13
C MET A 469 -12.82 1.92 -29.82
N MET A 470 -13.02 0.92 -30.69
CA MET A 470 -11.88 0.35 -31.40
C MET A 470 -11.30 1.32 -32.43
N LYS A 471 -12.15 2.19 -33.01
CA LYS A 471 -11.66 3.24 -33.89
C LYS A 471 -10.73 4.20 -33.13
N TYR A 472 -11.14 4.60 -31.92
CA TYR A 472 -10.32 5.49 -31.10
C TYR A 472 -9.01 4.82 -30.69
N VAL A 473 -9.06 3.56 -30.28
CA VAL A 473 -7.88 2.83 -29.82
C VAL A 473 -6.86 2.69 -30.95
N LEU A 474 -7.32 2.26 -32.12
CA LEU A 474 -6.40 2.02 -33.23
C LEU A 474 -5.85 3.32 -33.78
N PHE A 475 -6.67 4.39 -33.82
CA PHE A 475 -6.16 5.65 -34.34
C PHE A 475 -5.16 6.27 -33.39
N HIS A 476 -5.37 6.15 -32.07
CA HIS A 476 -4.39 6.69 -31.13
C HIS A 476 -3.10 5.87 -31.13
N THR A 477 -3.19 4.55 -31.35
CA THR A 477 -1.99 3.73 -31.44
C THR A 477 -1.15 4.10 -32.66
N SER A 478 -1.79 4.20 -33.83
CA SER A 478 -1.06 4.58 -35.04
C SER A 478 -0.57 6.02 -34.97
N LEU A 479 -1.30 6.89 -34.28
CA LEU A 479 -0.89 8.28 -34.15
C LEU A 479 0.33 8.43 -33.26
N LEU A 480 0.40 7.67 -32.17
CA LEU A 480 1.60 7.71 -31.33
C LEU A 480 2.80 7.08 -32.03
N ASN A 481 2.56 6.03 -32.83
CA ASN A 481 3.65 5.43 -33.59
C ASN A 481 4.23 6.40 -34.61
N GLU A 482 3.36 7.09 -35.36
CA GLU A 482 3.84 8.06 -36.33
C GLU A 482 4.39 9.31 -35.66
N SER A 483 3.92 9.64 -34.46
CA SER A 483 4.46 10.80 -33.76
C SER A 483 5.86 10.54 -33.28
N ASN A 484 6.17 9.34 -32.81
CA ASN A 484 7.55 9.11 -32.38
C ASN A 484 8.48 8.81 -33.54
N ALA A 485 8.02 8.06 -34.54
CA ALA A 485 8.90 7.73 -35.65
C ALA A 485 9.13 8.90 -36.59
N SER A 486 8.14 9.79 -36.74
CA SER A 486 8.17 10.87 -37.71
C SER A 486 7.80 12.18 -37.01
N MET A 487 8.78 12.87 -36.45
CA MET A 487 8.52 14.11 -35.72
C MET A 487 8.61 15.34 -36.59
N GLY A 488 9.52 15.35 -37.57
CA GLY A 488 9.69 16.52 -38.41
C GLY A 488 9.11 16.35 -39.79
N LYS A 489 7.96 15.67 -39.88
CA LYS A 489 7.35 15.32 -41.15
C LYS A 489 5.84 15.33 -40.99
N TYR A 490 5.13 15.82 -42.00
CA TYR A 490 3.68 15.71 -42.04
C TYR A 490 3.33 14.37 -42.65
N LYS A 491 2.54 13.57 -41.94
CA LYS A 491 2.26 12.21 -42.34
C LYS A 491 0.76 11.99 -42.47
N VAL A 492 0.32 11.41 -43.58
CA VAL A 492 -1.06 11.03 -43.73
C VAL A 492 -1.29 9.73 -42.98
N ILE A 493 -2.22 9.75 -42.02
CA ILE A 493 -2.58 8.57 -41.25
C ILE A 493 -4.05 8.28 -41.53
N PRO A 494 -4.37 7.13 -42.11
CA PRO A 494 -5.79 6.81 -42.32
C PRO A 494 -6.45 6.39 -41.03
N ILE A 495 -7.69 6.83 -40.86
CA ILE A 495 -8.55 6.34 -39.80
C ILE A 495 -9.21 5.08 -40.32
N THR A 496 -8.99 3.96 -39.63
CA THR A 496 -9.42 2.67 -40.14
C THR A 496 -9.98 1.82 -39.02
N ASN A 497 -10.54 0.68 -39.40
CA ASN A 497 -11.07 -0.29 -38.46
C ASN A 497 -11.23 -1.62 -39.18
N ARG A 498 -11.29 -2.69 -38.39
CA ARG A 498 -11.51 -4.04 -38.89
C ARG A 498 -12.82 -4.57 -38.32
N VAL A 499 -13.67 -5.11 -39.17
CA VAL A 499 -15.05 -5.42 -38.82
C VAL A 499 -15.36 -6.83 -39.31
N VAL A 500 -16.20 -7.54 -38.55
CA VAL A 500 -16.68 -8.86 -38.94
C VAL A 500 -18.19 -8.88 -38.79
N ASN A 501 -18.91 -9.25 -39.84
CA ASN A 501 -20.37 -9.24 -39.79
C ASN A 501 -20.89 -10.50 -39.14
N GLU A 502 -22.20 -10.73 -39.22
CA GLU A 502 -22.80 -11.92 -38.63
C GLU A 502 -22.46 -13.19 -39.38
N LYS A 503 -22.02 -13.08 -40.63
CA LYS A 503 -21.67 -14.22 -41.46
C LYS A 503 -20.24 -14.69 -41.28
N GLY A 504 -19.45 -14.00 -40.47
CA GLY A 504 -18.04 -14.31 -40.37
C GLY A 504 -17.17 -13.67 -41.42
N GLU A 505 -17.76 -12.94 -42.36
CA GLU A 505 -16.99 -12.22 -43.36
C GLU A 505 -16.35 -10.98 -42.75
N SER A 506 -15.10 -10.73 -43.13
CA SER A 506 -14.32 -9.64 -42.55
C SER A 506 -14.19 -8.51 -43.55
N PHE A 507 -14.61 -7.32 -43.14
CA PHE A 507 -14.48 -6.09 -43.90
C PHE A 507 -13.44 -5.18 -43.24
N ASP A 508 -12.93 -4.27 -44.03
CA ASP A 508 -12.08 -3.19 -43.54
C ASP A 508 -12.82 -1.88 -43.78
N MET A 509 -13.05 -1.14 -42.70
CA MET A 509 -13.81 0.09 -42.75
C MET A 509 -12.85 1.27 -42.70
N LEU A 510 -12.86 2.08 -43.75
CA LEU A 510 -12.12 3.34 -43.75
C LEU A 510 -13.05 4.45 -43.33
N TYR A 511 -12.61 5.26 -42.36
CA TYR A 511 -13.43 6.33 -41.81
C TYR A 511 -12.91 7.72 -42.15
N GLY A 512 -11.87 7.82 -42.96
CA GLY A 512 -11.28 9.09 -43.31
C GLY A 512 -9.79 9.08 -43.08
N LEU A 513 -9.17 10.23 -43.31
CA LEU A 513 -7.74 10.39 -43.22
C LEU A 513 -7.40 11.48 -42.22
N ALA A 514 -6.12 11.60 -41.89
CA ALA A 514 -5.67 12.59 -40.92
C ALA A 514 -4.24 12.99 -41.24
N VAL A 515 -3.92 14.25 -40.97
CA VAL A 515 -2.61 14.82 -41.20
C VAL A 515 -1.99 15.13 -39.86
N LYS A 516 -0.96 14.38 -39.50
CA LYS A 516 -0.19 14.67 -38.30
C LYS A 516 0.75 15.83 -38.61
N GLY A 517 0.80 16.82 -37.73
CA GLY A 517 1.66 17.98 -37.93
C GLY A 517 3.11 17.70 -37.63
N GLN A 518 3.81 18.71 -37.15
CA GLN A 518 5.12 18.51 -36.57
C GLN A 518 4.95 18.13 -35.11
N SER A 519 5.57 17.03 -34.70
CA SER A 519 5.28 16.47 -33.40
C SER A 519 6.52 16.31 -32.55
N HIS A 520 7.35 17.35 -32.44
CA HIS A 520 8.47 17.33 -31.51
C HIS A 520 7.94 17.53 -30.08
N LEU A 521 7.32 16.48 -29.56
CA LEU A 521 6.65 16.53 -28.27
C LEU A 521 7.68 16.23 -27.20
N ARG A 522 8.32 17.27 -26.71
CA ARG A 522 9.34 17.10 -25.68
C ARG A 522 8.70 16.84 -24.32
N GLY A 523 7.79 17.71 -23.90
CA GLY A 523 7.04 17.49 -22.69
C GLY A 523 5.89 16.54 -22.92
N ASP A 524 5.15 16.27 -21.86
CA ASP A 524 4.00 15.40 -21.95
C ASP A 524 2.70 16.15 -22.22
N THR A 525 2.69 17.46 -22.07
CA THR A 525 1.53 18.27 -22.42
C THR A 525 1.77 19.11 -23.67
N ASP A 526 2.76 18.76 -24.48
CA ASP A 526 2.96 19.45 -25.74
C ASP A 526 1.99 18.90 -26.79
N VAL A 527 1.55 19.79 -27.67
CA VAL A 527 0.45 19.51 -28.59
C VAL A 527 1.01 19.20 -29.97
N VAL A 528 0.49 18.14 -30.58
CA VAL A 528 0.64 17.87 -32.01
C VAL A 528 -0.70 18.16 -32.67
N THR A 529 -0.66 18.89 -33.78
CA THR A 529 -1.84 19.25 -34.54
C THR A 529 -2.19 18.15 -35.52
N VAL A 530 -3.43 17.68 -35.46
CA VAL A 530 -3.94 16.64 -36.34
C VAL A 530 -5.10 17.23 -37.13
N VAL A 531 -4.99 17.23 -38.44
CA VAL A 531 -6.03 17.75 -39.33
C VAL A 531 -6.83 16.57 -39.83
N THR A 532 -8.08 16.44 -39.40
CA THR A 532 -8.87 15.25 -39.65
C THR A 532 -9.90 15.50 -40.75
N PHE A 533 -9.97 14.58 -41.70
CA PHE A 533 -10.97 14.58 -42.76
C PHE A 533 -11.77 13.29 -42.63
N GLU A 534 -13.01 13.40 -42.19
CA GLU A 534 -13.84 12.25 -41.89
C GLU A 534 -15.05 12.20 -42.80
N PHE A 535 -15.38 11.00 -43.29
CA PHE A 535 -16.58 10.84 -44.07
C PHE A 535 -17.79 10.79 -43.16
N SER A 536 -18.94 11.23 -43.68
CA SER A 536 -20.19 11.12 -42.97
C SER A 536 -21.33 11.15 -43.97
N SER A 537 -22.54 10.91 -43.46
CA SER A 537 -23.75 11.04 -44.28
C SER A 537 -24.80 11.86 -43.56
N THR A 538 -24.37 12.75 -42.67
CA THR A 538 -25.27 13.60 -41.91
C THR A 538 -25.16 15.02 -42.43
N ASP A 539 -26.28 15.60 -42.79
CA ASP A 539 -26.34 16.96 -43.27
C ASP A 539 -26.12 17.92 -42.09
N PRO A 540 -25.14 18.82 -42.14
CA PRO A 540 -24.98 19.77 -41.04
C PRO A 540 -26.03 20.86 -40.99
N ARG A 541 -26.84 21.03 -42.05
CA ARG A 541 -27.92 22.01 -42.00
C ARG A 541 -29.06 21.58 -41.10
N VAL A 542 -29.15 20.29 -40.78
CA VAL A 542 -30.19 19.80 -39.88
C VAL A 542 -29.95 20.33 -38.47
N ASP A 543 -28.80 20.01 -37.89
CA ASP A 543 -28.36 20.55 -36.61
C ASP A 543 -27.18 21.47 -36.91
N SER A 544 -27.43 22.76 -36.96
CA SER A 544 -26.41 23.70 -37.38
C SER A 544 -25.52 24.16 -36.24
N GLY A 545 -26.03 24.16 -35.01
CA GLY A 545 -25.21 24.54 -33.86
C GLY A 545 -24.34 23.43 -33.32
N LYS A 546 -24.50 22.22 -33.84
CA LYS A 546 -23.67 21.11 -33.41
C LYS A 546 -22.26 21.22 -33.98
N TRP A 547 -22.12 21.76 -35.20
CA TRP A 547 -20.83 21.84 -35.88
C TRP A 547 -20.42 23.27 -36.21
N PRO A 548 -20.02 24.09 -35.24
CA PRO A 548 -19.30 25.31 -35.57
C PRO A 548 -17.78 25.15 -35.57
N LYS A 549 -17.29 23.92 -35.49
CA LYS A 549 -15.87 23.64 -35.54
C LYS A 549 -15.44 22.91 -36.80
N TYR A 550 -16.39 22.54 -37.66
CA TYR A 550 -16.13 21.69 -38.81
C TYR A 550 -16.36 22.45 -40.11
N THR A 551 -15.65 22.02 -41.15
CA THR A 551 -15.85 22.51 -42.51
C THR A 551 -16.36 21.33 -43.32
N VAL A 552 -17.60 21.42 -43.79
CA VAL A 552 -18.30 20.30 -44.41
C VAL A 552 -18.40 20.55 -45.89
N PHE A 553 -17.77 19.70 -46.69
CA PHE A 553 -17.97 19.68 -48.13
C PHE A 553 -18.95 18.56 -48.48
N ARG A 554 -19.21 18.40 -49.76
CA ARG A 554 -19.95 17.24 -50.27
C ARG A 554 -19.17 16.64 -51.42
N ILE A 555 -18.96 15.33 -51.38
CA ILE A 555 -18.11 14.66 -52.34
C ILE A 555 -18.85 13.57 -53.11
N GLY A 556 -20.16 13.45 -52.93
CA GLY A 556 -20.90 12.55 -53.80
C GLY A 556 -22.02 11.75 -53.16
N SER A 557 -22.32 10.61 -53.75
CA SER A 557 -23.42 9.77 -53.32
C SER A 557 -22.91 8.37 -53.03
N LEU A 558 -23.76 7.59 -52.38
CA LEU A 558 -23.41 6.25 -51.91
C LEU A 558 -24.67 5.39 -51.95
N PHE A 559 -24.60 4.29 -52.69
CA PHE A 559 -25.70 3.34 -52.75
C PHE A 559 -25.37 2.21 -51.77
N VAL A 560 -25.89 2.33 -50.55
CA VAL A 560 -25.78 1.22 -49.62
C VAL A 560 -26.83 0.16 -49.92
N SER A 561 -27.85 0.52 -50.68
CA SER A 561 -28.93 -0.35 -51.10
C SER A 561 -29.45 0.19 -52.43
N GLY A 562 -30.69 -0.16 -52.78
CA GLY A 562 -31.38 0.57 -53.83
C GLY A 562 -31.58 2.04 -53.50
N ARG A 563 -31.66 2.37 -52.22
CA ARG A 563 -31.68 3.76 -51.78
C ARG A 563 -30.33 4.42 -52.04
N GLU A 564 -30.35 5.74 -52.22
CA GLU A 564 -29.15 6.53 -52.47
C GLU A 564 -29.01 7.57 -51.37
N LYS A 565 -27.84 7.62 -50.75
CA LYS A 565 -27.53 8.59 -49.72
C LYS A 565 -26.41 9.51 -50.17
N SER A 566 -26.27 10.63 -49.48
CA SER A 566 -25.20 11.57 -49.79
C SER A 566 -24.01 11.31 -48.89
N VAL A 567 -22.86 11.85 -49.27
CA VAL A 567 -21.63 11.69 -48.52
C VAL A 567 -20.99 13.06 -48.33
N TYR A 568 -20.73 13.44 -47.09
CA TYR A 568 -20.10 14.69 -46.73
C TYR A 568 -18.71 14.43 -46.16
N LEU A 569 -17.87 15.45 -46.22
CA LEU A 569 -16.50 15.37 -45.74
C LEU A 569 -16.28 16.42 -44.67
N TYR A 570 -16.23 15.99 -43.41
CA TYR A 570 -16.03 16.89 -42.28
C TYR A 570 -14.54 17.12 -42.08
N CYS A 571 -14.10 18.36 -42.27
CA CYS A 571 -12.70 18.73 -42.11
C CYS A 571 -12.54 19.56 -40.85
N ARG A 572 -11.50 19.27 -40.09
CA ARG A 572 -11.30 19.99 -38.84
C ARG A 572 -9.83 19.99 -38.44
N VAL A 573 -9.33 21.16 -38.07
CA VAL A 573 -8.05 21.25 -37.38
C VAL A 573 -8.26 20.87 -35.93
N ASN A 574 -7.40 20.00 -35.41
CA ASN A 574 -7.56 19.46 -34.07
C ASN A 574 -6.18 19.29 -33.47
N GLY A 575 -6.12 18.86 -32.23
CA GLY A 575 -4.82 18.63 -31.62
C GLY A 575 -4.95 17.65 -30.47
N THR A 576 -3.81 17.07 -30.11
CA THR A 576 -3.76 16.16 -28.98
C THR A 576 -2.36 16.14 -28.43
N ASN A 577 -2.19 15.53 -27.27
CA ASN A 577 -0.87 15.43 -26.64
C ASN A 577 -0.56 13.96 -26.38
N LYS A 578 0.58 13.71 -25.72
CA LYS A 578 1.02 12.35 -25.48
C LYS A 578 0.14 11.62 -24.48
N ILE A 579 -0.42 12.33 -23.51
CA ILE A 579 -1.14 11.68 -22.42
C ILE A 579 -2.51 11.21 -22.88
N GLN A 580 -3.18 12.00 -23.72
CA GLN A 580 -4.46 11.55 -24.28
C GLN A 580 -4.25 10.42 -25.28
N MET A 581 -3.10 10.37 -25.94
CA MET A 581 -2.78 9.23 -26.81
C MET A 581 -2.54 7.97 -26.00
N LYS A 582 -1.84 8.08 -24.87
CA LYS A 582 -1.64 6.92 -24.00
C LYS A 582 -2.95 6.42 -23.42
N TRP A 583 -3.80 7.33 -22.96
CA TRP A 583 -5.09 6.90 -22.44
C TRP A 583 -6.07 6.51 -23.54
N GLY A 584 -5.77 6.84 -24.80
CA GLY A 584 -6.54 6.28 -25.90
C GLY A 584 -6.10 4.91 -26.30
N MET A 585 -4.81 4.59 -26.14
CA MET A 585 -4.35 3.22 -26.33
C MET A 585 -4.83 2.28 -25.24
N GLU A 586 -5.37 2.80 -24.14
CA GLU A 586 -5.86 2.01 -23.03
C GLU A 586 -7.34 2.24 -22.80
N ALA A 587 -8.12 2.32 -23.88
CA ALA A 587 -9.54 2.57 -23.76
C ALA A 587 -10.38 1.30 -23.65
N ARG A 588 -9.78 0.13 -23.92
CA ARG A 588 -10.51 -1.13 -23.84
C ARG A 588 -10.98 -1.45 -22.43
N ARG A 589 -10.40 -0.81 -21.41
CA ARG A 589 -10.87 -0.95 -20.04
C ARG A 589 -12.29 -0.45 -19.83
N CYS A 590 -12.83 0.31 -20.80
CA CYS A 590 -14.25 0.63 -20.77
C CYS A 590 -15.15 -0.59 -20.82
N LEU A 591 -14.66 -1.74 -21.29
CA LEU A 591 -15.39 -2.98 -21.10
C LEU A 591 -15.48 -3.34 -19.62
N LEU A 592 -14.33 -3.31 -18.92
CA LEU A 592 -14.20 -3.92 -17.60
C LEU A 592 -15.08 -3.23 -16.56
N GLN A 593 -14.99 -1.90 -16.49
CA GLN A 593 -15.83 -1.10 -15.60
C GLN A 593 -17.30 -1.25 -15.92
N SER A 594 -17.65 -1.63 -17.15
CA SER A 594 -19.03 -1.90 -17.49
C SER A 594 -19.39 -3.36 -17.34
N MET A 595 -18.43 -4.27 -17.34
CA MET A 595 -18.76 -5.67 -17.24
C MET A 595 -18.93 -6.09 -15.78
N GLN A 596 -17.96 -5.71 -14.94
CA GLN A 596 -17.97 -6.05 -13.51
C GLN A 596 -19.23 -5.57 -12.84
N GLN A 597 -19.61 -4.31 -13.10
CA GLN A 597 -20.80 -3.71 -12.52
C GLN A 597 -22.06 -4.44 -12.92
N MET A 598 -22.06 -5.12 -14.06
CA MET A 598 -23.22 -5.96 -14.34
C MET A 598 -23.05 -7.36 -13.81
N GLU A 599 -21.82 -7.91 -13.87
CA GLU A 599 -21.60 -9.30 -13.50
C GLU A 599 -21.84 -9.52 -12.02
N ALA A 600 -21.43 -8.53 -11.21
CA ALA A 600 -21.71 -8.52 -9.78
C ALA A 600 -23.19 -8.69 -9.50
N ILE A 601 -24.04 -8.01 -10.28
CA ILE A 601 -25.49 -8.14 -10.12
C ILE A 601 -25.94 -9.57 -10.39
N VAL A 602 -25.38 -10.17 -11.46
CA VAL A 602 -25.65 -11.57 -11.78
C VAL A 602 -25.24 -12.47 -10.63
N GLU A 603 -24.07 -12.19 -10.05
CA GLU A 603 -23.57 -13.01 -8.95
C GLU A 603 -24.47 -12.88 -7.73
N GLN A 604 -25.04 -11.69 -7.51
CA GLN A 604 -25.95 -11.53 -6.39
C GLN A 604 -27.22 -12.33 -6.61
N GLU A 605 -27.71 -12.36 -7.85
CA GLU A 605 -28.86 -13.19 -8.14
C GLU A 605 -28.50 -14.66 -8.03
N SER A 606 -27.25 -15.01 -8.34
CA SER A 606 -26.80 -16.38 -8.20
C SER A 606 -26.73 -16.81 -6.74
N SER A 607 -26.68 -15.88 -5.80
CA SER A 607 -26.67 -16.25 -4.40
C SER A 607 -28.05 -16.16 -3.78
N ILE A 608 -29.10 -15.96 -4.58
CA ILE A 608 -30.46 -15.98 -4.08
C ILE A 608 -31.21 -17.21 -4.56
N GLN A 609 -30.98 -17.61 -5.82
CA GLN A 609 -31.70 -18.74 -6.38
C GLN A 609 -30.96 -20.06 -6.20
N GLY A 610 -29.63 -20.04 -6.23
CA GLY A 610 -28.84 -21.25 -6.01
C GLY A 610 -28.18 -21.82 -7.23
N TYR A 611 -28.36 -21.23 -8.41
CA TYR A 611 -27.69 -21.69 -9.61
C TYR A 611 -27.16 -20.48 -10.36
N ASP A 612 -26.32 -20.73 -11.37
CA ASP A 612 -25.72 -19.66 -12.15
C ASP A 612 -26.80 -18.99 -13.00
N MET A 613 -27.05 -17.72 -12.71
CA MET A 613 -28.19 -16.99 -13.27
C MET A 613 -27.78 -16.03 -14.37
N THR A 614 -26.85 -16.40 -15.25
CA THR A 614 -26.55 -15.54 -16.39
C THR A 614 -27.64 -15.62 -17.44
N LYS A 615 -28.03 -16.85 -17.81
CA LYS A 615 -29.06 -17.05 -18.81
C LYS A 615 -30.42 -16.55 -18.32
N ALA A 616 -30.69 -16.71 -17.03
CA ALA A 616 -31.95 -16.23 -16.49
C ALA A 616 -32.00 -14.71 -16.43
N CYS A 617 -30.85 -14.05 -16.31
CA CYS A 617 -30.82 -12.59 -16.32
C CYS A 617 -30.92 -12.04 -17.74
N PHE A 618 -30.11 -12.56 -18.66
CA PHE A 618 -30.04 -12.01 -20.00
C PHE A 618 -31.27 -12.37 -20.81
N LYS A 619 -31.61 -13.65 -20.88
CA LYS A 619 -32.68 -14.12 -21.73
C LYS A 619 -33.83 -14.77 -20.99
N GLY A 620 -33.64 -15.20 -19.76
CA GLY A 620 -34.73 -15.82 -19.02
C GLY A 620 -34.85 -17.30 -19.31
N ASP A 621 -35.31 -18.03 -18.30
CA ASP A 621 -35.50 -19.48 -18.42
C ASP A 621 -36.81 -19.83 -17.74
N ARG A 622 -36.99 -21.12 -17.42
CA ARG A 622 -38.31 -21.64 -17.05
C ARG A 622 -38.82 -21.07 -15.73
N VAL A 623 -37.95 -20.95 -14.73
CA VAL A 623 -38.36 -20.51 -13.41
C VAL A 623 -37.86 -19.12 -13.08
N ASN A 624 -37.55 -18.30 -14.10
CA ASN A 624 -37.11 -16.93 -13.87
C ASN A 624 -37.49 -16.06 -15.05
N SER A 625 -38.25 -15.01 -14.78
CA SER A 625 -38.48 -13.96 -15.75
C SER A 625 -37.16 -13.21 -15.97
N PRO A 626 -36.95 -12.64 -17.16
CA PRO A 626 -35.69 -11.93 -17.41
C PRO A 626 -35.62 -10.62 -16.61
N LYS A 627 -34.39 -10.21 -16.35
CA LYS A 627 -34.14 -9.00 -15.57
C LYS A 627 -34.36 -7.77 -16.45
N THR A 628 -35.23 -6.88 -16.00
CA THR A 628 -35.49 -5.62 -16.68
C THR A 628 -35.09 -4.47 -15.76
N PHE A 629 -34.47 -3.45 -16.34
CA PHE A 629 -33.99 -2.29 -15.61
C PHE A 629 -34.69 -1.06 -16.15
N SER A 630 -34.99 -0.10 -15.28
CA SER A 630 -35.55 1.17 -15.73
C SER A 630 -34.48 1.92 -16.52
N ILE A 631 -34.72 2.12 -17.82
CA ILE A 631 -33.64 2.43 -18.74
C ILE A 631 -33.70 3.84 -19.30
N GLY A 632 -34.84 4.51 -19.26
CA GLY A 632 -34.91 5.83 -19.86
C GLY A 632 -36.34 6.28 -20.00
N THR A 633 -36.47 7.50 -20.52
CA THR A 633 -37.75 8.17 -20.65
C THR A 633 -38.27 8.05 -22.08
N GLN A 634 -39.60 8.14 -22.21
CA GLN A 634 -40.24 8.21 -23.52
C GLN A 634 -41.53 8.99 -23.36
N GLU A 635 -41.55 10.19 -23.92
CA GLU A 635 -42.58 11.24 -23.78
C GLU A 635 -43.14 11.33 -22.35
N GLY A 636 -42.22 11.56 -21.41
CA GLY A 636 -42.55 11.89 -20.06
C GLY A 636 -42.65 10.72 -19.10
N LYS A 637 -42.89 9.51 -19.60
CA LYS A 637 -43.06 8.34 -18.76
C LYS A 637 -41.75 7.56 -18.68
N LEU A 638 -41.79 6.43 -17.98
CA LEU A 638 -40.61 5.63 -17.71
C LEU A 638 -40.73 4.27 -18.38
N VAL A 639 -39.66 3.84 -19.02
CA VAL A 639 -39.61 2.62 -19.81
C VAL A 639 -38.59 1.68 -19.19
N LYS A 640 -38.94 0.40 -19.10
CA LYS A 640 -38.04 -0.64 -18.63
C LYS A 640 -37.48 -1.41 -19.81
N GLY A 641 -36.15 -1.51 -19.87
CA GLY A 641 -35.46 -2.24 -20.90
C GLY A 641 -34.75 -3.48 -20.37
N SER A 642 -33.98 -4.09 -21.26
CA SER A 642 -33.42 -5.41 -21.01
C SER A 642 -32.15 -5.32 -20.15
N PHE A 643 -31.57 -6.48 -19.87
CA PHE A 643 -30.31 -6.55 -19.14
C PHE A 643 -29.15 -6.10 -20.01
N GLY A 644 -29.07 -6.63 -21.23
CA GLY A 644 -28.02 -6.24 -22.15
C GLY A 644 -28.12 -4.79 -22.58
N LYS A 645 -29.33 -4.23 -22.55
CA LYS A 645 -29.51 -2.80 -22.78
C LYS A 645 -28.80 -1.99 -21.71
N ALA A 646 -28.98 -2.36 -20.44
CA ALA A 646 -28.31 -1.65 -19.35
C ALA A 646 -26.82 -1.86 -19.37
N LEU A 647 -26.38 -3.04 -19.77
CA LEU A 647 -24.95 -3.30 -19.96
C LEU A 647 -24.35 -2.39 -21.02
N ARG A 648 -25.06 -2.23 -22.14
CA ARG A 648 -24.60 -1.33 -23.20
C ARG A 648 -24.66 0.13 -22.79
N VAL A 649 -25.63 0.50 -21.97
CA VAL A 649 -25.73 1.89 -21.50
C VAL A 649 -24.58 2.22 -20.56
N ILE A 650 -24.23 1.29 -19.67
CA ILE A 650 -23.07 1.50 -18.78
C ILE A 650 -21.78 1.53 -19.60
N PHE A 651 -21.70 0.72 -20.66
CA PHE A 651 -20.50 0.74 -21.51
C PHE A 651 -20.37 2.07 -22.25
N THR A 652 -21.48 2.58 -22.79
CA THR A 652 -21.45 3.87 -23.46
C THR A 652 -21.13 5.00 -22.47
N LYS A 653 -21.58 4.87 -21.22
CA LYS A 653 -21.26 5.87 -20.21
C LYS A 653 -19.77 5.89 -19.90
N CYS A 654 -19.14 4.72 -19.78
CA CYS A 654 -17.70 4.70 -19.51
C CYS A 654 -16.89 5.15 -20.72
N LEU A 655 -17.37 4.83 -21.93
CA LEU A 655 -16.71 5.32 -23.14
C LEU A 655 -16.78 6.83 -23.23
N MET A 656 -17.94 7.43 -22.90
CA MET A 656 -18.06 8.88 -22.93
C MET A 656 -17.38 9.55 -21.75
N HIS A 657 -17.12 8.82 -20.67
CA HIS A 657 -16.21 9.30 -19.64
C HIS A 657 -14.81 9.43 -20.19
N TYR A 658 -14.39 8.50 -21.04
CA TYR A 658 -13.09 8.68 -21.69
C TYR A 658 -13.12 9.84 -22.69
N VAL A 659 -14.14 9.88 -23.54
CA VAL A 659 -14.12 10.72 -24.75
C VAL A 659 -14.16 12.19 -24.37
N PHE A 660 -15.09 12.58 -23.52
CA PHE A 660 -15.22 13.96 -23.07
C PHE A 660 -14.59 14.19 -21.71
N GLY A 661 -13.49 13.51 -21.41
CA GLY A 661 -12.90 13.63 -20.08
C GLY A 661 -11.87 14.73 -19.93
N ASN A 662 -12.13 15.64 -19.01
CA ASN A 662 -11.17 16.68 -18.63
C ASN A 662 -11.40 16.98 -17.15
N ALA A 663 -10.89 18.12 -16.67
CA ALA A 663 -10.98 18.45 -15.26
C ALA A 663 -12.40 18.74 -14.81
N GLN A 664 -13.25 19.22 -15.72
CA GLN A 664 -14.63 19.54 -15.36
C GLN A 664 -15.44 18.29 -15.07
N LEU A 665 -15.18 17.21 -15.81
CA LEU A 665 -15.90 15.97 -15.56
C LEU A 665 -15.48 15.34 -14.24
N GLU A 666 -14.20 15.47 -13.88
CA GLU A 666 -13.73 14.99 -12.58
C GLU A 666 -14.37 15.77 -11.44
N GLY A 667 -14.36 17.10 -11.53
CA GLY A 667 -14.92 17.91 -10.47
C GLY A 667 -16.42 17.74 -10.33
N PHE A 668 -17.12 17.63 -11.47
CA PHE A 668 -18.55 17.35 -11.46
C PHE A 668 -18.84 15.98 -10.86
N SER A 669 -18.01 14.99 -11.19
CA SER A 669 -18.22 13.63 -10.69
C SER A 669 -18.08 13.55 -9.18
N ALA A 670 -17.04 14.18 -8.64
CA ALA A 670 -16.83 14.16 -7.19
C ALA A 670 -17.94 14.94 -6.46
N GLU A 671 -18.19 16.17 -6.89
CA GLU A 671 -19.13 17.01 -6.16
C GLU A 671 -20.58 16.60 -6.38
N SER A 672 -20.87 15.79 -7.40
CA SER A 672 -22.20 15.24 -7.54
C SER A 672 -22.34 13.88 -6.89
N ARG A 673 -21.23 13.14 -6.72
CA ARG A 673 -21.27 11.91 -5.93
C ARG A 673 -21.58 12.22 -4.48
N ARG A 674 -21.06 13.35 -3.98
CA ARG A 674 -21.40 13.81 -2.63
C ARG A 674 -22.89 14.11 -2.47
N LEU A 675 -23.62 14.38 -3.55
CA LEU A 675 -25.05 14.62 -3.51
C LEU A 675 -25.86 13.36 -3.79
N LEU A 676 -25.29 12.45 -4.59
CA LEU A 676 -25.90 11.14 -4.81
C LEU A 676 -26.02 10.36 -3.50
N LEU A 677 -24.99 10.45 -2.65
CA LEU A 677 -25.07 9.76 -1.36
C LEU A 677 -26.11 10.38 -0.44
N LEU A 678 -26.35 11.69 -0.57
CA LEU A 678 -27.44 12.32 0.18
C LEU A 678 -28.81 11.88 -0.31
N ILE A 679 -28.98 11.74 -1.64
CA ILE A 679 -30.26 11.26 -2.15
C ILE A 679 -30.49 9.80 -1.78
N GLN A 680 -29.42 9.00 -1.71
CA GLN A 680 -29.56 7.62 -1.25
C GLN A 680 -29.92 7.55 0.23
N ALA A 681 -29.33 8.43 1.04
CA ALA A 681 -29.72 8.52 2.44
C ALA A 681 -31.15 9.04 2.61
N LEU A 682 -31.66 9.79 1.64
CA LEU A 682 -33.06 10.19 1.66
C LEU A 682 -33.99 9.06 1.24
N LYS A 683 -33.54 8.17 0.36
CA LYS A 683 -34.39 7.07 -0.10
C LYS A 683 -34.44 5.94 0.91
N ASP A 684 -33.39 5.74 1.71
CA ASP A 684 -33.35 4.68 2.71
C ASP A 684 -34.11 5.03 3.97
N ARG A 685 -34.73 6.21 4.03
CA ARG A 685 -35.40 6.76 5.21
C ARG A 685 -34.46 6.80 6.41
N LYS A 686 -33.25 7.31 6.18
CA LYS A 686 -32.32 7.54 7.27
C LYS A 686 -32.41 8.96 7.81
N GLY A 687 -33.02 9.88 7.08
CA GLY A 687 -33.17 11.25 7.53
C GLY A 687 -31.85 12.01 7.55
N PRO A 688 -31.32 12.35 6.38
CA PRO A 688 -30.02 13.02 6.34
C PRO A 688 -30.11 14.49 6.77
N TRP A 689 -29.02 14.98 7.33
CA TRP A 689 -28.92 16.36 7.78
C TRP A 689 -27.77 17.04 7.06
N VAL A 690 -28.01 18.23 6.55
CA VAL A 690 -26.98 19.00 5.87
C VAL A 690 -26.69 20.24 6.71
N PHE A 691 -25.52 20.81 6.48
CA PHE A 691 -25.08 21.98 7.22
C PHE A 691 -24.97 23.24 6.38
N ASP A 692 -24.59 23.10 5.10
CA ASP A 692 -24.55 24.23 4.18
C ASP A 692 -24.85 23.66 2.78
N LEU A 693 -26.13 23.64 2.42
CA LEU A 693 -26.51 22.99 1.17
C LEU A 693 -26.21 23.86 -0.04
N GLU A 694 -26.29 25.19 0.11
CA GLU A 694 -26.08 26.07 -1.02
C GLU A 694 -24.64 26.08 -1.47
N GLY A 695 -23.68 25.98 -0.54
CA GLY A 695 -22.30 25.83 -0.93
C GLY A 695 -22.00 24.47 -1.51
N MET A 696 -22.71 23.44 -1.05
CA MET A 696 -22.59 22.11 -1.62
C MET A 696 -23.08 22.09 -3.06
N TYR A 697 -24.15 22.81 -3.35
CA TYR A 697 -24.62 22.94 -4.72
C TYR A 697 -23.71 23.84 -5.54
N SER A 698 -23.10 24.85 -4.92
CA SER A 698 -22.23 25.77 -5.65
C SER A 698 -20.87 25.17 -5.97
N GLY A 699 -20.46 24.13 -5.24
CA GLY A 699 -19.26 23.42 -5.64
C GLY A 699 -19.45 22.60 -6.90
N ILE A 700 -20.68 22.18 -7.17
CA ILE A 700 -20.98 21.45 -8.41
C ILE A 700 -21.09 22.40 -9.59
N GLU A 701 -21.84 23.49 -9.40
CA GLU A 701 -22.26 24.36 -10.49
C GLU A 701 -21.15 25.24 -11.03
N GLU A 702 -19.93 25.14 -10.52
CA GLU A 702 -18.80 25.83 -11.13
C GLU A 702 -18.00 24.93 -12.05
N CYS A 703 -18.40 23.66 -12.18
CA CYS A 703 -17.79 22.73 -13.09
C CYS A 703 -18.57 22.57 -14.39
N ILE A 704 -19.75 23.18 -14.48
CA ILE A 704 -20.61 23.06 -15.66
C ILE A 704 -20.29 24.28 -16.51
N SER A 705 -19.32 24.14 -17.42
CA SER A 705 -18.96 25.24 -18.31
C SER A 705 -19.29 24.91 -19.76
N ASN A 706 -18.57 24.00 -20.39
CA ASN A 706 -18.77 23.71 -21.80
C ASN A 706 -18.59 22.26 -22.17
N ASN A 707 -18.38 21.38 -21.20
CA ASN A 707 -18.24 19.96 -21.47
C ASN A 707 -19.62 19.39 -21.81
N PRO A 708 -19.80 18.75 -22.97
CA PRO A 708 -21.13 18.27 -23.34
C PRO A 708 -21.63 17.16 -22.45
N TRP A 709 -20.73 16.30 -21.97
CA TRP A 709 -21.14 15.22 -21.08
C TRP A 709 -21.54 15.76 -19.71
N VAL A 710 -20.89 16.81 -19.22
CA VAL A 710 -21.23 17.38 -17.92
C VAL A 710 -22.58 18.07 -17.96
N ILE A 711 -22.85 18.82 -19.03
CA ILE A 711 -24.13 19.52 -19.17
C ILE A 711 -25.26 18.52 -19.37
N GLN A 712 -25.03 17.49 -20.18
CA GLN A 712 -26.07 16.47 -20.35
C GLN A 712 -26.26 15.64 -19.09
N SER A 713 -25.19 15.47 -18.29
CA SER A 713 -25.33 14.74 -17.03
C SER A 713 -26.06 15.56 -15.98
N ALA A 714 -25.90 16.88 -15.99
CA ALA A 714 -26.70 17.72 -15.10
C ALA A 714 -28.16 17.70 -15.52
N TYR A 715 -28.43 17.69 -16.83
CA TYR A 715 -29.81 17.56 -17.30
C TYR A 715 -30.42 16.22 -16.90
N TRP A 716 -29.63 15.15 -17.01
CA TRP A 716 -30.10 13.83 -16.62
C TRP A 716 -30.29 13.71 -15.12
N PHE A 717 -29.44 14.37 -14.33
CA PHE A 717 -29.60 14.41 -12.89
C PHE A 717 -30.90 15.08 -12.50
N ASN A 718 -31.21 16.21 -13.13
CA ASN A 718 -32.46 16.91 -12.82
C ASN A 718 -33.68 16.08 -13.22
N GLU A 719 -33.59 15.37 -14.35
CA GLU A 719 -34.67 14.48 -14.77
C GLU A 719 -34.90 13.34 -13.78
N TRP A 720 -33.82 12.65 -13.39
CA TRP A 720 -33.92 11.54 -12.46
C TRP A 720 -34.35 11.98 -11.07
N LEU A 721 -33.92 13.17 -10.64
CA LEU A 721 -34.32 13.69 -9.35
C LEU A 721 -35.80 14.05 -9.35
N GLY A 722 -36.31 14.57 -10.46
CA GLY A 722 -37.75 14.79 -10.57
C GLY A 722 -38.53 13.49 -10.49
N PHE A 723 -37.99 12.42 -11.07
CA PHE A 723 -38.64 11.13 -10.97
C PHE A 723 -38.62 10.58 -9.54
N GLU A 724 -37.52 10.82 -8.81
CA GLU A 724 -37.46 10.33 -7.42
C GLU A 724 -38.37 11.12 -6.50
N LYS A 725 -38.46 12.44 -6.70
CA LYS A 725 -39.42 13.24 -5.94
C LYS A 725 -40.86 12.83 -6.24
N GLU A 726 -41.14 12.47 -7.49
CA GLU A 726 -42.46 11.96 -7.83
C GLU A 726 -42.73 10.61 -7.18
N GLY A 727 -41.70 9.77 -7.10
CA GLY A 727 -41.90 8.44 -6.53
C GLY A 727 -42.01 8.44 -5.02
N SER A 728 -41.43 9.43 -4.35
CA SER A 728 -41.40 9.45 -2.89
C SER A 728 -42.74 9.77 -2.23
N LYS A 729 -43.76 10.13 -2.99
CA LYS A 729 -45.03 10.59 -2.45
C LYS A 729 -45.99 9.45 -2.09
N VAL A 730 -45.48 8.24 -1.87
CA VAL A 730 -46.28 7.15 -1.33
C VAL A 730 -45.94 6.87 0.13
N LEU A 731 -44.76 7.28 0.60
CA LEU A 731 -44.30 6.98 1.95
C LEU A 731 -45.03 7.76 3.03
N GLU A 732 -45.77 8.80 2.66
CA GLU A 732 -46.48 9.61 3.65
C GLU A 732 -47.72 8.93 4.21
N SER A 733 -48.14 7.81 3.61
CA SER A 733 -49.30 7.06 4.08
C SER A 733 -48.90 5.87 4.95
N VAL A 734 -47.63 5.79 5.35
CA VAL A 734 -47.11 4.66 6.12
C VAL A 734 -47.29 4.98 7.59
N ASP A 735 -48.17 4.22 8.25
CA ASP A 735 -48.46 4.28 9.69
C ASP A 735 -49.03 5.62 10.13
N GLU A 736 -49.62 6.38 9.21
CA GLU A 736 -50.25 7.65 9.55
C GLU A 736 -51.33 7.98 8.54
N GLY B 9 -40.29 7.65 -29.08
CA GLY B 9 -38.98 8.26 -28.94
C GLY B 9 -38.38 8.05 -27.56
N MET B 10 -37.80 6.87 -27.35
CA MET B 10 -37.20 6.54 -26.07
C MET B 10 -35.85 7.23 -25.93
N ASN B 11 -35.66 7.94 -24.83
CA ASN B 11 -34.44 8.68 -24.55
C ASN B 11 -33.77 8.09 -23.33
N ILE B 12 -32.52 7.69 -23.48
CA ILE B 12 -31.83 6.89 -22.46
C ILE B 12 -31.29 7.80 -21.37
N ASN B 13 -31.62 7.50 -20.12
CA ASN B 13 -31.06 8.18 -18.96
C ASN B 13 -30.14 7.22 -18.23
N PRO B 14 -28.82 7.45 -18.19
CA PRO B 14 -27.92 6.53 -17.48
C PRO B 14 -27.99 6.62 -15.97
N TYR B 15 -28.60 7.66 -15.41
CA TYR B 15 -28.80 7.70 -13.97
C TYR B 15 -29.92 6.79 -13.50
N PHE B 16 -30.77 6.33 -14.42
CA PHE B 16 -31.91 5.50 -14.06
C PHE B 16 -31.51 4.10 -13.62
N LEU B 17 -30.26 3.68 -13.87
CA LEU B 17 -29.70 2.49 -13.24
C LEU B 17 -29.78 2.57 -11.73
N PHE B 18 -29.63 3.78 -11.18
CA PHE B 18 -29.78 4.06 -9.75
C PHE B 18 -31.21 3.93 -9.24
N ILE B 19 -32.20 3.70 -10.11
CA ILE B 19 -33.53 3.46 -9.60
C ILE B 19 -33.65 2.03 -9.08
N ASP B 20 -33.03 1.07 -9.76
CA ASP B 20 -33.06 -0.32 -9.32
C ASP B 20 -31.89 -0.69 -8.43
N VAL B 21 -30.76 0.00 -8.55
CA VAL B 21 -29.55 -0.31 -7.79
C VAL B 21 -29.29 0.83 -6.81
N PRO B 22 -28.91 0.56 -5.56
CA PRO B 22 -28.44 1.64 -4.69
C PRO B 22 -27.14 2.24 -5.18
N ILE B 23 -26.83 3.44 -4.66
CA ILE B 23 -25.69 4.21 -5.14
C ILE B 23 -24.39 3.55 -4.73
N GLN B 24 -24.33 3.02 -3.51
CA GLN B 24 -23.08 2.42 -3.04
C GLN B 24 -22.78 1.11 -3.75
N ALA B 25 -23.82 0.40 -4.19
CA ALA B 25 -23.58 -0.81 -4.97
C ALA B 25 -23.05 -0.49 -6.35
N ALA B 26 -23.58 0.58 -6.97
CA ALA B 26 -23.16 1.01 -8.30
C ALA B 26 -22.23 2.22 -8.25
N ILE B 27 -21.37 2.30 -7.24
CA ILE B 27 -20.52 3.48 -7.09
C ILE B 27 -19.38 3.47 -8.09
N SER B 28 -19.04 2.32 -8.66
CA SER B 28 -17.95 2.22 -9.64
C SER B 28 -18.28 2.92 -10.95
N THR B 29 -19.53 3.25 -11.21
CA THR B 29 -19.89 4.03 -12.36
C THR B 29 -19.73 5.53 -12.13
N THR B 30 -19.52 5.96 -10.89
CA THR B 30 -19.36 7.37 -10.58
C THR B 30 -17.90 7.78 -10.51
N PHE B 31 -16.99 6.93 -10.96
CA PHE B 31 -15.56 7.20 -10.95
C PHE B 31 -15.05 7.17 -12.38
N PRO B 32 -14.94 8.31 -13.05
CA PRO B 32 -14.52 8.32 -14.46
C PRO B 32 -13.02 8.14 -14.63
N TYR B 33 -12.51 6.97 -14.23
CA TYR B 33 -11.08 6.74 -14.24
C TYR B 33 -10.62 6.05 -15.51
N THR B 34 -11.46 5.98 -16.53
CA THR B 34 -11.01 5.65 -17.86
C THR B 34 -10.60 6.87 -18.65
N GLY B 35 -10.85 8.06 -18.11
CA GLY B 35 -10.48 9.30 -18.76
C GLY B 35 -9.09 9.76 -18.38
N VAL B 36 -8.77 10.97 -18.83
CA VAL B 36 -7.44 11.54 -18.69
C VAL B 36 -7.40 12.41 -17.44
N PRO B 37 -6.46 12.21 -16.53
CA PRO B 37 -6.39 13.03 -15.32
C PRO B 37 -5.89 14.43 -15.65
N PRO B 38 -6.19 15.42 -14.81
CA PRO B 38 -5.80 16.80 -15.14
C PRO B 38 -4.35 17.07 -14.77
N TYR B 39 -3.62 17.64 -15.71
CA TYR B 39 -2.22 18.01 -15.52
C TYR B 39 -2.10 19.52 -15.51
N SER B 40 -0.97 19.99 -15.01
CA SER B 40 -0.69 21.43 -14.91
C SER B 40 0.21 21.85 -16.06
N HIS B 41 -0.19 22.91 -16.76
CA HIS B 41 0.59 23.48 -17.85
C HIS B 41 1.15 24.81 -17.39
N GLY B 42 2.47 24.96 -17.47
CA GLY B 42 3.06 26.26 -17.24
C GLY B 42 3.59 26.49 -15.83
N THR B 43 3.39 27.70 -15.32
CA THR B 43 4.03 28.11 -14.08
C THR B 43 3.27 27.57 -12.87
N GLY B 44 3.88 27.74 -11.71
CA GLY B 44 3.26 27.40 -10.46
C GLY B 44 3.47 28.51 -9.45
N THR B 45 3.53 29.74 -9.95
CA THR B 45 3.64 30.91 -9.09
C THR B 45 2.27 31.36 -8.63
N GLY B 46 1.24 31.16 -9.44
CA GLY B 46 -0.09 31.64 -9.09
C GLY B 46 -0.71 30.88 -7.94
N TYR B 47 -0.62 29.55 -7.97
CA TYR B 47 -1.17 28.75 -6.88
C TYR B 47 -0.34 28.86 -5.62
N THR B 48 0.98 29.04 -5.75
CA THR B 48 1.83 29.26 -4.60
C THR B 48 1.53 30.59 -3.92
N ILE B 49 1.37 31.65 -4.71
CA ILE B 49 1.05 32.97 -4.16
C ILE B 49 -0.34 32.97 -3.54
N ASP B 50 -1.30 32.29 -4.17
CA ASP B 50 -2.63 32.17 -3.58
C ASP B 50 -2.61 31.35 -2.30
N THR B 51 -1.70 30.37 -2.20
CA THR B 51 -1.56 29.59 -0.98
C THR B 51 -0.99 30.44 0.16
N VAL B 52 0.03 31.26 -0.13
CA VAL B 52 0.61 32.16 0.86
C VAL B 52 -0.44 33.16 1.36
N ILE B 53 -1.22 33.72 0.43
CA ILE B 53 -2.22 34.72 0.78
C ILE B 53 -3.35 34.09 1.59
N ARG B 54 -3.84 32.92 1.18
CA ARG B 54 -4.94 32.30 1.91
C ARG B 54 -4.48 31.75 3.25
N THR B 55 -3.19 31.41 3.39
CA THR B 55 -2.66 31.01 4.68
C THR B 55 -2.58 32.20 5.62
N HIS B 56 -2.06 33.33 5.16
CA HIS B 56 -2.03 34.51 6.00
C HIS B 56 -3.40 35.17 6.16
N GLU B 57 -4.40 34.78 5.38
CA GLU B 57 -5.71 35.40 5.50
C GLU B 57 -6.47 34.87 6.71
N TYR B 58 -6.29 33.60 7.06
CA TYR B 58 -6.98 33.02 8.20
C TYR B 58 -6.20 33.24 9.49
N SER B 59 -5.08 33.95 9.43
CA SER B 59 -4.22 34.14 10.60
C SER B 59 -3.85 35.60 10.82
N ASN B 60 -4.46 36.54 10.10
CA ASN B 60 -4.00 37.92 10.17
C ASN B 60 -4.48 38.66 11.40
N LYS B 61 -5.34 38.07 12.22
CA LYS B 61 -5.76 38.68 13.48
C LYS B 61 -4.81 38.37 14.63
N GLY B 62 -3.85 37.49 14.43
CA GLY B 62 -2.88 37.18 15.45
C GLY B 62 -1.76 38.19 15.49
N LYS B 63 -0.77 37.90 16.34
CA LYS B 63 0.31 38.84 16.61
C LYS B 63 1.30 38.83 15.45
N GLN B 64 1.35 39.91 14.70
CA GLN B 64 2.32 40.05 13.62
C GLN B 64 3.57 40.72 14.15
N TYR B 65 4.74 40.19 13.80
CA TYR B 65 6.00 40.77 14.25
C TYR B 65 7.06 40.49 13.20
N ILE B 66 8.29 40.87 13.50
CA ILE B 66 9.42 40.71 12.59
C ILE B 66 10.47 39.88 13.31
N SER B 67 10.87 38.77 12.70
CA SER B 67 11.94 37.95 13.24
C SER B 67 13.27 38.68 13.13
N ASP B 68 14.08 38.56 14.18
CA ASP B 68 15.39 39.19 14.21
C ASP B 68 16.50 38.24 13.84
N VAL B 69 16.16 37.03 13.39
CA VAL B 69 17.15 36.10 12.87
C VAL B 69 17.33 36.27 11.37
N THR B 70 16.21 36.25 10.63
CA THR B 70 16.21 36.41 9.18
C THR B 70 15.77 37.80 8.76
N GLY B 71 14.62 38.25 9.24
CA GLY B 71 14.10 39.55 8.85
C GLY B 71 12.72 39.44 8.25
N CYS B 72 12.14 38.25 8.32
CA CYS B 72 10.85 37.99 7.72
C CYS B 72 9.74 38.56 8.59
N THR B 73 8.54 38.65 8.01
CA THR B 73 7.37 39.13 8.74
C THR B 73 6.63 37.91 9.27
N MET B 74 6.90 37.56 10.51
CA MET B 74 6.28 36.40 11.11
C MET B 74 4.90 36.77 11.62
N VAL B 75 4.02 35.76 11.67
CA VAL B 75 2.65 35.94 12.13
C VAL B 75 2.34 34.80 13.10
N ASP B 76 1.80 35.15 14.26
CA ASP B 76 1.51 34.20 15.33
C ASP B 76 0.01 34.16 15.59
N PRO B 77 -0.71 33.21 15.00
CA PRO B 77 -2.15 33.12 15.27
C PRO B 77 -2.50 32.36 16.53
N THR B 78 -1.60 31.53 17.04
CA THR B 78 -1.88 30.72 18.21
C THR B 78 -2.04 31.58 19.45
N ASN B 79 -2.95 31.16 20.34
CA ASN B 79 -3.42 31.93 21.50
C ASN B 79 -3.97 33.29 21.09
N GLY B 80 -4.52 33.40 19.89
CA GLY B 80 -5.12 34.63 19.44
C GLY B 80 -6.57 34.72 19.88
N PRO B 81 -7.34 35.62 19.26
CA PRO B 81 -8.75 35.73 19.62
C PRO B 81 -9.54 34.56 19.07
N LEU B 82 -10.71 34.35 19.65
CA LEU B 82 -11.58 33.31 19.17
C LEU B 82 -12.23 33.73 17.86
N PRO B 83 -12.66 32.77 17.03
CA PRO B 83 -13.38 33.13 15.82
C PRO B 83 -14.76 33.72 16.13
N GLU B 84 -15.25 34.52 15.17
CA GLU B 84 -16.54 35.17 15.28
C GLU B 84 -17.57 34.66 14.29
N ASP B 85 -17.15 33.97 13.24
CA ASP B 85 -18.04 33.49 12.20
C ASP B 85 -17.64 32.07 11.84
N ASN B 86 -18.20 31.55 10.75
CA ASN B 86 -17.88 30.22 10.26
C ASN B 86 -16.76 30.21 9.23
N GLU B 87 -15.96 31.27 9.18
CA GLU B 87 -14.78 31.29 8.33
C GLU B 87 -13.73 30.34 8.88
N PRO B 88 -12.77 29.91 8.04
CA PRO B 88 -11.64 29.14 8.55
C PRO B 88 -10.82 29.93 9.54
N SER B 89 -10.39 29.24 10.59
CA SER B 89 -9.75 29.87 11.74
C SER B 89 -8.48 29.12 12.07
N ALA B 90 -7.38 29.84 12.25
CA ALA B 90 -6.11 29.26 12.60
C ALA B 90 -5.68 29.54 14.03
N TYR B 91 -6.54 30.20 14.81
CA TYR B 91 -6.19 30.62 16.17
C TYR B 91 -6.53 29.48 17.12
N ALA B 92 -5.58 28.57 17.28
CA ALA B 92 -5.74 27.41 18.15
C ALA B 92 -5.37 27.78 19.58
N GLN B 93 -6.28 27.53 20.52
CA GLN B 93 -6.02 27.82 21.92
C GLN B 93 -5.14 26.75 22.53
N LEU B 94 -4.12 27.17 23.28
CA LEU B 94 -3.14 26.23 23.81
C LEU B 94 -3.71 25.39 24.95
N ASP B 95 -4.53 26.00 25.81
CA ASP B 95 -5.09 25.29 26.96
C ASP B 95 -6.04 24.20 26.53
N CYS B 96 -6.76 24.40 25.42
CA CYS B 96 -7.64 23.35 24.92
C CYS B 96 -6.86 22.18 24.34
N VAL B 97 -5.73 22.48 23.68
CA VAL B 97 -4.87 21.42 23.14
C VAL B 97 -4.26 20.61 24.27
N LEU B 98 -3.77 21.28 25.30
CA LEU B 98 -3.17 20.56 26.43
C LEU B 98 -4.22 19.79 27.23
N GLU B 99 -5.46 20.29 27.30
CA GLU B 99 -6.49 19.53 27.99
C GLU B 99 -6.94 18.31 27.18
N ALA B 100 -6.96 18.43 25.86
CA ALA B 100 -7.28 17.27 25.03
C ALA B 100 -6.20 16.20 25.13
N LEU B 101 -4.93 16.64 25.21
CA LEU B 101 -3.86 15.67 25.47
C LEU B 101 -3.90 15.13 26.89
N ASP B 102 -4.45 15.89 27.84
CA ASP B 102 -4.68 15.35 29.18
C ASP B 102 -5.71 14.23 29.18
N ARG B 103 -6.81 14.43 28.45
CA ARG B 103 -7.82 13.37 28.31
C ARG B 103 -7.25 12.16 27.61
N MET B 104 -6.47 12.36 26.55
CA MET B 104 -5.92 11.24 25.79
C MET B 104 -4.77 10.56 26.51
N ASP B 105 -4.15 11.20 27.49
CA ASP B 105 -3.16 10.55 28.33
C ASP B 105 -3.80 9.85 29.52
N GLU B 106 -4.95 10.34 30.00
CA GLU B 106 -5.69 9.62 31.01
C GLU B 106 -6.27 8.33 30.45
N GLU B 107 -6.81 8.38 29.24
CA GLU B 107 -7.55 7.24 28.70
C GLU B 107 -6.64 6.08 28.31
N HIS B 108 -5.42 6.38 27.85
CA HIS B 108 -4.42 5.38 27.51
C HIS B 108 -3.20 5.63 28.39
N PRO B 109 -3.19 5.07 29.60
CA PRO B 109 -2.10 5.40 30.53
C PRO B 109 -0.79 4.71 30.15
N GLY B 110 0.28 5.48 30.20
CA GLY B 110 1.59 4.96 29.84
C GLY B 110 1.89 4.96 28.36
N LEU B 111 1.02 5.55 27.54
CA LEU B 111 1.19 5.50 26.09
C LEU B 111 2.27 6.46 25.62
N PHE B 112 2.29 7.68 26.18
CA PHE B 112 3.20 8.71 25.71
C PHE B 112 4.66 8.36 26.05
N GLN B 113 4.90 7.87 27.26
CA GLN B 113 6.27 7.54 27.65
C GLN B 113 6.76 6.29 26.92
N ALA B 114 5.86 5.37 26.59
CA ALA B 114 6.25 4.19 25.82
C ALA B 114 6.59 4.56 24.39
N ALA B 115 5.80 5.46 23.78
CA ALA B 115 6.09 5.92 22.43
C ALA B 115 7.37 6.75 22.39
N SER B 116 7.63 7.55 23.42
CA SER B 116 8.84 8.34 23.45
C SER B 116 10.06 7.47 23.67
N GLN B 117 9.93 6.42 24.50
CA GLN B 117 11.03 5.47 24.68
C GLN B 117 11.33 4.72 23.39
N ASN B 118 10.29 4.29 22.67
CA ASN B 118 10.52 3.57 21.43
C ASN B 118 11.11 4.46 20.35
N ALA B 119 10.67 5.73 20.28
CA ALA B 119 11.21 6.63 19.28
C ALA B 119 12.64 7.02 19.59
N MET B 120 12.98 7.16 20.88
CA MET B 120 14.35 7.48 21.24
C MET B 120 15.26 6.29 21.05
N GLU B 121 14.75 5.08 21.27
CA GLU B 121 15.54 3.88 20.99
C GLU B 121 15.72 3.67 19.49
N THR B 122 14.73 4.05 18.68
CA THR B 122 14.87 3.95 17.23
C THR B 122 15.83 5.01 16.71
N LEU B 123 15.89 6.18 17.35
CA LEU B 123 16.75 7.25 16.89
C LEU B 123 18.22 6.96 17.17
N MET B 124 18.54 6.27 18.26
CA MET B 124 19.93 6.02 18.62
C MET B 124 20.59 4.97 17.73
N VAL B 125 19.83 4.25 16.92
CA VAL B 125 20.39 3.26 16.01
C VAL B 125 20.35 3.73 14.56
N THR B 126 19.51 4.72 14.22
CA THR B 126 19.29 5.11 12.84
C THR B 126 20.52 5.80 12.26
N THR B 127 20.93 5.37 11.07
CA THR B 127 22.06 5.97 10.38
C THR B 127 21.58 7.03 9.40
N VAL B 128 22.52 7.63 8.68
CA VAL B 128 22.20 8.73 7.78
C VAL B 128 21.62 8.26 6.45
N ASP B 129 21.75 6.98 6.13
CA ASP B 129 21.22 6.44 4.87
C ASP B 129 19.70 6.45 4.84
N LYS B 130 19.06 6.59 6.00
CA LYS B 130 17.62 6.84 6.07
C LYS B 130 17.23 8.13 5.35
N LEU B 131 18.15 9.08 5.25
CA LEU B 131 17.95 10.29 4.45
C LEU B 131 18.26 10.10 2.97
N THR B 132 18.33 8.87 2.46
CA THR B 132 18.29 8.64 1.03
C THR B 132 16.96 8.07 0.57
N GLN B 133 15.99 7.95 1.46
CA GLN B 133 14.68 7.42 1.11
C GLN B 133 13.67 8.55 0.88
N GLY B 134 13.98 9.37 -0.13
CA GLY B 134 13.08 10.42 -0.54
C GLY B 134 13.09 10.56 -2.04
N ARG B 135 12.03 11.15 -2.57
CA ARG B 135 11.87 11.22 -4.02
C ARG B 135 12.69 12.37 -4.60
N GLN B 136 12.34 13.61 -4.25
CA GLN B 136 13.00 14.79 -4.80
C GLN B 136 13.15 15.82 -3.70
N THR B 137 14.40 16.11 -3.34
CA THR B 137 14.74 16.97 -2.22
C THR B 137 15.22 18.32 -2.74
N PHE B 138 14.76 19.40 -2.10
CA PHE B 138 15.26 20.73 -2.40
C PHE B 138 16.71 20.85 -1.95
N ASP B 139 17.61 21.03 -2.91
CA ASP B 139 19.02 21.23 -2.61
C ASP B 139 19.33 22.72 -2.53
N TRP B 140 19.97 23.11 -1.42
CA TRP B 140 20.30 24.48 -1.12
C TRP B 140 21.61 24.92 -1.75
N THR B 141 22.50 24.00 -2.12
CA THR B 141 23.74 24.37 -2.78
C THR B 141 23.52 24.77 -4.22
N VAL B 142 22.42 24.35 -4.82
CA VAL B 142 22.05 24.78 -6.18
C VAL B 142 20.73 25.52 -6.22
N CYS B 143 20.00 25.58 -5.10
CA CYS B 143 18.66 26.16 -4.98
C CYS B 143 17.69 25.54 -5.99
N ARG B 144 17.72 24.21 -6.08
CA ARG B 144 16.94 23.50 -7.07
C ARG B 144 16.36 22.25 -6.42
N ASN B 145 15.88 21.33 -7.23
CA ASN B 145 15.50 20.01 -6.77
C ASN B 145 16.51 19.00 -7.30
N GLN B 146 17.13 18.26 -6.39
CA GLN B 146 17.99 17.15 -6.75
C GLN B 146 17.32 15.92 -6.17
N PRO B 147 17.75 14.70 -6.49
CA PRO B 147 17.26 13.54 -5.72
C PRO B 147 17.80 13.56 -4.30
N ALA B 148 17.25 12.66 -3.47
CA ALA B 148 17.52 12.71 -2.04
C ALA B 148 18.95 12.29 -1.72
N ALA B 149 19.45 11.26 -2.40
CA ALA B 149 20.83 10.83 -2.19
C ALA B 149 21.81 11.86 -2.73
N THR B 150 21.47 12.52 -3.84
CA THR B 150 22.33 13.57 -4.39
C THR B 150 22.37 14.79 -3.49
N ALA B 151 21.21 15.18 -2.94
CA ALA B 151 21.16 16.32 -2.03
C ALA B 151 21.91 16.01 -0.73
N LEU B 152 21.76 14.79 -0.22
CA LEU B 152 22.48 14.40 0.99
C LEU B 152 23.98 14.35 0.76
N ASN B 153 24.42 13.86 -0.40
CA ASN B 153 25.85 13.76 -0.67
C ASN B 153 26.47 15.13 -0.88
N THR B 154 25.75 16.04 -1.55
CA THR B 154 26.26 17.40 -1.71
C THR B 154 26.31 18.13 -0.37
N THR B 155 25.36 17.86 0.53
CA THR B 155 25.38 18.46 1.85
C THR B 155 26.55 17.93 2.69
N ILE B 156 26.85 16.64 2.61
CA ILE B 156 27.95 16.08 3.38
C ILE B 156 29.29 16.58 2.85
N THR B 157 29.48 16.55 1.52
CA THR B 157 30.72 17.05 0.95
C THR B 157 30.86 18.57 1.05
N SER B 158 29.77 19.29 1.28
CA SER B 158 29.85 20.72 1.54
C SER B 158 30.07 21.03 3.01
N PHE B 159 29.57 20.20 3.91
CA PHE B 159 29.84 20.39 5.33
C PHE B 159 31.27 20.03 5.67
N ARG B 160 31.91 19.18 4.87
CA ARG B 160 33.32 18.86 5.12
C ARG B 160 34.23 20.07 4.89
N LEU B 161 33.83 21.01 4.05
CA LEU B 161 34.64 22.20 3.84
C LEU B 161 34.57 23.15 5.02
N ASN B 162 33.42 23.23 5.68
CA ASN B 162 33.20 24.11 6.82
C ASN B 162 33.53 23.44 8.15
N ASP B 163 34.39 22.41 8.13
CA ASP B 163 34.87 21.69 9.32
C ASP B 163 33.73 21.11 10.14
N LEU B 164 32.73 20.55 9.46
CA LEU B 164 31.64 19.84 10.11
C LEU B 164 31.75 18.38 9.69
N ASN B 165 32.59 17.63 10.40
CA ASN B 165 32.89 16.25 10.04
C ASN B 165 32.03 15.25 10.78
N GLY B 166 30.88 15.67 11.30
CA GLY B 166 30.06 14.79 12.09
C GLY B 166 29.24 13.79 11.32
N ALA B 167 29.34 13.76 10.00
CA ALA B 167 28.71 12.73 9.20
C ALA B 167 29.54 11.47 9.10
N ASP B 168 30.82 11.55 9.45
CA ASP B 168 31.70 10.39 9.50
C ASP B 168 31.63 9.66 10.83
N LYS B 169 30.72 10.06 11.72
CA LYS B 169 30.46 9.33 12.95
C LYS B 169 29.38 8.28 12.78
N GLY B 170 28.87 8.12 11.57
CA GLY B 170 27.91 7.05 11.28
C GLY B 170 26.45 7.33 11.52
N GLY B 171 26.12 7.86 12.69
CA GLY B 171 24.73 7.94 13.12
C GLY B 171 24.01 9.13 12.55
N LEU B 172 22.75 9.27 12.98
CA LEU B 172 21.92 10.39 12.60
C LEU B 172 22.08 11.58 13.54
N ILE B 173 22.27 11.33 14.83
CA ILE B 173 22.36 12.35 15.86
C ILE B 173 23.58 13.27 15.68
N PRO B 174 24.81 12.80 15.39
CA PRO B 174 25.87 13.77 15.05
C PRO B 174 25.65 14.51 13.74
N PHE B 175 24.87 13.96 12.80
CA PHE B 175 24.58 14.70 11.58
C PHE B 175 23.61 15.84 11.84
N CYS B 176 22.61 15.60 12.69
CA CYS B 176 21.70 16.68 13.07
C CYS B 176 22.39 17.71 13.97
N GLN B 177 23.35 17.26 14.77
CA GLN B 177 24.20 18.19 15.50
C GLN B 177 25.03 19.05 14.55
N ASP B 178 25.53 18.47 13.47
CA ASP B 178 26.21 19.24 12.43
C ASP B 178 25.28 20.22 11.73
N ILE B 179 24.01 19.82 11.55
CA ILE B 179 23.02 20.69 10.93
C ILE B 179 22.81 21.94 11.78
N ILE B 180 22.55 21.76 13.08
CA ILE B 180 22.34 22.93 13.92
C ILE B 180 23.64 23.61 14.34
N ASP B 181 24.80 23.01 14.07
CA ASP B 181 26.06 23.73 14.20
C ASP B 181 26.46 24.44 12.91
N SER B 182 25.72 24.22 11.83
CA SER B 182 25.93 24.99 10.61
C SER B 182 25.19 26.31 10.66
N LEU B 183 24.08 26.38 11.39
CA LEU B 183 23.30 27.61 11.48
C LEU B 183 24.02 28.70 12.24
N ASP B 184 25.03 28.35 13.05
CA ASP B 184 25.81 29.32 13.80
C ASP B 184 27.21 29.50 13.20
N ARG B 185 27.34 29.38 11.89
CA ARG B 185 28.55 29.65 11.13
C ARG B 185 28.50 31.05 10.55
N PRO B 186 29.61 31.80 10.58
CA PRO B 186 29.57 33.14 9.98
C PRO B 186 29.51 33.13 8.46
N GLU B 187 30.13 32.15 7.80
CA GLU B 187 30.10 32.06 6.35
C GLU B 187 30.12 30.58 5.96
N MET B 188 29.26 30.19 5.02
CA MET B 188 29.26 28.83 4.52
C MET B 188 29.97 28.76 3.18
N THR B 189 30.61 27.62 2.92
CA THR B 189 31.30 27.37 1.68
C THR B 189 30.81 26.04 1.13
N PHE B 190 30.48 25.99 -0.16
CA PHE B 190 29.91 24.77 -0.70
C PHE B 190 30.31 24.61 -2.16
N PHE B 191 29.79 23.56 -2.78
CA PHE B 191 30.02 23.28 -4.19
C PHE B 191 28.77 23.63 -4.98
N SER B 192 28.88 24.62 -5.85
CA SER B 192 27.79 25.03 -6.71
C SER B 192 28.04 24.53 -8.13
N VAL B 193 27.04 24.71 -9.00
CA VAL B 193 27.12 24.33 -10.40
C VAL B 193 26.73 25.52 -11.23
N LYS B 194 27.65 26.01 -12.06
CA LYS B 194 27.31 27.07 -13.00
C LYS B 194 27.43 26.47 -14.40
N ASN B 195 27.28 27.31 -15.42
CA ASN B 195 27.38 26.78 -16.78
C ASN B 195 28.02 27.79 -17.72
N ILE B 196 28.42 27.28 -18.87
CA ILE B 196 28.83 28.09 -20.01
C ILE B 196 27.69 28.08 -21.01
N LYS B 197 27.19 29.26 -21.37
CA LYS B 197 26.12 29.39 -22.35
C LYS B 197 26.76 29.67 -23.71
N LYS B 198 27.20 28.59 -24.36
CA LYS B 198 27.87 28.68 -25.64
C LYS B 198 26.87 29.03 -26.75
N LYS B 199 27.29 29.91 -27.65
CA LYS B 199 26.50 30.28 -28.81
C LYS B 199 26.91 29.42 -30.00
N LEU B 200 25.92 28.93 -30.74
CA LEU B 200 26.18 28.04 -31.86
C LEU B 200 25.32 28.45 -33.05
N PRO B 201 25.81 28.27 -34.27
CA PRO B 201 24.96 28.54 -35.43
C PRO B 201 23.90 27.46 -35.61
N ALA B 202 22.75 27.88 -36.15
CA ALA B 202 21.65 26.97 -36.40
C ALA B 202 20.85 27.51 -37.58
N LYS B 203 19.67 26.91 -37.81
CA LYS B 203 18.75 27.33 -38.88
C LYS B 203 17.33 27.22 -38.32
N ASN B 204 16.82 28.33 -37.80
CA ASN B 204 15.46 28.43 -37.27
C ASN B 204 15.05 29.90 -37.34
N ARG B 205 14.01 30.27 -36.59
CA ARG B 205 13.51 31.64 -36.63
C ARG B 205 14.51 32.61 -36.00
N LYS B 206 15.03 32.29 -34.82
CA LYS B 206 15.95 33.19 -34.14
C LYS B 206 17.34 33.16 -34.77
N GLY B 207 17.74 32.00 -35.30
CA GLY B 207 18.98 31.91 -36.05
C GLY B 207 20.07 31.10 -35.37
N PHE B 208 20.24 31.28 -34.06
CA PHE B 208 21.32 30.62 -33.35
C PHE B 208 20.76 29.79 -32.19
N LEU B 209 21.64 29.00 -31.59
CA LEU B 209 21.29 28.07 -30.52
C LEU B 209 22.14 28.37 -29.30
N ILE B 210 21.54 28.23 -28.13
CA ILE B 210 22.17 28.51 -26.85
C ILE B 210 22.38 27.17 -26.16
N LYS B 211 23.62 26.68 -26.14
CA LYS B 211 23.94 25.39 -25.55
C LYS B 211 24.49 25.63 -24.14
N ARG B 212 23.82 25.08 -23.14
CA ARG B 212 24.19 25.29 -21.75
C ARG B 212 24.99 24.08 -21.25
N ILE B 213 26.29 24.27 -21.05
CA ILE B 213 27.17 23.20 -20.60
C ILE B 213 27.48 23.43 -19.11
N PRO B 214 26.96 22.62 -18.20
CA PRO B 214 27.18 22.86 -16.77
C PRO B 214 28.43 22.22 -16.20
N MET B 215 29.10 22.96 -15.32
CA MET B 215 30.27 22.46 -14.61
C MET B 215 30.26 22.98 -13.18
N LYS B 216 30.97 22.25 -12.32
CA LYS B 216 30.89 22.41 -10.87
C LYS B 216 32.02 23.31 -10.39
N VAL B 217 31.66 24.37 -9.67
CA VAL B 217 32.62 25.32 -9.09
C VAL B 217 32.41 25.38 -7.58
N LYS B 218 33.20 26.19 -6.90
CA LYS B 218 33.10 26.38 -5.46
C LYS B 218 32.53 27.76 -5.16
N ASP B 219 31.57 27.80 -4.24
CA ASP B 219 30.83 29.01 -3.91
C ASP B 219 30.92 29.27 -2.43
N LYS B 220 30.60 30.51 -2.05
CA LYS B 220 30.68 30.95 -0.65
C LYS B 220 29.51 31.89 -0.39
N ILE B 221 28.72 31.58 0.61
CA ILE B 221 27.52 32.33 0.95
C ILE B 221 27.65 32.82 2.38
N THR B 222 26.92 33.89 2.71
CA THR B 222 27.03 34.46 4.04
C THR B 222 26.12 33.72 5.00
N LYS B 223 26.04 34.20 6.24
CA LYS B 223 25.31 33.46 7.27
C LYS B 223 23.80 33.54 7.05
N VAL B 224 23.26 34.76 6.94
CA VAL B 224 21.81 34.95 6.91
C VAL B 224 21.21 34.39 5.63
N GLU B 225 21.96 34.44 4.52
CA GLU B 225 21.52 33.80 3.30
C GLU B 225 21.50 32.29 3.44
N TYR B 226 22.41 31.73 4.25
CA TYR B 226 22.34 30.30 4.54
C TYR B 226 21.13 29.97 5.41
N ILE B 227 20.80 30.82 6.38
CA ILE B 227 19.64 30.55 7.23
C ILE B 227 18.36 30.66 6.40
N LYS B 228 18.35 31.53 5.39
CA LYS B 228 17.18 31.63 4.52
C LYS B 228 17.11 30.46 3.56
N ARG B 229 18.26 29.95 3.09
CA ARG B 229 18.24 28.80 2.18
C ARG B 229 17.89 27.51 2.90
N ALA B 230 18.39 27.34 4.12
CA ALA B 230 18.15 26.12 4.87
C ALA B 230 16.72 26.01 5.38
N LEU B 231 16.03 27.12 5.52
CA LEU B 231 14.63 27.12 5.92
C LEU B 231 13.67 27.17 4.74
N SER B 232 14.19 27.09 3.52
CA SER B 232 13.37 27.30 2.33
C SER B 232 12.68 26.03 1.90
N LEU B 233 11.46 26.18 1.38
CA LEU B 233 10.75 25.15 0.67
C LEU B 233 10.78 25.47 -0.81
N ASN B 234 10.66 24.45 -1.65
CA ASN B 234 10.52 24.62 -3.09
C ASN B 234 9.12 24.25 -3.47
N THR B 235 8.43 25.15 -4.17
CA THR B 235 7.01 24.98 -4.44
C THR B 235 6.78 24.59 -5.90
N MET B 236 5.80 23.71 -6.12
CA MET B 236 5.41 23.28 -7.45
C MET B 236 3.91 23.01 -7.43
N THR B 237 3.39 22.46 -8.52
CA THR B 237 1.98 22.12 -8.64
C THR B 237 1.83 20.62 -8.82
N LYS B 238 0.76 20.06 -8.26
CA LYS B 238 0.54 18.63 -8.31
C LYS B 238 -0.25 18.24 -9.54
N ASP B 239 0.23 17.23 -10.25
CA ASP B 239 -0.37 16.72 -11.47
C ASP B 239 -1.12 15.43 -11.20
N ALA B 240 -1.97 15.06 -12.18
CA ALA B 240 -2.74 13.82 -12.20
C ALA B 240 -3.68 13.68 -11.00
N GLU B 241 -4.09 14.80 -10.42
CA GLU B 241 -4.98 14.76 -9.28
C GLU B 241 -6.41 14.61 -9.78
N ARG B 242 -6.98 13.43 -9.58
CA ARG B 242 -8.36 13.18 -9.97
C ARG B 242 -9.30 13.63 -8.85
N GLY B 243 -10.48 14.09 -9.25
CA GLY B 243 -11.50 14.49 -8.31
C GLY B 243 -11.57 15.97 -8.02
N LYS B 244 -10.72 16.78 -8.62
CA LYS B 244 -10.70 18.22 -8.40
C LYS B 244 -10.85 18.94 -9.73
N LEU B 245 -11.39 20.17 -9.66
CA LEU B 245 -11.53 21.01 -10.83
C LEU B 245 -10.32 21.90 -11.04
N LYS B 246 -9.81 22.51 -9.98
CA LYS B 246 -8.67 23.42 -10.06
C LYS B 246 -7.46 22.80 -9.39
N ARG B 247 -6.27 23.27 -9.77
CA ARG B 247 -5.04 22.70 -9.27
C ARG B 247 -4.69 23.29 -7.91
N ARG B 248 -3.61 22.79 -7.33
CA ARG B 248 -3.12 23.27 -6.04
C ARG B 248 -1.61 23.22 -6.03
N ALA B 249 -1.02 23.85 -5.02
CA ALA B 249 0.42 23.92 -4.86
C ALA B 249 0.87 22.99 -3.76
N ILE B 250 2.06 22.41 -3.94
CA ILE B 250 2.71 21.57 -2.95
C ILE B 250 4.13 22.09 -2.78
N ALA B 251 4.76 21.65 -1.70
CA ALA B 251 6.09 22.14 -1.34
C ALA B 251 7.02 20.98 -1.03
N THR B 252 8.30 21.29 -0.98
CA THR B 252 9.36 20.32 -0.79
C THR B 252 10.39 20.89 0.17
N ALA B 253 10.68 20.16 1.24
CA ALA B 253 11.63 20.62 2.24
C ALA B 253 13.04 20.19 1.88
N GLY B 254 14.01 20.86 2.50
CA GLY B 254 15.40 20.60 2.24
C GLY B 254 15.91 19.38 2.99
N ILE B 255 17.23 19.19 2.93
CA ILE B 255 17.83 18.07 3.64
C ILE B 255 18.02 18.39 5.11
N GLN B 256 17.99 19.66 5.48
CA GLN B 256 18.18 20.10 6.86
C GLN B 256 16.89 20.11 7.64
N ILE B 257 15.84 19.50 7.10
CA ILE B 257 14.52 19.48 7.72
C ILE B 257 14.01 18.06 7.89
N ARG B 258 14.16 17.22 6.86
CA ARG B 258 13.66 15.85 6.87
C ARG B 258 14.34 15.01 7.94
N GLY B 259 15.62 15.30 8.23
CA GLY B 259 16.34 14.61 9.28
C GLY B 259 15.77 14.80 10.68
N PHE B 260 15.02 15.87 10.90
CA PHE B 260 14.28 16.06 12.13
C PHE B 260 12.83 15.66 12.02
N VAL B 261 12.24 15.72 10.82
CA VAL B 261 10.84 15.32 10.67
C VAL B 261 10.68 13.82 10.86
N LEU B 262 11.73 13.03 10.56
CA LEU B 262 11.69 11.57 10.70
C LEU B 262 11.35 11.14 12.13
N VAL B 263 11.98 11.76 13.12
CA VAL B 263 11.81 11.36 14.51
C VAL B 263 10.43 11.72 15.02
N VAL B 264 9.92 12.88 14.63
CA VAL B 264 8.61 13.33 15.11
C VAL B 264 7.50 12.50 14.48
N GLU B 265 7.66 12.15 13.20
CA GLU B 265 6.69 11.27 12.56
C GLU B 265 6.76 9.85 13.11
N ASN B 266 7.95 9.39 13.53
CA ASN B 266 8.06 8.07 14.15
C ASN B 266 7.40 8.06 15.53
N LEU B 267 7.59 9.12 16.30
CA LEU B 267 6.92 9.29 17.59
C LEU B 267 5.40 9.27 17.43
N ALA B 268 4.90 10.06 16.48
CA ALA B 268 3.46 10.11 16.25
C ALA B 268 2.92 8.83 15.65
N LYS B 269 3.76 8.08 14.93
CA LYS B 269 3.34 6.77 14.42
C LYS B 269 3.20 5.76 15.56
N ASN B 270 4.13 5.78 16.51
CA ASN B 270 4.01 4.93 17.70
C ASN B 270 2.78 5.29 18.52
N ILE B 271 2.40 6.57 18.54
CA ILE B 271 1.16 6.93 19.24
C ILE B 271 -0.06 6.48 18.44
N CYS B 272 -0.02 6.64 17.11
CA CYS B 272 -1.20 6.36 16.28
C CYS B 272 -1.48 4.87 16.15
N GLU B 273 -0.45 4.02 16.29
CA GLU B 273 -0.65 2.58 16.19
C GLU B 273 -1.52 2.05 17.32
N ASN B 274 -1.55 2.72 18.46
CA ASN B 274 -2.18 2.21 19.67
C ASN B 274 -3.44 2.98 20.04
N LEU B 275 -3.95 3.84 19.16
CA LEU B 275 -5.23 4.51 19.36
C LEU B 275 -6.30 3.74 18.61
N GLU B 276 -7.41 3.44 19.31
CA GLU B 276 -8.47 2.65 18.72
C GLU B 276 -9.24 3.40 17.65
N GLN B 277 -9.21 4.73 17.68
CA GLN B 277 -10.09 5.57 16.88
C GLN B 277 -9.34 6.32 15.79
N SER B 278 -8.40 5.65 15.14
CA SER B 278 -7.62 6.25 14.07
C SER B 278 -7.76 5.42 12.80
N GLY B 279 -7.09 5.89 11.74
CA GLY B 279 -7.07 5.19 10.48
C GLY B 279 -5.67 5.19 9.89
N LEU B 280 -4.68 5.32 10.76
CA LEU B 280 -3.28 5.33 10.42
C LEU B 280 -2.52 4.59 11.51
N PRO B 281 -1.44 3.88 11.18
CA PRO B 281 -0.89 3.61 9.85
C PRO B 281 -1.38 2.29 9.27
N VAL B 282 -2.65 1.96 9.47
CA VAL B 282 -3.24 0.78 8.86
C VAL B 282 -3.48 1.06 7.38
N GLY B 283 -3.79 0.02 6.61
CA GLY B 283 -4.10 0.20 5.21
C GLY B 283 -4.41 -1.12 4.53
N GLY B 284 -5.39 -1.13 3.64
CA GLY B 284 -5.74 -2.35 2.93
C GLY B 284 -6.89 -3.07 3.57
N ASN B 285 -6.85 -4.40 3.60
CA ASN B 285 -7.89 -5.18 4.28
C ASN B 285 -7.76 -5.10 5.79
N GLU B 286 -6.56 -4.78 6.28
CA GLU B 286 -6.34 -4.52 7.69
C GLU B 286 -7.18 -3.35 8.18
N LYS B 287 -7.16 -2.26 7.41
CA LYS B 287 -7.96 -1.09 7.72
C LYS B 287 -9.44 -1.37 7.58
N LYS B 288 -9.83 -2.23 6.63
CA LYS B 288 -11.24 -2.58 6.48
C LYS B 288 -11.75 -3.38 7.67
N ALA B 289 -10.95 -4.35 8.14
CA ALA B 289 -11.34 -5.12 9.32
C ALA B 289 -11.38 -4.26 10.57
N LYS B 290 -10.41 -3.34 10.71
CA LYS B 290 -10.40 -2.46 11.87
C LYS B 290 -11.60 -1.52 11.87
N LEU B 291 -11.93 -0.93 10.72
CA LEU B 291 -13.07 -0.03 10.67
C LEU B 291 -14.38 -0.76 10.82
N SER B 292 -14.48 -2.00 10.33
CA SER B 292 -15.71 -2.76 10.53
C SER B 292 -15.91 -3.15 11.98
N ASN B 293 -14.80 -3.52 12.66
CA ASN B 293 -14.87 -3.79 14.10
C ASN B 293 -15.27 -2.55 14.89
N ALA B 294 -14.73 -1.38 14.50
CA ALA B 294 -15.06 -0.15 15.21
C ALA B 294 -16.50 0.27 14.99
N VAL B 295 -17.00 0.10 13.77
CA VAL B 295 -18.39 0.45 13.47
C VAL B 295 -19.35 -0.50 14.19
N ALA B 296 -18.98 -1.79 14.28
CA ALA B 296 -19.83 -2.73 15.02
C ALA B 296 -19.81 -2.45 16.52
N LYS B 297 -18.66 -2.05 17.08
CA LYS B 297 -18.60 -1.71 18.49
C LYS B 297 -19.39 -0.43 18.79
N MET B 298 -19.30 0.57 17.92
CA MET B 298 -20.10 1.77 18.11
C MET B 298 -21.57 1.57 17.76
N LEU B 299 -21.90 0.48 17.06
CA LEU B 299 -23.29 0.17 16.77
C LEU B 299 -23.93 -0.59 17.92
N SER B 300 -23.17 -1.44 18.62
CA SER B 300 -23.72 -2.13 19.78
C SER B 300 -23.67 -1.28 21.05
N ASN B 301 -23.03 -0.11 21.00
CA ASN B 301 -22.91 0.78 22.14
C ASN B 301 -24.06 1.78 22.23
N CYS B 302 -25.08 1.63 21.38
CA CYS B 302 -26.19 2.56 21.37
C CYS B 302 -27.09 2.32 22.58
N PRO B 303 -27.64 3.36 23.19
CA PRO B 303 -28.56 3.17 24.32
C PRO B 303 -29.87 2.56 23.86
N PRO B 304 -30.61 1.90 24.76
CA PRO B 304 -31.91 1.34 24.37
C PRO B 304 -32.95 2.41 24.09
N GLY B 305 -33.30 2.57 22.83
CA GLY B 305 -34.28 3.55 22.43
C GLY B 305 -33.72 4.86 21.94
N GLY B 306 -32.41 5.01 21.92
CA GLY B 306 -31.80 6.24 21.47
C GLY B 306 -31.66 6.30 19.96
N ILE B 307 -30.88 7.26 19.50
CA ILE B 307 -30.61 7.47 18.09
C ILE B 307 -29.11 7.71 17.94
N SER B 308 -28.49 6.98 17.01
CA SER B 308 -27.08 7.13 16.69
C SER B 308 -26.95 7.74 15.30
N MET B 309 -26.41 8.95 15.23
CA MET B 309 -26.16 9.63 13.97
C MET B 309 -24.71 9.45 13.57
N THR B 310 -24.46 9.53 12.26
CA THR B 310 -23.12 9.42 11.72
C THR B 310 -22.88 10.60 10.79
N VAL B 311 -21.83 11.34 11.07
CA VAL B 311 -21.40 12.46 10.26
C VAL B 311 -20.27 11.99 9.36
N THR B 312 -20.52 12.01 8.06
CA THR B 312 -19.50 11.84 7.04
C THR B 312 -18.94 13.22 6.76
N GLY B 313 -17.68 13.45 7.12
CA GLY B 313 -17.15 14.80 7.16
C GLY B 313 -15.85 14.92 6.38
N ASP B 314 -15.36 16.15 6.34
CA ASP B 314 -14.07 16.51 5.78
C ASP B 314 -13.72 17.88 6.33
N ASN B 315 -12.44 18.13 6.53
CA ASN B 315 -11.98 19.41 7.05
C ASN B 315 -11.47 20.26 5.91
N THR B 316 -11.92 21.51 5.85
CA THR B 316 -11.39 22.45 4.87
C THR B 316 -10.17 23.14 5.45
N LYS B 317 -9.20 23.39 4.57
CA LYS B 317 -7.95 24.10 4.88
C LYS B 317 -7.18 23.40 6.00
N TRP B 318 -6.77 22.17 5.72
CA TRP B 318 -6.02 21.43 6.72
C TRP B 318 -4.58 21.90 6.80
N ASN B 319 -3.92 22.03 5.66
CA ASN B 319 -2.55 22.55 5.65
C ASN B 319 -2.50 24.05 5.84
N GLU B 320 -3.62 24.74 5.66
CA GLU B 320 -3.64 26.20 5.71
C GLU B 320 -4.07 26.75 7.06
N CYS B 321 -4.50 25.91 7.98
CA CYS B 321 -4.96 26.39 9.27
C CYS B 321 -4.31 25.69 10.47
N LEU B 322 -3.59 24.60 10.26
CA LEU B 322 -2.83 24.04 11.35
C LEU B 322 -1.59 24.89 11.60
N ASN B 323 -0.94 24.68 12.74
CA ASN B 323 0.17 25.54 13.08
C ASN B 323 1.31 24.73 13.65
N PRO B 324 2.55 25.08 13.31
CA PRO B 324 3.70 24.43 13.96
C PRO B 324 3.90 24.84 15.40
N ARG B 325 3.31 25.94 15.85
CA ARG B 325 3.37 26.30 17.26
C ARG B 325 2.45 25.46 18.12
N ILE B 326 1.52 24.73 17.51
CA ILE B 326 0.76 23.70 18.21
C ILE B 326 1.52 22.39 18.24
N PHE B 327 2.24 22.08 17.15
CA PHE B 327 3.03 20.86 17.10
C PHE B 327 4.23 20.92 18.02
N LEU B 328 4.79 22.11 18.25
CA LEU B 328 5.84 22.27 19.24
C LEU B 328 5.34 21.96 20.64
N ALA B 329 4.13 22.42 20.97
CA ALA B 329 3.54 22.10 22.26
C ALA B 329 3.15 20.65 22.37
N MET B 330 2.78 20.02 21.26
CA MET B 330 2.45 18.60 21.30
C MET B 330 3.70 17.75 21.52
N THR B 331 4.82 18.10 20.89
CA THR B 331 6.05 17.37 21.20
C THR B 331 6.62 17.75 22.55
N GLU B 332 6.22 18.88 23.13
CA GLU B 332 6.63 19.16 24.50
C GLU B 332 5.79 18.42 25.52
N ARG B 333 4.52 18.16 25.22
CA ARG B 333 3.67 17.46 26.18
C ARG B 333 3.71 15.94 26.00
N ILE B 334 4.02 15.45 24.81
CA ILE B 334 4.13 14.01 24.60
C ILE B 334 5.42 13.49 25.22
N THR B 335 6.52 14.19 25.04
CA THR B 335 7.80 13.76 25.56
C THR B 335 8.07 14.33 26.96
N ARG B 336 7.13 14.15 27.89
CA ARG B 336 7.21 14.81 29.18
C ARG B 336 8.06 14.05 30.19
N ASP B 337 8.68 12.94 29.80
CA ASP B 337 9.50 12.17 30.71
C ASP B 337 10.83 11.74 30.11
N SER B 338 11.06 11.99 28.82
CA SER B 338 12.30 11.63 28.18
C SER B 338 13.43 12.54 28.68
N PRO B 339 14.69 12.14 28.48
CA PRO B 339 15.79 13.05 28.82
C PRO B 339 15.78 14.31 27.98
N ILE B 340 16.56 15.30 28.46
CA ILE B 340 16.44 16.67 27.98
C ILE B 340 16.97 16.79 26.55
N TRP B 341 17.96 15.97 26.18
CA TRP B 341 18.49 15.98 24.83
C TRP B 341 17.44 15.50 23.83
N PHE B 342 16.61 14.53 24.20
CA PHE B 342 15.59 14.05 23.29
C PHE B 342 14.46 15.07 23.15
N ARG B 343 14.19 15.84 24.20
CA ARG B 343 13.17 16.87 24.11
C ARG B 343 13.64 18.02 23.23
N ASP B 344 14.93 18.36 23.29
CA ASP B 344 15.49 19.34 22.35
C ASP B 344 15.44 18.83 20.91
N PHE B 345 15.81 17.55 20.71
CA PHE B 345 15.79 16.96 19.38
C PHE B 345 14.38 16.92 18.80
N CYS B 346 13.39 16.59 19.63
CA CYS B 346 12.02 16.54 19.17
C CYS B 346 11.35 17.90 19.12
N SER B 347 11.97 18.93 19.69
CA SER B 347 11.43 20.27 19.56
C SER B 347 12.10 21.08 18.46
N ILE B 348 13.14 20.56 17.82
CA ILE B 348 13.76 21.30 16.71
C ILE B 348 12.84 21.40 15.50
N ALA B 349 12.13 20.31 15.14
CA ALA B 349 11.40 20.29 13.88
C ALA B 349 10.19 21.24 13.78
N PRO B 350 9.30 21.37 14.78
CA PRO B 350 8.28 22.42 14.67
C PRO B 350 8.82 23.83 14.85
N VAL B 351 10.07 23.99 15.27
CA VAL B 351 10.69 25.30 15.26
C VAL B 351 11.13 25.68 13.85
N LEU B 352 11.70 24.74 13.11
CA LEU B 352 12.06 25.01 11.73
C LEU B 352 10.84 25.13 10.85
N PHE B 353 9.73 24.49 11.23
CA PHE B 353 8.51 24.65 10.45
C PHE B 353 7.74 25.93 10.75
N SER B 354 8.13 26.67 11.78
CA SER B 354 7.49 27.94 12.09
C SER B 354 8.24 29.13 11.52
N ASN B 355 9.37 28.89 10.86
CA ASN B 355 10.17 29.92 10.23
C ASN B 355 10.40 29.60 8.76
N LYS B 356 9.50 28.86 8.14
CA LYS B 356 9.69 28.43 6.77
C LYS B 356 9.48 29.58 5.80
N ILE B 357 10.28 29.59 4.73
CA ILE B 357 10.25 30.62 3.71
C ILE B 357 9.92 29.95 2.39
N ALA B 358 8.75 30.22 1.84
CA ALA B 358 8.34 29.59 0.60
C ALA B 358 8.99 30.28 -0.59
N ARG B 359 9.61 29.49 -1.47
CA ARG B 359 10.12 30.00 -2.74
C ARG B 359 9.01 29.96 -3.77
N LEU B 360 8.93 31.00 -4.59
CA LEU B 360 7.72 31.30 -5.35
C LEU B 360 7.75 30.78 -6.78
N GLY B 361 8.45 29.68 -7.04
CA GLY B 361 8.25 28.99 -8.31
C GLY B 361 9.01 29.62 -9.44
N LYS B 362 8.36 29.76 -10.59
CA LYS B 362 9.04 30.13 -11.82
C LYS B 362 8.79 31.55 -12.31
N GLY B 363 7.83 32.25 -11.74
CA GLY B 363 7.51 33.59 -12.19
C GLY B 363 6.35 33.59 -13.15
N PHE B 364 6.12 34.74 -13.76
CA PHE B 364 4.99 34.94 -14.66
C PHE B 364 5.50 35.29 -16.05
N MET B 365 4.76 34.86 -17.07
CA MET B 365 5.17 35.07 -18.44
C MET B 365 4.35 36.19 -19.07
N ILE B 366 5.04 37.18 -19.62
CA ILE B 366 4.40 38.34 -20.24
C ILE B 366 4.61 38.25 -21.75
N THR B 367 3.52 38.44 -22.50
CA THR B 367 3.52 38.26 -23.95
C THR B 367 3.07 39.53 -24.64
N SER B 368 3.70 39.84 -25.77
CA SER B 368 3.24 40.85 -26.71
C SER B 368 2.60 40.14 -27.89
N LYS B 369 1.29 40.32 -28.06
CA LYS B 369 0.54 39.55 -29.04
C LYS B 369 0.82 40.01 -30.46
N THR B 370 0.82 41.32 -30.70
CA THR B 370 0.98 41.83 -32.06
C THR B 370 2.40 41.67 -32.58
N LYS B 371 3.38 41.57 -31.70
CA LYS B 371 4.77 41.35 -32.10
C LYS B 371 5.18 39.89 -32.06
N ARG B 372 4.29 39.02 -31.56
CA ARG B 372 4.53 37.59 -31.35
C ARG B 372 5.76 37.36 -30.48
N LEU B 373 5.79 38.01 -29.32
CA LEU B 373 6.90 37.90 -28.39
C LEU B 373 6.40 37.43 -27.03
N LYS B 374 7.31 36.84 -26.25
CA LYS B 374 7.00 36.47 -24.88
C LYS B 374 8.30 36.43 -24.09
N ALA B 375 8.17 36.56 -22.76
CA ALA B 375 9.32 36.51 -21.88
C ALA B 375 8.87 36.07 -20.50
N GLN B 376 9.84 35.64 -19.69
CA GLN B 376 9.60 35.06 -18.37
C GLN B 376 10.15 36.01 -17.32
N ILE B 377 9.25 36.60 -16.53
CA ILE B 377 9.62 37.46 -15.42
C ILE B 377 9.79 36.59 -14.18
N PRO B 378 11.00 36.49 -13.62
CA PRO B 378 11.21 35.60 -12.46
C PRO B 378 10.63 36.16 -11.17
N CYS B 379 10.88 35.46 -10.07
CA CYS B 379 10.41 35.83 -8.76
C CYS B 379 11.17 36.97 -8.08
N PRO B 380 12.51 37.12 -8.21
CA PRO B 380 13.10 38.37 -7.69
C PRO B 380 12.64 39.61 -8.43
N ASP B 381 12.50 39.53 -9.75
CA ASP B 381 12.12 40.65 -10.58
C ASP B 381 10.61 40.78 -10.73
N LEU B 382 9.85 40.26 -9.78
CA LEU B 382 8.40 40.18 -9.92
C LEU B 382 7.75 41.55 -9.85
N PHE B 383 8.17 42.38 -8.90
CA PHE B 383 7.61 43.70 -8.73
C PHE B 383 8.35 44.76 -9.53
N SER B 384 9.20 44.36 -10.48
CA SER B 384 9.96 45.31 -11.27
C SER B 384 9.14 45.97 -12.37
N ILE B 385 7.97 45.42 -12.69
CA ILE B 385 7.08 46.02 -13.68
C ILE B 385 5.87 46.58 -12.94
N PRO B 386 5.16 47.56 -13.50
CA PRO B 386 3.93 48.02 -12.86
C PRO B 386 2.86 46.94 -12.84
N LEU B 387 1.97 47.06 -11.84
CA LEU B 387 0.92 46.06 -11.65
C LEU B 387 -0.20 46.18 -12.68
N GLU B 388 -0.18 47.20 -13.52
CA GLU B 388 -1.11 47.31 -14.63
C GLU B 388 -0.75 46.40 -15.79
N ARG B 389 0.45 45.83 -15.79
CA ARG B 389 0.88 44.86 -16.79
C ARG B 389 0.64 43.42 -16.35
N TYR B 390 -0.40 43.19 -15.55
CA TYR B 390 -0.80 41.87 -15.10
C TYR B 390 -2.28 41.68 -15.40
N ASN B 391 -2.82 40.55 -14.99
CA ASN B 391 -4.25 40.30 -15.13
C ASN B 391 -5.00 40.97 -13.98
N GLU B 392 -6.27 40.63 -13.79
CA GLU B 392 -6.96 41.10 -12.60
C GLU B 392 -6.54 40.32 -11.37
N GLU B 393 -6.57 38.99 -11.48
CA GLU B 393 -6.31 38.14 -10.33
C GLU B 393 -4.84 38.18 -9.92
N THR B 394 -3.93 38.25 -10.89
CA THR B 394 -2.52 38.38 -10.56
C THR B 394 -2.20 39.74 -9.94
N ARG B 395 -2.91 40.80 -10.34
CA ARG B 395 -2.72 42.11 -9.73
C ARG B 395 -3.20 42.11 -8.29
N ALA B 396 -4.36 41.49 -8.03
CA ALA B 396 -4.87 41.40 -6.66
C ALA B 396 -3.95 40.58 -5.78
N LYS B 397 -3.43 39.46 -6.30
CA LYS B 397 -2.56 38.61 -5.50
C LYS B 397 -1.20 39.26 -5.25
N LEU B 398 -0.67 40.00 -6.24
CA LEU B 398 0.59 40.69 -6.00
C LEU B 398 0.43 41.89 -5.08
N LYS B 399 -0.76 42.48 -5.02
CA LYS B 399 -0.99 43.51 -4.02
C LYS B 399 -1.08 42.91 -2.62
N LYS B 400 -1.69 41.72 -2.50
CA LYS B 400 -1.77 41.10 -1.18
C LYS B 400 -0.47 40.44 -0.73
N LEU B 401 0.45 40.14 -1.65
CA LEU B 401 1.71 39.49 -1.29
C LEU B 401 2.79 40.46 -0.83
N LYS B 402 2.61 41.76 -1.07
CA LYS B 402 3.70 42.71 -0.90
C LYS B 402 4.25 42.90 0.52
N PRO B 403 3.47 42.78 1.62
CA PRO B 403 4.13 42.82 2.95
C PRO B 403 5.07 41.65 3.20
N PHE B 404 4.77 40.46 2.70
CA PHE B 404 5.54 39.27 3.00
C PHE B 404 6.57 38.94 1.94
N PHE B 405 6.56 39.63 0.81
CA PHE B 405 7.50 39.32 -0.26
C PHE B 405 8.88 39.83 0.12
N ASN B 406 9.82 38.90 0.27
CA ASN B 406 11.19 39.27 0.51
C ASN B 406 11.89 39.58 -0.82
N GLU B 407 12.98 40.33 -0.74
CA GLU B 407 13.60 40.89 -1.93
C GLU B 407 14.50 39.91 -2.68
N GLU B 408 14.39 38.61 -2.41
CA GLU B 408 15.16 37.61 -3.14
C GLU B 408 14.26 36.64 -3.90
N GLY B 409 12.97 36.92 -3.98
CA GLY B 409 12.05 36.06 -4.69
C GLY B 409 11.35 35.04 -3.84
N THR B 410 11.51 35.09 -2.53
CA THR B 410 10.86 34.18 -1.60
C THR B 410 9.79 34.94 -0.83
N ALA B 411 9.13 34.25 0.09
CA ALA B 411 8.08 34.87 0.87
C ALA B 411 7.99 34.20 2.23
N SER B 412 7.77 34.99 3.27
CA SER B 412 7.59 34.45 4.61
C SER B 412 6.29 33.68 4.72
N LEU B 413 6.34 32.51 5.35
CA LEU B 413 5.18 31.64 5.48
C LEU B 413 5.11 31.03 6.89
N SER B 414 5.12 31.88 7.92
CA SER B 414 5.10 31.40 9.30
C SER B 414 3.90 30.52 9.67
N PRO B 415 2.63 30.88 9.45
CA PRO B 415 1.57 29.95 9.82
C PRO B 415 1.36 28.90 8.73
N GLY B 416 0.46 27.98 9.00
CA GLY B 416 0.15 26.93 8.05
C GLY B 416 1.17 25.81 8.07
N MET B 417 0.84 24.74 7.35
CA MET B 417 1.63 23.52 7.28
C MET B 417 1.78 23.06 5.84
N MET B 418 2.29 23.95 4.97
CA MET B 418 2.16 23.80 3.52
C MET B 418 2.87 22.57 2.98
N MET B 419 4.07 22.25 3.48
CA MET B 419 4.79 21.09 2.96
C MET B 419 4.13 19.78 3.38
N GLY B 420 3.40 19.80 4.51
CA GLY B 420 2.56 18.69 4.89
C GLY B 420 3.28 17.41 5.25
N MET B 421 4.29 17.50 6.10
CA MET B 421 5.07 16.34 6.51
C MET B 421 4.72 15.88 7.91
N PHE B 422 3.49 16.12 8.35
CA PHE B 422 3.03 15.77 9.69
C PHE B 422 1.69 15.06 9.60
N ASN B 423 1.61 14.02 8.76
CA ASN B 423 0.36 13.30 8.56
C ASN B 423 -0.06 12.48 9.76
N MET B 424 0.85 12.18 10.67
CA MET B 424 0.53 11.40 11.86
C MET B 424 0.29 12.25 13.09
N LEU B 425 1.02 13.36 13.24
CA LEU B 425 0.82 14.21 14.40
C LEU B 425 -0.51 14.96 14.34
N SER B 426 -0.94 15.34 13.14
CA SER B 426 -2.25 15.95 12.98
C SER B 426 -3.36 14.92 13.18
N THR B 427 -3.09 13.65 12.91
CA THR B 427 -4.02 12.59 13.26
C THR B 427 -4.14 12.46 14.77
N VAL B 428 -3.03 12.63 15.50
CA VAL B 428 -3.06 12.64 16.96
C VAL B 428 -3.89 13.80 17.48
N LEU B 429 -3.76 14.96 16.85
CA LEU B 429 -4.57 16.11 17.23
C LEU B 429 -6.05 15.89 16.93
N GLY B 430 -6.37 15.25 15.81
CA GLY B 430 -7.76 14.97 15.50
C GLY B 430 -8.37 13.94 16.42
N VAL B 431 -7.59 12.95 16.84
CA VAL B 431 -8.09 11.95 17.79
C VAL B 431 -8.23 12.55 19.18
N ALA B 432 -7.34 13.47 19.54
CA ALA B 432 -7.48 14.22 20.80
C ALA B 432 -8.70 15.11 20.78
N ALA B 433 -9.12 15.58 19.60
CA ALA B 433 -10.43 16.22 19.50
C ALA B 433 -11.56 15.19 19.57
N LEU B 434 -11.31 13.96 19.12
CA LEU B 434 -12.34 12.93 19.17
C LEU B 434 -12.43 12.28 20.54
N GLY B 435 -11.35 12.31 21.32
CA GLY B 435 -11.30 11.69 22.62
C GLY B 435 -11.87 12.48 23.77
N ILE B 436 -12.66 13.50 23.48
CA ILE B 436 -13.26 14.34 24.52
C ILE B 436 -14.65 13.83 24.90
N LYS B 437 -15.45 13.52 23.88
CA LYS B 437 -16.68 12.72 23.90
C LYS B 437 -17.89 13.39 24.54
N ASN B 438 -17.71 14.55 25.18
CA ASN B 438 -18.82 15.28 25.79
C ASN B 438 -18.34 16.68 26.15
N ILE B 439 -19.30 17.60 26.22
CA ILE B 439 -19.06 18.95 26.70
C ILE B 439 -20.22 19.34 27.59
N GLY B 440 -19.92 19.76 28.81
CA GLY B 440 -20.95 20.23 29.72
C GLY B 440 -21.85 19.17 30.29
N ASN B 441 -21.49 17.89 30.12
CA ASN B 441 -22.23 16.73 30.63
C ASN B 441 -23.68 16.71 30.12
N LYS B 442 -23.85 17.00 28.84
CA LYS B 442 -25.15 16.95 28.19
C LYS B 442 -25.46 15.52 27.76
N GLU B 443 -26.66 15.32 27.23
CA GLU B 443 -27.18 13.97 27.03
C GLU B 443 -26.77 13.37 25.68
N TYR B 444 -25.48 13.36 25.37
CA TYR B 444 -25.01 12.68 24.17
C TYR B 444 -23.64 12.08 24.46
N LEU B 445 -23.08 11.44 23.45
CA LEU B 445 -21.70 10.97 23.49
C LEU B 445 -21.21 10.75 22.07
N TRP B 446 -20.07 11.34 21.71
CA TRP B 446 -19.51 11.12 20.39
C TRP B 446 -18.27 10.24 20.47
N ASP B 447 -17.92 9.68 19.32
CA ASP B 447 -16.75 8.83 19.12
C ASP B 447 -16.54 8.71 17.63
N GLY B 448 -15.29 8.75 17.17
CA GLY B 448 -15.11 8.76 15.73
C GLY B 448 -13.98 7.94 15.18
N LEU B 449 -13.68 8.17 13.90
CA LEU B 449 -12.49 7.66 13.22
C LEU B 449 -11.81 8.83 12.54
N GLN B 450 -10.48 8.82 12.53
CA GLN B 450 -9.72 9.93 11.96
C GLN B 450 -8.50 9.41 11.23
N SER B 451 -8.50 9.48 9.91
CA SER B 451 -7.28 9.51 9.15
C SER B 451 -6.91 10.97 8.96
N SER B 452 -5.72 11.21 8.41
CA SER B 452 -4.94 12.46 8.48
C SER B 452 -5.72 13.76 8.43
N ASP B 453 -6.69 13.86 7.50
CA ASP B 453 -7.64 14.95 7.55
C ASP B 453 -9.04 14.53 7.16
N ASP B 454 -9.39 13.26 7.29
CA ASP B 454 -10.74 12.78 7.02
C ASP B 454 -11.26 12.08 8.26
N PHE B 455 -12.46 12.47 8.70
CA PHE B 455 -13.03 11.91 9.91
C PHE B 455 -14.39 11.31 9.63
N ALA B 456 -14.88 10.57 10.61
CA ALA B 456 -16.26 10.10 10.60
C ALA B 456 -16.72 10.05 12.05
N LEU B 457 -17.76 10.81 12.36
CA LEU B 457 -18.19 11.00 13.74
C LEU B 457 -19.45 10.20 14.01
N PHE B 458 -19.54 9.59 15.19
CA PHE B 458 -20.70 8.84 15.62
C PHE B 458 -21.20 9.49 16.90
N VAL B 459 -22.46 9.90 16.92
CA VAL B 459 -23.03 10.59 18.06
C VAL B 459 -24.26 9.81 18.51
N ASN B 460 -24.20 9.24 19.71
CA ASN B 460 -25.35 8.55 20.28
C ASN B 460 -26.02 9.47 21.28
N ALA B 461 -27.35 9.59 21.18
CA ALA B 461 -28.10 10.45 22.08
C ALA B 461 -29.53 9.93 22.17
N LYS B 462 -30.40 10.74 22.78
CA LYS B 462 -31.77 10.32 23.02
C LYS B 462 -32.66 10.55 21.80
N ASP B 463 -32.52 11.70 21.16
CA ASP B 463 -33.16 11.97 19.88
C ASP B 463 -32.24 12.87 19.07
N GLU B 464 -32.63 13.15 17.83
CA GLU B 464 -31.67 13.70 16.87
C GLU B 464 -31.37 15.17 17.08
N GLU B 465 -32.21 15.90 17.83
CA GLU B 465 -31.85 17.26 18.19
C GLU B 465 -30.69 17.29 19.16
N THR B 466 -30.64 16.33 20.09
CA THR B 466 -29.49 16.20 20.96
C THR B 466 -28.24 15.77 20.19
N CYS B 467 -28.42 14.97 19.14
CA CYS B 467 -27.31 14.63 18.25
C CYS B 467 -26.80 15.85 17.52
N MET B 468 -27.70 16.74 17.09
CA MET B 468 -27.29 17.98 16.45
C MET B 468 -26.56 18.91 17.40
N GLU B 469 -26.98 18.92 18.67
CA GLU B 469 -26.24 19.66 19.69
C GLU B 469 -24.83 19.09 19.87
N GLY B 470 -24.71 17.76 19.82
CA GLY B 470 -23.39 17.15 19.90
C GLY B 470 -22.51 17.46 18.71
N ILE B 471 -23.10 17.52 17.52
CA ILE B 471 -22.33 17.86 16.32
C ILE B 471 -21.90 19.33 16.36
N ASN B 472 -22.78 20.21 16.84
CA ASN B 472 -22.43 21.61 16.99
C ASN B 472 -21.32 21.80 18.02
N ASP B 473 -21.36 21.02 19.10
CA ASP B 473 -20.29 21.10 20.10
C ASP B 473 -18.97 20.54 19.57
N PHE B 474 -19.03 19.50 18.74
CA PHE B 474 -17.81 18.99 18.14
C PHE B 474 -17.20 19.99 17.17
N TYR B 475 -18.06 20.71 16.43
CA TYR B 475 -17.56 21.75 15.53
C TYR B 475 -16.92 22.89 16.31
N ARG B 476 -17.56 23.32 17.40
CA ARG B 476 -16.99 24.37 18.23
C ARG B 476 -15.70 23.94 18.90
N THR B 477 -15.61 22.67 19.30
CA THR B 477 -14.38 22.15 19.89
C THR B 477 -13.25 22.10 18.87
N CYS B 478 -13.57 21.69 17.65
CA CYS B 478 -12.55 21.61 16.61
C CYS B 478 -12.07 22.99 16.19
N LYS B 479 -12.92 24.03 16.33
CA LYS B 479 -12.46 25.39 16.07
C LYS B 479 -11.37 25.82 17.03
N LEU B 480 -11.39 25.30 18.27
CA LEU B 480 -10.44 25.68 19.29
C LEU B 480 -9.06 25.08 19.07
N LEU B 481 -8.94 24.05 18.24
CA LEU B 481 -7.65 23.41 17.99
C LEU B 481 -7.10 23.70 16.61
N GLY B 482 -7.82 24.47 15.80
CA GLY B 482 -7.37 24.77 14.45
C GLY B 482 -7.93 23.85 13.40
N ILE B 483 -9.09 23.24 13.64
CA ILE B 483 -9.68 22.25 12.75
C ILE B 483 -11.03 22.78 12.30
N ASN B 484 -11.12 23.21 11.06
CA ASN B 484 -12.34 23.79 10.54
C ASN B 484 -13.04 22.73 9.71
N MET B 485 -14.09 22.15 10.28
CA MET B 485 -14.88 21.14 9.59
C MET B 485 -15.66 21.77 8.45
N SER B 486 -15.49 21.24 7.25
CA SER B 486 -16.07 21.84 6.06
C SER B 486 -17.57 21.59 6.02
N LYS B 487 -18.35 22.66 6.07
CA LYS B 487 -19.80 22.55 6.11
C LYS B 487 -20.42 22.26 4.75
N LYS B 488 -19.63 22.33 3.67
CA LYS B 488 -20.12 22.04 2.34
C LYS B 488 -19.88 20.62 1.90
N LYS B 489 -18.83 19.99 2.42
CA LYS B 489 -18.49 18.62 2.05
C LYS B 489 -18.88 17.61 3.11
N SER B 490 -19.49 18.04 4.21
CA SER B 490 -19.91 17.14 5.28
C SER B 490 -21.42 17.01 5.24
N TYR B 491 -21.90 15.83 5.61
CA TYR B 491 -23.31 15.61 5.81
C TYR B 491 -23.46 14.60 6.94
N CYS B 492 -24.70 14.37 7.34
CA CYS B 492 -24.99 13.61 8.54
C CYS B 492 -26.25 12.80 8.32
N ASN B 493 -26.14 11.47 8.39
CA ASN B 493 -27.33 10.64 8.29
C ASN B 493 -27.41 9.74 9.50
N GLU B 494 -28.31 8.76 9.49
CA GLU B 494 -28.29 7.79 10.56
C GLU B 494 -27.19 6.76 10.30
N THR B 495 -26.96 5.91 11.29
CA THR B 495 -25.87 4.97 11.22
C THR B 495 -26.19 3.83 10.26
N GLY B 496 -25.19 3.42 9.50
CA GLY B 496 -25.32 2.28 8.62
C GLY B 496 -24.67 2.51 7.28
N MET B 497 -24.75 3.73 6.76
CA MET B 497 -24.09 4.06 5.51
C MET B 497 -23.34 5.38 5.68
N PHE B 498 -22.03 5.31 5.50
CA PHE B 498 -21.17 6.49 5.54
C PHE B 498 -20.05 6.28 4.53
N GLU B 499 -19.09 7.21 4.53
CA GLU B 499 -17.93 7.14 3.65
C GLU B 499 -16.71 7.62 4.41
N PHE B 500 -15.61 6.89 4.28
CA PHE B 500 -14.35 7.24 4.94
C PHE B 500 -13.21 6.91 4.01
N THR B 501 -12.47 7.95 3.58
CA THR B 501 -11.32 7.87 2.68
C THR B 501 -11.63 7.09 1.41
N SER B 502 -12.76 7.46 0.79
CA SER B 502 -13.32 6.80 -0.40
C SER B 502 -13.58 5.32 -0.18
N MET B 503 -13.93 4.94 1.04
CA MET B 503 -14.44 3.63 1.35
C MET B 503 -15.90 3.79 1.76
N PHE B 504 -16.80 3.18 1.02
CA PHE B 504 -18.24 3.47 1.11
C PHE B 504 -18.91 2.36 1.90
N TYR B 505 -19.21 2.63 3.16
CA TYR B 505 -19.80 1.65 4.05
C TYR B 505 -21.31 1.71 3.90
N ARG B 506 -21.91 0.61 3.43
CA ARG B 506 -23.37 0.43 3.44
C ARG B 506 -23.61 -0.95 4.05
N ASP B 507 -23.67 -1.00 5.38
CA ASP B 507 -23.79 -2.22 6.17
C ASP B 507 -22.69 -3.22 5.81
N GLY B 508 -21.46 -2.74 5.86
CA GLY B 508 -20.30 -3.44 5.35
C GLY B 508 -19.76 -2.64 4.19
N PHE B 509 -18.44 -2.62 4.05
CA PHE B 509 -17.81 -1.85 2.99
C PHE B 509 -18.09 -2.52 1.65
N VAL B 510 -18.46 -1.72 0.65
CA VAL B 510 -18.77 -2.25 -0.68
C VAL B 510 -17.48 -2.35 -1.49
N SER B 511 -17.54 -3.07 -2.59
CA SER B 511 -16.39 -3.27 -3.46
C SER B 511 -16.36 -2.20 -4.54
N ASN B 512 -15.33 -1.37 -4.53
CA ASN B 512 -15.15 -0.33 -5.53
C ASN B 512 -14.12 -0.84 -6.53
N PHE B 513 -14.57 -1.12 -7.75
CA PHE B 513 -13.66 -1.64 -8.75
C PHE B 513 -12.95 -0.55 -9.52
N ALA B 514 -13.60 0.60 -9.74
CA ALA B 514 -13.07 1.59 -10.66
C ALA B 514 -11.90 2.38 -10.09
N MET B 515 -11.65 2.33 -8.78
CA MET B 515 -10.54 3.09 -8.22
C MET B 515 -9.21 2.50 -8.63
N GLU B 516 -9.06 1.19 -8.51
CA GLU B 516 -7.81 0.52 -8.87
C GLU B 516 -7.81 0.02 -10.30
N LEU B 517 -8.58 0.66 -11.17
CA LEU B 517 -8.63 0.46 -12.61
C LEU B 517 -7.45 1.01 -13.41
N PRO B 518 -6.83 2.17 -13.08
CA PRO B 518 -5.65 2.58 -13.84
C PRO B 518 -4.39 1.74 -13.62
N SER B 519 -4.41 0.73 -12.74
CA SER B 519 -3.26 -0.15 -12.60
C SER B 519 -3.24 -1.27 -13.64
N PHE B 520 -4.33 -1.47 -14.37
CA PHE B 520 -4.49 -2.64 -15.23
C PHE B 520 -3.69 -2.57 -16.52
N GLY B 521 -3.05 -1.45 -16.82
CA GLY B 521 -2.30 -1.34 -18.04
C GLY B 521 -0.94 -2.01 -17.95
N VAL B 522 -0.26 -2.02 -19.09
CA VAL B 522 1.10 -2.55 -19.15
C VAL B 522 2.00 -1.58 -18.39
N ALA B 523 2.65 -2.10 -17.33
CA ALA B 523 3.33 -1.23 -16.39
C ALA B 523 4.61 -0.63 -16.96
N GLY B 524 5.24 -1.30 -17.91
CA GLY B 524 6.34 -0.70 -18.62
C GLY B 524 7.70 -0.77 -17.95
N VAL B 525 8.17 -1.98 -17.69
CA VAL B 525 9.53 -2.15 -17.17
C VAL B 525 10.32 -3.01 -18.17
N ASN B 526 9.83 -4.20 -18.47
CA ASN B 526 10.18 -4.95 -19.68
C ASN B 526 9.03 -5.92 -19.94
N GLU B 527 9.21 -6.85 -20.88
CA GLU B 527 8.10 -7.70 -21.31
C GLU B 527 7.74 -8.73 -20.25
N SER B 528 8.75 -9.40 -19.68
CA SER B 528 8.52 -10.48 -18.72
C SER B 528 7.91 -9.96 -17.43
N ALA B 529 8.49 -8.88 -16.90
CA ALA B 529 7.99 -8.29 -15.66
C ALA B 529 6.60 -7.70 -15.85
N ASP B 530 6.27 -7.20 -17.05
CA ASP B 530 4.93 -6.67 -17.27
C ASP B 530 3.90 -7.77 -17.35
N MET B 531 4.26 -8.93 -17.92
CA MET B 531 3.35 -10.07 -17.92
C MET B 531 3.06 -10.54 -16.49
N ALA B 532 4.11 -10.63 -15.67
CA ALA B 532 3.93 -11.04 -14.27
C ALA B 532 3.11 -10.02 -13.48
N ILE B 533 3.38 -8.73 -13.68
CA ILE B 533 2.66 -7.67 -12.98
C ILE B 533 1.19 -7.64 -13.37
N GLY B 534 0.89 -7.79 -14.66
CA GLY B 534 -0.49 -7.73 -15.11
C GLY B 534 -1.32 -8.91 -14.64
N MET B 535 -0.74 -10.12 -14.68
CA MET B 535 -1.51 -11.26 -14.19
C MET B 535 -1.68 -11.24 -12.67
N THR B 536 -0.68 -10.74 -11.93
CA THR B 536 -0.84 -10.60 -10.49
C THR B 536 -1.86 -9.53 -10.12
N ILE B 537 -1.97 -8.45 -10.90
CA ILE B 537 -2.97 -7.42 -10.64
C ILE B 537 -4.37 -7.96 -10.88
N ILE B 538 -4.54 -8.75 -11.95
CA ILE B 538 -5.84 -9.39 -12.19
C ILE B 538 -6.19 -10.36 -11.07
N LYS B 539 -5.20 -11.10 -10.56
CA LYS B 539 -5.44 -12.06 -9.48
C LYS B 539 -5.79 -11.37 -8.17
N ASN B 540 -5.09 -10.28 -7.82
CA ASN B 540 -5.37 -9.61 -6.55
C ASN B 540 -6.68 -8.84 -6.60
N ASN B 541 -7.04 -8.27 -7.76
CA ASN B 541 -8.35 -7.66 -7.88
C ASN B 541 -9.46 -8.70 -7.86
N MET B 542 -9.16 -9.92 -8.29
CA MET B 542 -10.13 -11.00 -8.12
C MET B 542 -10.27 -11.40 -6.66
N ILE B 543 -9.19 -11.28 -5.90
CA ILE B 543 -9.25 -11.62 -4.48
C ILE B 543 -10.06 -10.60 -3.69
N ASN B 544 -9.64 -9.33 -3.73
CA ASN B 544 -10.18 -8.38 -2.74
C ASN B 544 -10.90 -7.17 -3.35
N ASN B 545 -11.22 -7.18 -4.64
CA ASN B 545 -11.89 -6.04 -5.25
C ASN B 545 -13.14 -6.43 -6.02
N GLY B 546 -13.65 -7.65 -5.84
CA GLY B 546 -14.93 -8.02 -6.40
C GLY B 546 -14.96 -8.23 -7.89
N MET B 547 -13.82 -8.34 -8.55
CA MET B 547 -13.77 -8.66 -9.96
C MET B 547 -14.04 -10.16 -10.13
N GLY B 548 -15.14 -10.49 -10.78
CA GLY B 548 -15.58 -11.86 -10.88
C GLY B 548 -14.79 -12.69 -11.86
N PRO B 549 -15.21 -13.93 -12.10
CA PRO B 549 -14.44 -14.78 -13.03
C PRO B 549 -14.53 -14.35 -14.49
N ALA B 550 -15.72 -13.96 -14.96
CA ALA B 550 -15.87 -13.55 -16.35
C ALA B 550 -15.16 -12.24 -16.63
N THR B 551 -15.26 -11.29 -15.68
CA THR B 551 -14.53 -10.03 -15.81
C THR B 551 -13.02 -10.25 -15.76
N ALA B 552 -12.56 -11.24 -15.00
CA ALA B 552 -11.12 -11.49 -14.94
C ALA B 552 -10.63 -12.16 -16.21
N GLN B 553 -11.42 -13.04 -16.81
CA GLN B 553 -11.01 -13.63 -18.09
C GLN B 553 -11.02 -12.60 -19.21
N THR B 554 -12.00 -11.68 -19.19
CA THR B 554 -11.99 -10.57 -20.12
C THR B 554 -10.80 -9.64 -19.87
N ALA B 555 -10.39 -9.47 -18.62
CA ALA B 555 -9.21 -8.66 -18.33
C ALA B 555 -7.94 -9.34 -18.78
N ILE B 556 -7.90 -10.68 -18.75
CA ILE B 556 -6.77 -11.42 -19.30
C ILE B 556 -6.67 -11.17 -20.80
N GLN B 557 -7.81 -11.23 -21.50
CA GLN B 557 -7.83 -10.98 -22.93
C GLN B 557 -7.44 -9.54 -23.27
N LEU B 558 -7.97 -8.56 -22.55
CA LEU B 558 -7.64 -7.16 -22.82
C LEU B 558 -6.19 -6.86 -22.49
N PHE B 559 -5.63 -7.49 -21.46
CA PHE B 559 -4.22 -7.29 -21.15
C PHE B 559 -3.34 -7.91 -22.22
N ILE B 560 -3.72 -9.06 -22.76
CA ILE B 560 -2.93 -9.68 -23.82
C ILE B 560 -2.97 -8.83 -25.09
N ALA B 561 -4.13 -8.24 -25.39
CA ALA B 561 -4.25 -7.39 -26.56
C ALA B 561 -3.43 -6.10 -26.41
N ASP B 562 -3.48 -5.46 -25.24
CA ASP B 562 -2.68 -4.26 -25.02
C ASP B 562 -1.19 -4.59 -24.94
N TYR B 563 -0.83 -5.76 -24.41
CA TYR B 563 0.55 -6.20 -24.34
C TYR B 563 1.12 -6.43 -25.73
N ARG B 564 0.33 -7.04 -26.61
CA ARG B 564 0.78 -7.29 -27.97
C ARG B 564 0.86 -5.99 -28.77
N TYR B 565 -0.08 -5.08 -28.57
CA TYR B 565 -0.01 -3.82 -29.31
C TYR B 565 1.04 -2.87 -28.77
N THR B 566 1.45 -3.03 -27.51
CA THR B 566 2.56 -2.24 -26.98
C THR B 566 3.89 -2.79 -27.46
N TYR B 567 4.14 -4.07 -27.23
CA TYR B 567 5.45 -4.64 -27.48
C TYR B 567 5.62 -5.19 -28.89
N LYS B 568 4.63 -5.01 -29.75
CA LYS B 568 4.69 -5.34 -31.18
C LYS B 568 4.97 -6.83 -31.41
N CYS B 569 4.27 -7.67 -30.67
CA CYS B 569 4.56 -9.09 -30.56
C CYS B 569 3.32 -9.91 -30.84
N HIS B 570 2.66 -9.63 -31.97
CA HIS B 570 1.43 -10.33 -32.34
C HIS B 570 1.70 -11.80 -32.65
N ARG B 571 0.61 -12.55 -32.82
CA ARG B 571 0.73 -13.99 -32.99
C ARG B 571 1.33 -14.34 -34.34
N GLY B 572 2.19 -15.35 -34.35
CA GLY B 572 2.98 -15.66 -35.52
C GLY B 572 2.20 -16.19 -36.70
N ASP B 573 0.98 -16.67 -36.47
CA ASP B 573 0.12 -17.10 -37.56
C ASP B 573 -0.74 -15.98 -38.11
N SER B 574 -0.74 -14.81 -37.47
CA SER B 574 -1.51 -13.68 -37.97
C SER B 574 -0.74 -12.99 -39.09
N LYS B 575 -1.34 -11.97 -39.68
CA LYS B 575 -0.82 -11.33 -40.87
C LYS B 575 -0.30 -9.91 -40.60
N VAL B 576 -0.15 -9.53 -39.34
CA VAL B 576 0.29 -8.18 -38.99
C VAL B 576 1.75 -8.02 -39.36
N GLU B 577 2.10 -6.86 -39.89
CA GLU B 577 3.44 -6.59 -40.39
C GLU B 577 4.19 -5.64 -39.45
N GLY B 578 5.51 -5.72 -39.49
CA GLY B 578 6.34 -4.88 -38.66
C GLY B 578 7.79 -5.31 -38.74
N LYS B 579 8.64 -4.58 -38.01
CA LYS B 579 10.05 -4.93 -37.95
C LYS B 579 10.29 -6.17 -37.09
N ARG B 580 9.40 -6.46 -36.16
CA ARG B 580 9.52 -7.63 -35.30
C ARG B 580 8.72 -8.81 -35.80
N MET B 581 7.62 -8.56 -36.52
CA MET B 581 6.75 -9.64 -36.95
C MET B 581 7.34 -10.47 -38.08
N LYS B 582 8.37 -9.98 -38.75
CA LYS B 582 9.07 -10.77 -39.76
C LYS B 582 9.73 -11.99 -39.13
N ILE B 583 10.59 -11.75 -38.13
CA ILE B 583 11.23 -12.84 -37.43
C ILE B 583 10.26 -13.59 -36.52
N ILE B 584 9.15 -12.97 -36.15
CA ILE B 584 8.13 -13.68 -35.38
C ILE B 584 7.43 -14.72 -36.24
N LYS B 585 7.08 -14.37 -37.48
CA LYS B 585 6.51 -15.35 -38.40
C LYS B 585 7.52 -16.44 -38.75
N GLU B 586 8.80 -16.06 -38.87
CA GLU B 586 9.83 -17.06 -39.10
C GLU B 586 9.96 -18.03 -37.93
N LEU B 587 9.89 -17.52 -36.70
CA LEU B 587 9.95 -18.38 -35.53
C LEU B 587 8.71 -19.24 -35.39
N TRP B 588 7.57 -18.73 -35.83
CA TRP B 588 6.34 -19.53 -35.82
C TRP B 588 6.43 -20.69 -36.80
N GLU B 589 6.95 -20.44 -38.00
CA GLU B 589 7.11 -21.52 -38.96
C GLU B 589 8.26 -22.46 -38.64
N ASN B 590 9.26 -22.00 -37.87
CA ASN B 590 10.37 -22.87 -37.51
C ASN B 590 10.00 -23.80 -36.36
N THR B 591 9.25 -23.31 -35.39
CA THR B 591 9.02 -24.05 -34.16
C THR B 591 8.03 -25.19 -34.38
N LYS B 592 8.34 -26.35 -33.81
CA LYS B 592 7.42 -27.48 -33.86
C LYS B 592 6.36 -27.34 -32.79
N GLY B 593 6.77 -27.29 -31.52
CA GLY B 593 5.87 -27.04 -30.43
C GLY B 593 5.64 -25.56 -30.23
N ARG B 594 4.79 -24.96 -31.06
CA ARG B 594 4.52 -23.53 -31.00
C ARG B 594 3.70 -23.12 -29.78
N ASP B 595 3.11 -24.07 -29.05
CA ASP B 595 2.42 -23.72 -27.83
C ASP B 595 3.35 -23.40 -26.68
N GLY B 596 4.65 -23.63 -26.84
CA GLY B 596 5.62 -23.24 -25.84
C GLY B 596 6.31 -21.93 -26.10
N LEU B 597 5.92 -21.21 -27.15
CA LEU B 597 6.46 -19.88 -27.37
C LEU B 597 5.85 -18.90 -26.39
N LEU B 598 6.66 -17.98 -25.90
CA LEU B 598 6.13 -16.91 -25.08
C LEU B 598 5.36 -15.92 -25.95
N VAL B 599 4.52 -15.11 -25.30
CA VAL B 599 3.72 -14.14 -26.03
C VAL B 599 4.58 -13.03 -26.62
N ALA B 600 5.75 -12.78 -26.03
CA ALA B 600 6.68 -11.81 -26.61
C ALA B 600 7.39 -12.36 -27.84
N ASP B 601 7.38 -13.68 -28.04
CA ASP B 601 7.94 -14.30 -29.23
C ASP B 601 6.87 -14.73 -30.21
N GLY B 602 5.70 -14.10 -30.16
CA GLY B 602 4.62 -14.44 -31.05
C GLY B 602 4.05 -15.80 -30.76
N GLY B 603 3.45 -15.95 -29.58
CA GLY B 603 2.97 -17.24 -29.16
C GLY B 603 1.55 -17.16 -28.66
N PRO B 604 0.98 -18.30 -28.30
CA PRO B 604 -0.40 -18.32 -27.79
C PRO B 604 -0.47 -18.12 -26.29
N ASN B 605 -1.53 -17.43 -25.88
CA ASN B 605 -1.81 -17.23 -24.48
C ASN B 605 -2.40 -18.50 -23.88
N ILE B 606 -1.79 -19.00 -22.81
CA ILE B 606 -2.36 -20.12 -22.07
C ILE B 606 -2.67 -19.75 -20.62
N TYR B 607 -2.61 -18.47 -20.28
CA TYR B 607 -3.05 -18.04 -18.97
C TYR B 607 -4.55 -18.15 -18.85
N ASN B 608 -5.01 -18.49 -17.65
CA ASN B 608 -6.42 -18.56 -17.31
C ASN B 608 -6.51 -18.21 -15.84
N LEU B 609 -7.64 -18.54 -15.20
CA LEU B 609 -7.83 -18.14 -13.81
C LEU B 609 -7.00 -18.97 -12.85
N ARG B 610 -6.78 -20.24 -13.13
CA ARG B 610 -6.19 -21.13 -12.15
C ARG B 610 -4.68 -21.05 -12.10
N ASN B 611 -4.05 -20.29 -13.00
CA ASN B 611 -2.60 -20.25 -13.10
C ASN B 611 -2.12 -18.83 -13.24
N LEU B 612 -2.66 -17.92 -12.45
CA LEU B 612 -2.27 -16.52 -12.55
C LEU B 612 -1.00 -16.21 -11.80
N HIS B 613 -0.61 -17.03 -10.82
CA HIS B 613 0.58 -16.79 -10.02
C HIS B 613 1.81 -17.50 -10.55
N ILE B 614 1.67 -18.30 -11.59
CA ILE B 614 2.81 -19.01 -12.17
C ILE B 614 3.35 -18.15 -13.29
N PRO B 615 4.65 -17.90 -13.36
CA PRO B 615 5.19 -17.02 -14.41
C PRO B 615 5.12 -17.60 -15.81
N GLU B 616 5.64 -16.85 -16.79
CA GLU B 616 5.43 -17.19 -18.19
C GLU B 616 6.37 -18.30 -18.65
N ILE B 617 7.60 -18.33 -18.14
CA ILE B 617 8.53 -19.37 -18.55
C ILE B 617 8.27 -20.66 -17.79
N VAL B 618 7.68 -20.58 -16.61
CA VAL B 618 7.39 -21.80 -15.85
C VAL B 618 6.16 -22.50 -16.40
N LEU B 619 5.14 -21.73 -16.79
CA LEU B 619 3.92 -22.30 -17.35
C LEU B 619 4.17 -22.98 -18.69
N LYS B 620 5.14 -22.49 -19.45
CA LYS B 620 5.46 -22.98 -20.78
C LYS B 620 6.81 -23.67 -20.81
N TYR B 621 7.17 -24.37 -19.74
CA TYR B 621 8.48 -25.01 -19.69
C TYR B 621 8.46 -26.43 -20.23
N ASN B 622 7.31 -27.11 -20.15
CA ASN B 622 7.16 -28.45 -20.67
C ASN B 622 6.50 -28.47 -22.05
N LEU B 623 6.27 -27.30 -22.64
CA LEU B 623 5.78 -27.19 -24.00
C LEU B 623 6.82 -26.60 -24.94
N MET B 624 8.00 -26.29 -24.43
CA MET B 624 9.03 -25.63 -25.23
C MET B 624 9.80 -26.63 -26.07
N ASP B 625 10.23 -26.18 -27.24
CA ASP B 625 11.26 -26.89 -27.95
C ASP B 625 12.60 -26.67 -27.25
N PRO B 626 13.49 -27.66 -27.27
CA PRO B 626 14.77 -27.49 -26.57
C PRO B 626 15.69 -26.46 -27.20
N GLU B 627 15.62 -26.28 -28.52
CA GLU B 627 16.40 -25.22 -29.15
C GLU B 627 15.91 -23.84 -28.74
N TYR B 628 14.59 -23.64 -28.74
CA TYR B 628 14.03 -22.35 -28.33
C TYR B 628 14.26 -22.10 -26.85
N LYS B 629 14.22 -23.15 -26.02
CA LYS B 629 14.49 -22.99 -24.59
C LYS B 629 15.96 -22.67 -24.34
N GLY B 630 16.87 -23.26 -25.13
CA GLY B 630 18.26 -22.93 -24.98
C GLY B 630 18.63 -21.55 -25.49
N ARG B 631 17.93 -21.08 -26.53
CA ARG B 631 18.19 -19.73 -27.01
C ARG B 631 17.56 -18.69 -26.11
N LEU B 632 16.39 -18.98 -25.54
CA LEU B 632 15.73 -18.04 -24.64
C LEU B 632 16.48 -17.93 -23.32
N LEU B 633 16.60 -19.04 -22.60
CA LEU B 633 17.22 -19.06 -21.28
C LEU B 633 18.73 -19.21 -21.36
N HIS B 634 19.37 -18.33 -22.10
CA HIS B 634 20.81 -18.37 -22.21
C HIS B 634 21.43 -17.63 -21.04
N PRO B 635 22.44 -18.19 -20.39
CA PRO B 635 23.07 -17.48 -19.25
C PRO B 635 23.91 -16.28 -19.65
N GLN B 636 24.35 -16.17 -20.89
CA GLN B 636 25.21 -15.08 -21.34
C GLN B 636 24.52 -14.23 -22.40
N ASN B 637 23.20 -14.06 -22.28
CA ASN B 637 22.46 -13.27 -23.26
C ASN B 637 22.77 -11.79 -23.08
N PRO B 638 23.13 -11.08 -24.15
CA PRO B 638 23.60 -9.70 -24.02
C PRO B 638 22.53 -8.67 -23.74
N PHE B 639 21.28 -9.07 -23.48
CA PHE B 639 20.24 -8.12 -23.15
C PHE B 639 20.08 -7.91 -21.66
N VAL B 640 20.60 -8.81 -20.84
CA VAL B 640 20.58 -8.67 -19.38
C VAL B 640 22.02 -8.41 -18.93
N GLY B 641 22.25 -7.23 -18.37
CA GLY B 641 23.59 -6.85 -17.96
C GLY B 641 24.03 -7.61 -16.72
N HIS B 642 25.08 -8.39 -16.83
CA HIS B 642 25.52 -9.27 -15.75
C HIS B 642 26.28 -8.45 -14.70
N LEU B 643 26.81 -9.14 -13.70
CA LEU B 643 27.70 -8.53 -12.72
C LEU B 643 29.11 -9.01 -13.05
N SER B 644 29.80 -8.22 -13.84
CA SER B 644 31.18 -8.48 -14.20
C SER B 644 32.10 -7.54 -13.42
N ILE B 645 33.31 -7.99 -13.16
CA ILE B 645 34.33 -7.13 -12.59
C ILE B 645 34.90 -6.29 -13.72
N GLU B 646 34.73 -4.97 -13.64
CA GLU B 646 35.18 -4.08 -14.70
C GLU B 646 36.68 -3.85 -14.65
N LYS B 662 33.52 -14.96 -20.27
CA LYS B 662 34.56 -14.42 -19.40
C LYS B 662 34.36 -14.87 -17.96
N MET B 663 34.82 -14.05 -17.02
CA MET B 663 34.62 -14.30 -15.60
C MET B 663 33.37 -13.62 -15.06
N ASP B 664 32.48 -13.15 -15.93
CA ASP B 664 31.22 -12.58 -15.49
C ASP B 664 30.29 -13.69 -15.00
N TYR B 665 29.37 -13.32 -14.13
CA TYR B 665 28.40 -14.27 -13.61
C TYR B 665 27.31 -14.54 -14.65
N ASP B 666 26.60 -15.64 -14.45
CA ASP B 666 25.56 -16.04 -15.37
C ASP B 666 24.24 -15.35 -15.02
N ALA B 667 23.65 -14.66 -15.99
CA ALA B 667 22.35 -14.04 -15.82
C ALA B 667 21.27 -15.06 -16.13
N VAL B 668 20.44 -15.37 -15.14
CA VAL B 668 19.63 -16.58 -15.22
C VAL B 668 18.35 -16.35 -16.03
N SER B 669 17.71 -15.19 -15.86
CA SER B 669 16.41 -14.94 -16.47
C SER B 669 16.54 -14.77 -17.99
N GLY B 670 15.39 -14.71 -18.65
CA GLY B 670 15.33 -14.81 -20.09
C GLY B 670 15.84 -13.57 -20.79
N THR B 671 15.67 -13.57 -22.11
CA THR B 671 16.02 -12.42 -22.93
C THR B 671 14.95 -11.33 -22.90
N HIS B 672 13.78 -11.62 -22.35
CA HIS B 672 12.73 -10.63 -22.18
C HIS B 672 12.84 -9.89 -20.86
N SER B 673 13.96 -10.03 -20.16
CA SER B 673 14.31 -9.19 -19.02
C SER B 673 15.36 -8.16 -19.40
N TRP B 674 15.22 -7.58 -20.59
CA TRP B 674 16.16 -6.58 -21.06
C TRP B 674 16.00 -5.29 -20.28
N ARG B 675 17.00 -4.42 -20.42
CA ARG B 675 17.02 -3.14 -19.75
C ARG B 675 16.91 -2.03 -20.78
N THR B 676 16.09 -1.03 -20.47
CA THR B 676 15.93 0.14 -21.32
C THR B 676 16.56 1.32 -20.59
N LYS B 677 17.75 1.70 -21.03
CA LYS B 677 18.45 2.83 -20.42
C LYS B 677 17.74 4.11 -20.79
N ARG B 678 17.08 4.73 -19.81
CA ARG B 678 16.42 6.02 -20.03
C ARG B 678 17.51 7.08 -20.14
N ASN B 679 17.94 7.33 -21.38
CA ASN B 679 19.05 8.25 -21.65
C ASN B 679 18.54 9.67 -21.50
N ARG B 680 18.58 10.18 -20.27
CA ARG B 680 18.10 11.52 -19.95
C ARG B 680 19.11 12.53 -20.47
N SER B 681 18.81 13.10 -21.64
CA SER B 681 19.64 14.15 -22.24
C SER B 681 18.72 15.31 -22.59
N ILE B 682 18.93 16.46 -21.94
CA ILE B 682 18.10 17.64 -22.17
C ILE B 682 18.47 18.26 -23.51
N LEU B 683 17.63 19.15 -24.01
CA LEU B 683 17.91 19.81 -25.28
C LEU B 683 18.87 20.96 -25.04
N ASN B 684 19.90 21.04 -25.89
CA ASN B 684 20.96 22.04 -25.84
C ASN B 684 21.67 22.05 -24.48
N THR B 685 21.96 20.86 -23.96
CA THR B 685 22.67 20.72 -22.69
C THR B 685 23.70 19.60 -22.86
N ASP B 686 24.96 19.99 -23.05
CA ASP B 686 26.08 19.04 -23.13
C ASP B 686 26.40 18.59 -21.72
N GLN B 687 25.90 17.42 -21.33
CA GLN B 687 26.12 16.89 -19.98
C GLN B 687 27.40 16.08 -19.96
N ARG B 688 28.53 16.77 -20.11
CA ARG B 688 29.81 16.10 -20.00
C ARG B 688 30.15 15.82 -18.54
N ASN B 689 30.27 16.86 -17.73
CA ASN B 689 30.88 16.76 -16.41
C ASN B 689 29.95 16.11 -15.39
N MET B 690 28.65 16.35 -15.52
CA MET B 690 27.68 15.70 -14.65
C MET B 690 27.54 14.22 -14.96
N ILE B 691 27.95 13.79 -16.15
CA ILE B 691 28.08 12.37 -16.44
C ILE B 691 29.37 11.83 -15.84
N LEU B 692 30.44 12.63 -15.86
CA LEU B 692 31.74 12.13 -15.43
C LEU B 692 31.82 11.96 -13.91
N GLU B 693 31.17 12.85 -13.15
CA GLU B 693 31.17 12.71 -11.71
C GLU B 693 30.33 11.52 -11.25
N GLU B 694 29.19 11.33 -11.89
CA GLU B 694 28.35 10.16 -11.62
C GLU B 694 29.05 8.88 -12.02
N GLN B 695 29.83 8.91 -13.10
CA GLN B 695 30.62 7.75 -13.49
C GLN B 695 31.74 7.48 -12.51
N CYS B 696 32.33 8.52 -11.91
CA CYS B 696 33.38 8.32 -10.92
C CYS B 696 32.84 7.66 -9.66
N TYR B 697 31.67 8.13 -9.19
CA TYR B 697 31.01 7.48 -8.05
C TYR B 697 30.64 6.04 -8.38
N ALA B 698 30.15 5.78 -9.60
CA ALA B 698 29.77 4.43 -9.98
C ALA B 698 30.97 3.50 -10.09
N LYS B 699 32.11 4.03 -10.55
CA LYS B 699 33.33 3.22 -10.63
C LYS B 699 33.84 2.85 -9.25
N CYS B 700 33.83 3.80 -8.31
CA CYS B 700 34.26 3.52 -6.95
C CYS B 700 33.37 2.48 -6.28
N CYS B 701 32.05 2.59 -6.48
CA CYS B 701 31.15 1.62 -5.90
C CYS B 701 31.24 0.26 -6.58
N ASN B 702 31.57 0.23 -7.88
CA ASN B 702 31.72 -1.06 -8.56
C ASN B 702 32.96 -1.79 -8.10
N LEU B 703 34.05 -1.07 -7.85
CA LEU B 703 35.23 -1.72 -7.29
C LEU B 703 35.02 -2.15 -5.85
N PHE B 704 34.25 -1.38 -5.07
CA PHE B 704 33.94 -1.78 -3.71
C PHE B 704 33.07 -3.04 -3.68
N GLU B 705 32.11 -3.15 -4.60
CA GLU B 705 31.30 -4.36 -4.67
C GLU B 705 32.07 -5.55 -5.22
N ALA B 706 33.08 -5.29 -6.04
CA ALA B 706 33.98 -6.36 -6.44
C ALA B 706 34.78 -6.88 -5.26
N CYS B 707 35.22 -5.98 -4.37
CA CYS B 707 36.00 -6.43 -3.22
C CYS B 707 35.13 -7.07 -2.15
N PHE B 708 33.96 -6.49 -1.86
CA PHE B 708 33.02 -7.00 -0.85
C PHE B 708 31.74 -7.40 -1.57
N ASN B 709 31.44 -8.70 -1.58
CA ASN B 709 30.36 -9.20 -2.42
C ASN B 709 28.98 -8.96 -1.83
N SER B 710 28.84 -8.85 -0.51
CA SER B 710 27.53 -8.71 0.11
C SER B 710 27.11 -7.27 0.27
N ALA B 711 27.70 -6.35 -0.50
CA ALA B 711 27.35 -4.94 -0.38
C ALA B 711 25.98 -4.63 -0.98
N SER B 712 25.45 -5.51 -1.82
CA SER B 712 24.13 -5.32 -2.40
C SER B 712 23.04 -6.07 -1.66
N TYR B 713 23.39 -6.95 -0.72
CA TYR B 713 22.40 -7.66 0.08
C TYR B 713 22.24 -7.05 1.46
N ARG B 714 23.36 -6.78 2.14
CA ARG B 714 23.38 -6.20 3.47
C ARG B 714 24.15 -4.89 3.41
N LYS B 715 23.65 -3.89 4.12
CA LYS B 715 24.32 -2.59 4.14
C LYS B 715 25.62 -2.68 4.90
N PRO B 716 26.77 -2.34 4.29
CA PRO B 716 28.05 -2.44 4.99
C PRO B 716 28.19 -1.35 6.04
N VAL B 717 28.52 -1.76 7.26
CA VAL B 717 28.72 -0.84 8.36
C VAL B 717 30.21 -0.59 8.52
N GLY B 718 30.55 0.53 9.14
CA GLY B 718 31.95 0.86 9.38
C GLY B 718 32.24 2.34 9.29
N GLN B 719 32.97 2.87 10.27
CA GLN B 719 33.23 4.30 10.36
C GLN B 719 34.60 4.68 9.80
N HIS B 720 35.19 3.84 8.96
CA HIS B 720 36.52 4.07 8.40
C HIS B 720 36.43 4.21 6.89
N SER B 721 37.57 4.51 6.28
CA SER B 721 37.62 4.86 4.86
C SER B 721 37.43 3.62 4.00
N MET B 722 36.87 3.83 2.81
CA MET B 722 36.65 2.73 1.88
C MET B 722 37.96 2.21 1.30
N LEU B 723 38.96 3.08 1.19
CA LEU B 723 40.26 2.66 0.70
C LEU B 723 40.97 1.77 1.71
N GLU B 724 40.81 2.06 3.00
CA GLU B 724 41.41 1.22 4.03
C GLU B 724 40.72 -0.13 4.11
N ALA B 725 39.38 -0.16 3.99
CA ALA B 725 38.65 -1.42 4.01
C ALA B 725 39.01 -2.29 2.80
N MET B 726 39.07 -1.68 1.62
CA MET B 726 39.46 -2.43 0.42
C MET B 726 40.92 -2.88 0.51
N ALA B 727 41.80 -2.06 1.08
CA ALA B 727 43.21 -2.44 1.20
C ALA B 727 43.39 -3.62 2.15
N HIS B 728 42.68 -3.63 3.27
CA HIS B 728 42.80 -4.75 4.19
C HIS B 728 42.17 -6.01 3.63
N ARG B 729 41.06 -5.88 2.90
CA ARG B 729 40.43 -7.05 2.31
C ARG B 729 41.30 -7.65 1.21
N LEU B 730 41.92 -6.81 0.39
CA LEU B 730 42.80 -7.34 -0.66
C LEU B 730 44.09 -7.90 -0.10
N ARG B 731 44.62 -7.32 0.99
CA ARG B 731 45.83 -7.86 1.61
C ARG B 731 45.57 -9.24 2.21
N MET B 732 44.45 -9.38 2.92
CA MET B 732 44.09 -10.69 3.46
C MET B 732 43.75 -11.68 2.37
N ASP B 733 43.14 -11.22 1.28
CA ASP B 733 42.78 -12.11 0.19
C ASP B 733 44.03 -12.63 -0.52
N ALA B 734 45.03 -11.78 -0.70
CA ALA B 734 46.28 -12.22 -1.32
C ALA B 734 47.03 -13.18 -0.40
N ARG B 735 46.99 -12.92 0.91
CA ARG B 735 47.68 -13.80 1.85
C ARG B 735 47.02 -15.18 1.92
N LEU B 736 45.69 -15.23 1.85
CA LEU B 736 45.05 -16.53 1.83
C LEU B 736 45.16 -17.23 0.48
N ASP B 737 45.22 -16.47 -0.62
CA ASP B 737 45.42 -17.08 -1.92
C ASP B 737 46.85 -17.55 -2.14
N TYR B 738 47.79 -17.06 -1.35
CA TYR B 738 49.17 -17.51 -1.51
C TYR B 738 49.40 -18.85 -0.82
N GLU B 739 48.96 -18.99 0.42
CA GLU B 739 49.25 -20.17 1.20
C GLU B 739 48.42 -21.38 0.81
N SER B 740 47.31 -21.18 0.11
CA SER B 740 46.50 -22.28 -0.40
C SER B 740 46.87 -22.65 -1.82
N GLY B 741 47.99 -22.14 -2.33
CA GLY B 741 48.47 -22.51 -3.64
C GLY B 741 47.87 -21.76 -4.81
N ARG B 742 46.78 -21.01 -4.60
CA ARG B 742 46.09 -20.36 -5.72
C ARG B 742 46.87 -19.20 -6.32
N MET B 743 47.93 -18.73 -5.66
CA MET B 743 48.69 -17.59 -6.14
C MET B 743 50.17 -17.91 -6.02
N SER B 744 50.92 -17.68 -7.09
CA SER B 744 52.35 -17.94 -7.08
C SER B 744 53.09 -16.91 -6.23
N LYS B 745 54.37 -17.19 -5.98
CA LYS B 745 55.16 -16.29 -5.15
C LYS B 745 55.49 -14.99 -5.90
N ASP B 746 55.65 -15.04 -7.22
CA ASP B 746 55.89 -13.82 -7.97
C ASP B 746 54.63 -12.97 -8.06
N ASP B 747 53.47 -13.61 -8.19
CA ASP B 747 52.20 -12.88 -8.14
C ASP B 747 51.95 -12.30 -6.76
N PHE B 748 52.35 -13.03 -5.71
CA PHE B 748 52.20 -12.50 -4.35
C PHE B 748 53.14 -11.33 -4.12
N GLU B 749 54.33 -11.37 -4.70
CA GLU B 749 55.25 -10.25 -4.57
C GLU B 749 54.74 -9.03 -5.34
N LYS B 750 54.14 -9.25 -6.53
CA LYS B 750 53.51 -8.16 -7.25
C LYS B 750 52.34 -7.56 -6.46
N ALA B 751 51.56 -8.42 -5.80
CA ALA B 751 50.41 -7.95 -5.02
C ALA B 751 50.84 -7.11 -3.83
N MET B 752 51.82 -7.60 -3.07
CA MET B 752 52.25 -6.83 -1.90
C MET B 752 53.05 -5.60 -2.29
N ALA B 753 53.75 -5.63 -3.43
CA ALA B 753 54.46 -4.44 -3.89
C ALA B 753 53.49 -3.40 -4.42
N HIS B 754 52.33 -3.81 -4.94
CA HIS B 754 51.29 -2.84 -5.28
C HIS B 754 50.62 -2.28 -4.04
N LEU B 755 50.30 -3.14 -3.07
CA LEU B 755 49.60 -2.70 -1.88
C LEU B 755 50.47 -1.84 -0.97
N GLY B 756 51.79 -1.98 -1.06
CA GLY B 756 52.67 -1.09 -0.32
C GLY B 756 52.75 0.31 -0.89
N GLU B 757 52.39 0.48 -2.16
CA GLU B 757 52.34 1.79 -2.81
C GLU B 757 50.93 2.33 -2.86
N ILE B 758 50.13 2.07 -1.83
CA ILE B 758 48.76 2.54 -1.77
C ILE B 758 48.48 3.09 -0.38
N MET C 10 40.49 -14.04 -8.52
CA MET C 10 40.99 -12.91 -9.28
C MET C 10 41.29 -11.74 -8.37
N THR C 11 42.09 -11.98 -7.34
CA THR C 11 42.45 -10.93 -6.40
C THR C 11 43.44 -9.96 -7.02
N LEU C 12 44.41 -10.47 -7.79
CA LEU C 12 45.43 -9.64 -8.40
C LEU C 12 44.85 -8.68 -9.43
N ALA C 13 43.80 -9.10 -10.12
CA ALA C 13 43.12 -8.19 -11.04
C ALA C 13 42.43 -7.07 -10.29
N LYS C 14 41.86 -7.36 -9.12
CA LYS C 14 41.23 -6.31 -8.31
C LYS C 14 42.26 -5.35 -7.75
N ILE C 15 43.44 -5.85 -7.37
CA ILE C 15 44.52 -4.98 -6.92
C ILE C 15 45.00 -4.09 -8.05
N GLU C 16 45.06 -4.62 -9.27
CA GLU C 16 45.49 -3.82 -10.40
C GLU C 16 44.44 -2.79 -10.80
N LEU C 17 43.16 -3.13 -10.69
CA LEU C 17 42.10 -2.14 -10.91
C LEU C 17 42.16 -1.03 -9.86
N LEU C 18 42.48 -1.39 -8.61
CA LEU C 18 42.60 -0.37 -7.57
C LEU C 18 43.79 0.53 -7.83
N LYS C 19 44.90 -0.02 -8.32
CA LYS C 19 46.04 0.82 -8.66
C LYS C 19 45.75 1.71 -9.86
N GLN C 20 44.92 1.23 -10.80
CA GLN C 20 44.52 2.07 -11.92
C GLN C 20 43.53 3.15 -11.51
N LEU C 21 42.76 2.90 -10.45
CA LEU C 21 41.77 3.87 -10.01
C LEU C 21 42.35 4.93 -9.09
N LEU C 22 43.39 4.61 -8.32
CA LEU C 22 43.94 5.58 -7.39
C LEU C 22 44.85 6.62 -8.06
N ARG C 23 45.17 6.47 -9.34
CA ARG C 23 45.93 7.48 -10.05
C ARG C 23 45.05 8.52 -10.70
N ASP C 24 43.74 8.44 -10.48
CA ASP C 24 42.77 9.42 -10.95
C ASP C 24 42.33 10.25 -9.74
N ASN C 25 42.63 11.55 -9.80
CA ASN C 25 42.63 12.40 -8.61
C ASN C 25 41.26 12.62 -7.99
N GLU C 26 40.18 12.36 -8.73
CA GLU C 26 38.84 12.52 -8.18
C GLU C 26 38.37 11.29 -7.44
N ALA C 27 38.59 10.11 -8.03
CA ALA C 27 38.26 8.86 -7.35
C ALA C 27 39.14 8.59 -6.16
N LYS C 28 40.36 9.15 -6.15
CA LYS C 28 41.21 9.05 -4.98
C LYS C 28 40.59 9.75 -3.78
N THR C 29 40.12 10.99 -3.97
CA THR C 29 39.50 11.71 -2.88
C THR C 29 38.08 11.25 -2.60
N VAL C 30 37.43 10.58 -3.55
CA VAL C 30 36.15 9.94 -3.22
C VAL C 30 36.38 8.73 -2.33
N LEU C 31 37.41 7.93 -2.64
CA LEU C 31 37.68 6.74 -1.84
C LEU C 31 38.23 7.08 -0.46
N LYS C 32 39.14 8.05 -0.38
CA LYS C 32 39.80 8.37 0.88
C LYS C 32 38.88 9.06 1.87
N GLN C 33 37.78 9.67 1.40
CA GLN C 33 36.92 10.44 2.28
C GLN C 33 35.57 9.79 2.55
N THR C 34 35.08 8.95 1.67
CA THR C 34 33.80 8.30 1.91
C THR C 34 33.99 7.17 2.91
N THR C 35 33.25 7.20 4.00
CA THR C 35 33.26 6.08 4.92
C THR C 35 32.43 4.93 4.36
N VAL C 36 32.57 3.76 4.98
CA VAL C 36 31.82 2.59 4.53
C VAL C 36 30.33 2.76 4.83
N ASP C 37 30.00 3.55 5.85
CA ASP C 37 28.61 3.88 6.11
C ASP C 37 28.03 4.83 5.07
N GLN C 38 28.88 5.60 4.39
CA GLN C 38 28.43 6.52 3.35
C GLN C 38 28.59 5.95 1.95
N TYR C 39 29.04 4.70 1.83
CA TYR C 39 28.91 3.98 0.57
C TYR C 39 27.45 3.86 0.17
N ASN C 40 26.56 3.64 1.14
CA ASN C 40 25.12 3.55 0.86
C ASN C 40 24.57 4.87 0.36
N ILE C 41 25.20 5.97 0.73
CA ILE C 41 24.80 7.28 0.23
C ILE C 41 25.32 7.49 -1.19
N ILE C 42 26.62 7.28 -1.41
CA ILE C 42 27.20 7.58 -2.72
C ILE C 42 26.88 6.54 -3.78
N ARG C 43 26.29 5.40 -3.41
CA ARG C 43 25.93 4.41 -4.41
C ARG C 43 24.72 4.86 -5.23
N LYS C 44 23.78 5.57 -4.61
CA LYS C 44 22.57 6.04 -5.27
C LYS C 44 22.71 7.43 -5.88
N PHE C 45 23.93 7.88 -6.13
CA PHE C 45 24.16 9.23 -6.67
C PHE C 45 23.63 9.32 -8.09
N ASN C 46 22.60 10.14 -8.28
CA ASN C 46 21.97 10.32 -9.58
C ASN C 46 21.70 11.80 -9.78
N THR C 47 22.17 12.34 -10.90
CA THR C 47 22.03 13.77 -11.14
C THR C 47 20.68 14.11 -11.76
N SER C 48 20.18 13.27 -12.65
CA SER C 48 18.92 13.52 -13.32
C SER C 48 17.79 12.76 -12.64
N ARG C 49 16.62 13.37 -12.63
CA ARG C 49 15.46 12.75 -12.00
C ARG C 49 14.98 11.57 -12.84
N ILE C 50 14.35 10.60 -12.15
CA ILE C 50 13.75 9.48 -12.84
C ILE C 50 12.46 9.94 -13.51
N GLU C 51 12.18 9.40 -14.69
CA GLU C 51 11.05 9.85 -15.49
C GLU C 51 9.73 9.47 -14.82
N LYS C 52 8.70 10.28 -15.07
CA LYS C 52 7.49 10.21 -14.26
C LYS C 52 6.65 9.00 -14.62
N ASN C 53 6.37 8.79 -15.91
CA ASN C 53 5.48 7.71 -16.32
C ASN C 53 6.27 6.59 -16.98
N PRO C 54 6.25 5.38 -16.44
CA PRO C 54 6.93 4.28 -17.12
C PRO C 54 6.10 3.68 -18.24
N SER C 55 4.78 3.73 -18.13
CA SER C 55 3.92 3.16 -19.16
C SER C 55 3.88 4.03 -20.40
N LEU C 56 3.88 5.36 -20.21
CA LEU C 56 3.94 6.26 -21.34
C LEU C 56 5.31 6.21 -22.02
N ARG C 57 6.38 6.12 -21.23
CA ARG C 57 7.70 5.98 -21.81
C ARG C 57 7.92 4.61 -22.45
N MET C 58 7.15 3.60 -22.04
CA MET C 58 7.26 2.30 -22.68
C MET C 58 6.47 2.26 -23.98
N LYS C 59 5.27 2.86 -24.01
CA LYS C 59 4.53 2.95 -25.26
C LYS C 59 5.18 3.91 -26.23
N TRP C 60 5.96 4.88 -25.74
CA TRP C 60 6.61 5.85 -26.59
C TRP C 60 8.00 5.41 -27.01
N ALA C 61 8.67 4.57 -26.22
CA ALA C 61 10.02 4.13 -26.55
C ALA C 61 10.04 2.92 -27.45
N MET C 62 8.95 2.14 -27.48
CA MET C 62 8.89 1.02 -28.41
C MET C 62 8.72 1.49 -29.86
N CYS C 63 8.22 2.70 -30.06
CA CYS C 63 8.10 3.27 -31.40
C CYS C 63 9.34 4.07 -31.78
N SER C 64 10.52 3.48 -31.61
CA SER C 64 11.77 4.13 -31.94
C SER C 64 12.67 3.10 -32.61
N ASN C 65 13.85 3.55 -33.01
CA ASN C 65 14.77 2.66 -33.71
C ASN C 65 15.36 1.61 -32.78
N PHE C 66 16.08 2.06 -31.76
CA PHE C 66 16.79 1.16 -30.85
C PHE C 66 16.51 1.56 -29.41
N PRO C 67 15.52 0.95 -28.76
CA PRO C 67 15.21 1.32 -27.39
C PRO C 67 16.03 0.58 -26.34
N LEU C 68 16.56 -0.58 -26.68
CA LEU C 68 17.23 -1.41 -25.69
C LEU C 68 18.69 -0.98 -25.54
N ALA C 69 19.42 -1.71 -24.71
CA ALA C 69 20.84 -1.45 -24.48
C ALA C 69 21.57 -2.77 -24.44
N LEU C 70 22.67 -2.87 -25.19
CA LEU C 70 23.45 -4.08 -25.27
C LEU C 70 24.53 -4.11 -24.19
N THR C 71 24.93 -5.32 -23.83
CA THR C 71 26.07 -5.54 -22.95
C THR C 71 27.26 -5.93 -23.82
N LYS C 72 28.36 -5.17 -23.69
CA LYS C 72 29.50 -5.37 -24.57
C LYS C 72 30.20 -6.68 -24.28
N GLY C 73 30.43 -7.46 -25.33
CA GLY C 73 31.07 -8.75 -25.17
C GLY C 73 31.17 -9.44 -26.52
N ASP C 74 31.52 -10.72 -26.48
CA ASP C 74 31.57 -11.51 -27.70
C ASP C 74 30.23 -12.17 -28.02
N MET C 75 29.29 -12.18 -27.08
CA MET C 75 27.95 -12.70 -27.33
C MET C 75 27.06 -11.65 -27.96
N ALA C 76 27.36 -10.37 -27.77
CA ALA C 76 26.61 -9.32 -28.45
C ALA C 76 27.03 -9.17 -29.90
N ASN C 77 28.23 -9.61 -30.26
CA ASN C 77 28.70 -9.55 -31.64
C ASN C 77 28.15 -10.67 -32.52
N ARG C 78 27.41 -11.62 -31.96
CA ARG C 78 26.77 -12.64 -32.78
C ARG C 78 25.61 -12.06 -33.57
N ILE C 79 25.00 -10.99 -33.06
CA ILE C 79 23.86 -10.38 -33.74
C ILE C 79 24.35 -9.61 -34.95
N PRO C 80 23.80 -9.85 -36.14
CA PRO C 80 24.23 -9.10 -37.32
C PRO C 80 23.64 -7.71 -37.35
N LEU C 81 24.36 -6.80 -38.01
CA LEU C 81 23.96 -5.40 -38.05
C LEU C 81 22.74 -5.18 -38.96
N GLU C 82 22.41 -6.13 -39.81
CA GLU C 82 21.24 -6.04 -40.67
C GLU C 82 20.73 -7.44 -40.92
N TYR C 83 19.44 -7.66 -40.72
CA TYR C 83 18.83 -8.96 -40.99
C TYR C 83 17.65 -8.75 -41.91
N LYS C 84 17.87 -9.00 -43.21
CA LYS C 84 16.85 -8.89 -44.26
C LYS C 84 16.25 -7.49 -44.30
N GLY C 85 17.11 -6.48 -44.33
CA GLY C 85 16.69 -5.11 -44.40
C GLY C 85 16.42 -4.44 -43.07
N ILE C 86 16.41 -5.20 -41.98
CA ILE C 86 16.12 -4.68 -40.65
C ILE C 86 17.43 -4.45 -39.93
N GLN C 87 17.72 -3.19 -39.59
CA GLN C 87 18.87 -2.88 -38.76
C GLN C 87 18.60 -3.34 -37.34
N LEU C 88 19.26 -4.42 -36.92
CA LEU C 88 18.99 -4.97 -35.59
C LEU C 88 19.63 -4.12 -34.51
N LYS C 89 20.95 -3.97 -34.54
CA LYS C 89 21.65 -3.19 -33.55
C LYS C 89 22.12 -1.88 -34.16
N THR C 90 22.69 -1.02 -33.33
CA THR C 90 23.07 0.31 -33.78
C THR C 90 24.43 0.28 -34.47
N ASN C 91 24.74 1.37 -35.15
CA ASN C 91 26.02 1.49 -35.82
C ASN C 91 27.13 1.72 -34.82
N ALA C 92 28.31 1.19 -35.13
CA ALA C 92 29.44 1.25 -34.20
C ALA C 92 30.19 2.58 -34.26
N GLU C 93 29.73 3.55 -35.07
CA GLU C 93 30.37 4.87 -35.06
C GLU C 93 29.90 5.72 -33.90
N ASP C 94 28.85 5.28 -33.20
CA ASP C 94 28.37 5.93 -31.98
C ASP C 94 28.89 5.25 -30.73
N ILE C 95 29.99 4.48 -30.83
CA ILE C 95 30.48 3.71 -29.70
C ILE C 95 31.12 4.63 -28.66
N GLY C 96 31.89 5.63 -29.12
CA GLY C 96 32.74 6.45 -28.28
C GLY C 96 32.05 7.22 -27.16
N THR C 97 32.28 6.75 -25.94
CA THR C 97 31.71 7.25 -24.68
C THR C 97 30.18 7.26 -24.66
N LYS C 98 29.51 6.41 -25.45
CA LYS C 98 28.06 6.32 -25.41
C LYS C 98 27.55 4.94 -25.03
N GLY C 99 27.91 3.91 -25.78
CA GLY C 99 27.35 2.57 -25.62
C GLY C 99 26.72 2.09 -26.91
N GLN C 100 26.29 0.83 -26.88
CA GLN C 100 25.65 0.19 -28.02
C GLN C 100 24.20 -0.13 -27.68
N MET C 101 23.31 0.16 -28.62
CA MET C 101 21.88 -0.07 -28.46
C MET C 101 21.39 -1.01 -29.55
N CYS C 102 20.19 -1.56 -29.35
CA CYS C 102 19.59 -2.44 -30.33
C CYS C 102 18.08 -2.36 -30.24
N SER C 103 17.41 -2.94 -31.22
CA SER C 103 15.95 -2.97 -31.26
C SER C 103 15.42 -4.25 -30.64
N ILE C 104 14.09 -4.31 -30.50
CA ILE C 104 13.45 -5.51 -29.96
C ILE C 104 13.47 -6.65 -30.97
N ALA C 105 13.64 -6.32 -32.25
CA ALA C 105 13.81 -7.34 -33.27
C ALA C 105 15.11 -8.12 -33.07
N ALA C 106 16.11 -7.51 -32.42
CA ALA C 106 17.33 -8.24 -32.07
C ALA C 106 17.06 -9.29 -30.99
N VAL C 107 16.15 -8.99 -30.06
CA VAL C 107 15.72 -9.99 -29.08
C VAL C 107 15.00 -11.14 -29.77
N THR C 108 14.14 -10.83 -30.73
CA THR C 108 13.44 -11.91 -31.42
C THR C 108 14.38 -12.71 -32.34
N TRP C 109 15.40 -12.06 -32.91
CA TRP C 109 16.39 -12.80 -33.66
C TRP C 109 17.22 -13.70 -32.75
N TRP C 110 17.48 -13.27 -31.52
CA TRP C 110 18.17 -14.16 -30.58
C TRP C 110 17.29 -15.35 -30.23
N ASN C 111 15.99 -15.13 -30.06
CA ASN C 111 15.11 -16.24 -29.73
C ASN C 111 14.86 -17.17 -30.90
N THR C 112 15.15 -16.73 -32.13
CA THR C 112 14.97 -17.59 -33.30
C THR C 112 16.28 -18.23 -33.77
N TYR C 113 17.29 -17.43 -34.11
CA TYR C 113 18.53 -17.91 -34.67
C TYR C 113 19.73 -17.62 -33.76
N GLY C 114 19.54 -17.64 -32.46
CA GLY C 114 20.61 -17.32 -31.54
C GLY C 114 21.44 -18.53 -31.18
N PRO C 115 22.59 -18.30 -30.53
CA PRO C 115 23.42 -19.43 -30.10
C PRO C 115 22.81 -20.13 -28.90
N ILE C 116 22.94 -21.44 -28.88
CA ILE C 116 22.27 -22.25 -27.88
C ILE C 116 23.05 -22.23 -26.58
N GLY C 117 22.33 -22.31 -25.46
CA GLY C 117 22.94 -22.30 -24.16
C GLY C 117 22.21 -23.23 -23.21
N ASP C 118 22.77 -23.37 -22.02
CA ASP C 118 22.32 -24.35 -21.06
C ASP C 118 21.34 -23.75 -20.07
N THR C 119 20.19 -24.38 -19.93
CA THR C 119 19.13 -23.91 -19.03
C THR C 119 19.21 -24.60 -17.67
N GLU C 120 20.40 -24.61 -17.08
CA GLU C 120 20.60 -25.12 -15.73
C GLU C 120 21.08 -23.95 -14.89
N GLY C 121 20.21 -23.48 -14.01
CA GLY C 121 20.41 -22.20 -13.36
C GLY C 121 19.08 -21.48 -13.33
N PHE C 122 18.26 -21.69 -14.37
CA PHE C 122 16.88 -21.25 -14.29
C PHE C 122 16.09 -22.16 -13.36
N GLU C 123 16.26 -23.46 -13.52
CA GLU C 123 15.50 -24.42 -12.72
C GLU C 123 15.96 -24.43 -11.26
N ARG C 124 17.20 -24.03 -11.00
CA ARG C 124 17.68 -23.91 -9.63
C ARG C 124 17.12 -22.68 -8.95
N VAL C 125 17.16 -21.54 -9.64
CA VAL C 125 16.73 -20.28 -9.05
C VAL C 125 15.22 -20.23 -8.88
N TYR C 126 14.48 -20.69 -9.87
CA TYR C 126 13.02 -20.57 -9.85
C TYR C 126 12.35 -21.83 -9.34
N GLU C 127 13.02 -22.54 -8.42
CA GLU C 127 12.51 -23.77 -7.84
C GLU C 127 11.22 -23.56 -7.09
N SER C 128 11.03 -22.37 -6.50
CA SER C 128 9.78 -22.08 -5.80
C SER C 128 8.60 -22.02 -6.76
N PHE C 129 8.79 -21.40 -7.92
CA PHE C 129 7.71 -21.33 -8.90
C PHE C 129 7.49 -22.68 -9.58
N PHE C 130 8.55 -23.48 -9.73
CA PHE C 130 8.35 -24.82 -10.29
C PHE C 130 7.59 -25.72 -9.33
N LEU C 131 7.84 -25.58 -8.02
CA LEU C 131 7.03 -26.26 -7.02
C LEU C 131 5.61 -25.72 -6.99
N ARG C 132 5.45 -24.41 -7.21
CA ARG C 132 4.13 -23.80 -7.27
C ARG C 132 3.32 -24.34 -8.44
N LYS C 133 3.99 -24.60 -9.57
CA LYS C 133 3.33 -25.20 -10.72
C LYS C 133 3.00 -26.66 -10.48
N MET C 134 3.91 -27.39 -9.81
CA MET C 134 3.68 -28.79 -9.51
C MET C 134 2.50 -28.98 -8.54
N ARG C 135 2.33 -28.06 -7.59
CA ARG C 135 1.21 -28.17 -6.65
C ARG C 135 -0.14 -27.89 -7.31
N LEU C 136 -0.15 -27.30 -8.50
CA LEU C 136 -1.39 -27.09 -9.25
C LEU C 136 -1.62 -28.14 -10.32
N ASP C 137 -0.56 -28.72 -10.87
CA ASP C 137 -0.74 -29.79 -11.84
C ASP C 137 -1.19 -31.08 -11.17
N ASN C 138 -0.64 -31.39 -10.00
CA ASN C 138 -1.07 -32.55 -9.23
C ASN C 138 -2.18 -32.18 -8.25
N ALA C 139 -3.21 -31.49 -8.72
CA ALA C 139 -4.30 -31.06 -7.86
C ALA C 139 -5.62 -31.29 -8.55
N THR C 140 -6.58 -31.84 -7.83
CA THR C 140 -7.91 -32.07 -8.37
C THR C 140 -8.88 -31.02 -7.84
N TRP C 141 -9.85 -30.69 -8.68
CA TRP C 141 -10.87 -29.71 -8.37
C TRP C 141 -12.14 -30.42 -7.97
N GLY C 142 -13.03 -29.68 -7.32
CA GLY C 142 -14.28 -30.27 -6.90
C GLY C 142 -15.46 -29.77 -7.67
N ARG C 143 -16.30 -28.98 -6.99
CA ARG C 143 -17.53 -28.46 -7.55
C ARG C 143 -17.72 -27.04 -7.05
N ILE C 144 -18.33 -26.20 -7.88
CA ILE C 144 -18.60 -24.82 -7.50
C ILE C 144 -20.03 -24.73 -6.99
N THR C 145 -20.20 -24.02 -5.88
CA THR C 145 -21.48 -23.82 -5.22
C THR C 145 -21.81 -22.34 -5.24
N PHE C 146 -23.09 -22.03 -5.45
CA PHE C 146 -23.56 -20.65 -5.54
C PHE C 146 -24.38 -20.33 -4.32
N GLY C 147 -23.83 -19.49 -3.45
CA GLY C 147 -24.51 -19.11 -2.23
C GLY C 147 -23.68 -18.09 -1.47
N PRO C 148 -24.20 -17.59 -0.36
CA PRO C 148 -23.47 -16.56 0.39
C PRO C 148 -22.22 -17.10 1.06
N VAL C 149 -21.17 -16.29 1.06
CA VAL C 149 -19.90 -16.61 1.68
C VAL C 149 -19.52 -15.44 2.56
N GLU C 150 -19.38 -15.67 3.87
CA GLU C 150 -18.98 -14.62 4.79
C GLU C 150 -17.47 -14.67 4.98
N ARG C 151 -16.78 -13.68 4.43
CA ARG C 151 -15.34 -13.62 4.48
C ARG C 151 -14.89 -12.81 5.68
N VAL C 152 -13.88 -13.31 6.37
CA VAL C 152 -13.27 -12.63 7.51
C VAL C 152 -11.86 -12.25 7.10
N ARG C 153 -11.48 -11.01 7.34
CA ARG C 153 -10.14 -10.55 7.02
C ARG C 153 -9.18 -11.03 8.10
N LYS C 154 -8.18 -11.81 7.70
CA LYS C 154 -7.25 -12.40 8.66
C LYS C 154 -5.85 -12.35 8.08
N ARG C 155 -4.85 -12.31 8.96
CA ARG C 155 -3.47 -12.37 8.52
C ARG C 155 -3.10 -13.83 8.25
N VAL C 156 -2.82 -14.15 6.99
CA VAL C 156 -2.50 -15.49 6.56
C VAL C 156 -1.14 -15.50 5.89
N LEU C 157 -0.54 -16.68 5.81
CA LEU C 157 0.69 -16.88 5.07
C LEU C 157 0.35 -17.13 3.62
N LEU C 158 1.05 -16.44 2.72
CA LEU C 158 0.69 -16.51 1.31
C LEU C 158 1.20 -17.80 0.67
N ASN C 159 2.46 -18.16 0.92
CA ASN C 159 3.07 -19.26 0.21
C ASN C 159 3.59 -20.31 1.16
N PRO C 160 3.51 -21.59 0.79
CA PRO C 160 4.04 -22.64 1.66
C PRO C 160 5.55 -22.61 1.73
N LEU C 161 6.07 -23.07 2.87
CA LEU C 161 7.52 -23.10 3.10
C LEU C 161 7.93 -24.45 3.66
N THR C 162 9.19 -24.57 4.06
CA THR C 162 9.66 -25.70 4.84
C THR C 162 10.20 -25.25 6.19
N LYS C 163 11.07 -24.26 6.22
CA LYS C 163 11.65 -23.75 7.46
C LYS C 163 11.36 -22.26 7.54
N GLU C 164 10.22 -21.92 8.15
CA GLU C 164 9.82 -20.53 8.30
C GLU C 164 10.69 -19.87 9.36
N MET C 165 11.61 -19.01 8.93
CA MET C 165 12.50 -18.31 9.83
C MET C 165 12.19 -16.81 9.82
N PRO C 166 12.39 -16.13 10.96
CA PRO C 166 12.21 -14.68 10.98
C PRO C 166 13.27 -14.01 10.14
N PRO C 167 12.98 -12.83 9.57
CA PRO C 167 13.82 -12.31 8.46
C PRO C 167 15.20 -11.86 8.89
N ASP C 168 15.40 -11.44 10.13
CA ASP C 168 16.75 -11.09 10.56
C ASP C 168 17.60 -12.35 10.77
N GLU C 169 17.02 -13.37 11.39
CA GLU C 169 17.68 -14.67 11.51
C GLU C 169 17.92 -15.29 10.14
N ALA C 170 16.95 -15.16 9.24
CA ALA C 170 17.11 -15.70 7.89
C ALA C 170 18.15 -14.95 7.09
N SER C 171 18.29 -13.64 7.33
CA SER C 171 19.34 -12.88 6.67
C SER C 171 20.72 -13.27 7.19
N ASN C 172 20.83 -13.52 8.51
CA ASN C 172 22.10 -13.98 9.07
C ASN C 172 22.46 -15.37 8.54
N VAL C 173 21.46 -16.24 8.39
CA VAL C 173 21.67 -17.58 7.84
C VAL C 173 22.13 -17.50 6.39
N ILE C 174 21.50 -16.61 5.60
CA ILE C 174 21.87 -16.44 4.20
C ILE C 174 23.27 -15.86 4.07
N MET C 175 23.65 -14.96 4.96
CA MET C 175 25.03 -14.49 4.99
C MET C 175 25.99 -15.62 5.38
N GLU C 176 25.56 -16.54 6.24
CA GLU C 176 26.44 -17.66 6.57
C GLU C 176 26.45 -18.75 5.49
N ILE C 177 25.58 -18.68 4.49
CA ILE C 177 25.56 -19.64 3.40
C ILE C 177 26.35 -19.13 2.19
N LEU C 178 26.13 -17.89 1.79
CA LEU C 178 26.68 -17.38 0.55
C LEU C 178 27.91 -16.51 0.72
N PHE C 179 27.97 -15.69 1.78
CA PHE C 179 29.08 -14.77 2.02
C PHE C 179 29.66 -15.03 3.40
N PRO C 180 30.32 -16.17 3.61
CA PRO C 180 30.71 -16.53 4.99
C PRO C 180 31.90 -15.77 5.53
N LYS C 181 32.70 -15.14 4.67
CA LYS C 181 33.87 -14.40 5.15
C LYS C 181 33.44 -13.11 5.84
N GLU C 182 32.61 -12.32 5.18
CA GLU C 182 32.12 -11.06 5.75
C GLU C 182 30.77 -11.23 6.44
N ALA C 183 30.65 -12.21 7.33
CA ALA C 183 29.34 -12.55 7.87
C ALA C 183 29.03 -11.86 9.19
N GLY C 184 30.03 -11.45 9.95
CA GLY C 184 29.80 -10.70 11.17
C GLY C 184 30.05 -11.47 12.45
N ILE C 185 29.21 -11.26 13.45
CA ILE C 185 29.34 -11.94 14.74
C ILE C 185 28.59 -13.25 14.66
N PRO C 186 29.16 -14.36 15.13
CA PRO C 186 28.40 -15.61 15.22
C PRO C 186 27.30 -15.50 16.27
N ARG C 187 26.06 -15.62 15.82
CA ARG C 187 24.91 -15.49 16.70
C ARG C 187 24.37 -16.88 17.04
N GLU C 188 23.23 -16.92 17.73
CA GLU C 188 22.59 -18.20 18.05
C GLU C 188 21.95 -18.84 16.82
N SER C 189 21.70 -18.06 15.77
CA SER C 189 21.13 -18.59 14.54
C SER C 189 22.09 -19.50 13.79
N THR C 190 23.40 -19.32 13.98
CA THR C 190 24.38 -20.22 13.37
C THR C 190 24.30 -21.61 13.97
N TRP C 191 23.93 -21.71 15.25
CA TRP C 191 24.02 -22.99 15.95
C TRP C 191 22.84 -23.90 15.60
N ILE C 192 21.63 -23.35 15.58
CA ILE C 192 20.43 -24.17 15.42
C ILE C 192 20.09 -24.35 13.96
N HIS C 193 20.97 -23.86 13.07
CA HIS C 193 20.75 -24.01 11.64
C HIS C 193 22.02 -24.38 10.89
N ARG C 194 23.02 -24.96 11.55
CA ARG C 194 24.25 -25.31 10.84
C ARG C 194 24.07 -26.49 9.91
N GLU C 195 23.05 -27.31 10.14
CA GLU C 195 22.70 -28.37 9.19
C GLU C 195 22.25 -27.78 7.87
N LEU C 196 21.32 -26.83 7.91
CA LEU C 196 20.84 -26.16 6.70
C LEU C 196 21.94 -25.36 6.04
N ILE C 197 22.81 -24.73 6.84
CA ILE C 197 23.90 -23.92 6.31
C ILE C 197 24.90 -24.79 5.54
N LYS C 198 25.32 -25.90 6.15
CA LYS C 198 26.30 -26.75 5.48
C LYS C 198 25.68 -27.52 4.32
N GLU C 199 24.39 -27.87 4.41
CA GLU C 199 23.73 -28.56 3.30
C GLU C 199 23.54 -27.64 2.10
N LYS C 200 23.08 -26.40 2.32
CA LYS C 200 22.91 -25.46 1.22
C LYS C 200 24.25 -24.99 0.68
N ARG C 201 25.29 -24.95 1.51
CA ARG C 201 26.61 -24.64 0.99
C ARG C 201 27.21 -25.81 0.22
N GLU C 202 26.76 -27.03 0.50
CA GLU C 202 27.11 -28.15 -0.37
C GLU C 202 26.42 -28.04 -1.72
N LYS C 203 25.11 -27.78 -1.71
CA LYS C 203 24.34 -27.82 -2.95
C LYS C 203 24.62 -26.63 -3.86
N LEU C 204 25.13 -25.51 -3.34
CA LEU C 204 25.44 -24.33 -4.12
C LEU C 204 26.95 -24.12 -4.25
N LYS C 205 27.69 -25.21 -4.42
CA LYS C 205 29.14 -25.14 -4.31
C LYS C 205 29.77 -24.57 -5.57
N GLY C 206 29.72 -25.32 -6.66
CA GLY C 206 30.29 -24.87 -7.92
C GLY C 206 29.29 -24.23 -8.86
N THR C 207 28.73 -23.09 -8.47
CA THR C 207 27.76 -22.40 -9.31
C THR C 207 28.27 -21.00 -9.64
N MET C 208 27.88 -20.50 -10.81
CA MET C 208 28.39 -19.24 -11.34
C MET C 208 27.31 -18.18 -11.48
N ILE C 209 26.17 -18.37 -10.82
CA ILE C 209 25.14 -17.34 -10.78
C ILE C 209 25.63 -16.15 -9.95
N THR C 210 25.11 -14.97 -10.26
CA THR C 210 25.34 -13.79 -9.44
C THR C 210 24.83 -14.06 -8.02
N PRO C 211 25.62 -13.77 -6.98
CA PRO C 211 25.23 -14.19 -5.62
C PRO C 211 24.04 -13.45 -5.05
N ILE C 212 23.66 -12.31 -5.62
CA ILE C 212 22.49 -11.61 -5.10
C ILE C 212 21.20 -12.28 -5.56
N VAL C 213 21.24 -12.94 -6.73
CA VAL C 213 20.10 -13.76 -7.16
C VAL C 213 19.97 -14.99 -6.28
N LEU C 214 21.09 -15.56 -5.85
CA LEU C 214 21.06 -16.68 -4.93
C LEU C 214 20.57 -16.25 -3.55
N ALA C 215 20.90 -15.03 -3.14
CA ALA C 215 20.39 -14.50 -1.89
C ALA C 215 18.89 -14.34 -1.93
N TYR C 216 18.36 -13.85 -3.04
CA TYR C 216 16.92 -13.66 -3.08
C TYR C 216 16.16 -14.96 -3.35
N MET C 217 16.77 -15.95 -4.02
CA MET C 217 16.10 -17.25 -4.10
C MET C 217 16.13 -17.96 -2.75
N LEU C 218 17.19 -17.78 -1.96
CA LEU C 218 17.22 -18.36 -0.64
C LEU C 218 16.22 -17.68 0.29
N GLU C 219 16.07 -16.36 0.19
CA GLU C 219 15.08 -15.72 1.04
C GLU C 219 13.66 -15.93 0.53
N ARG C 220 13.49 -16.32 -0.72
CA ARG C 220 12.18 -16.79 -1.16
C ARG C 220 11.91 -18.19 -0.65
N GLU C 221 12.96 -18.96 -0.41
CA GLU C 221 12.82 -20.30 0.15
C GLU C 221 12.62 -20.29 1.66
N LEU C 222 13.13 -19.28 2.36
CA LEU C 222 13.19 -19.28 3.83
C LEU C 222 12.23 -18.29 4.49
N VAL C 223 12.16 -17.06 4.01
CA VAL C 223 11.44 -16.00 4.73
C VAL C 223 9.95 -16.11 4.44
N ALA C 224 9.15 -15.95 5.49
CA ALA C 224 7.70 -15.98 5.36
C ALA C 224 7.18 -14.68 4.78
N ARG C 225 5.88 -14.67 4.48
CA ARG C 225 5.22 -13.49 3.91
C ARG C 225 3.76 -13.58 4.29
N ARG C 226 3.34 -12.79 5.28
CA ARG C 226 2.01 -12.88 5.85
C ARG C 226 1.27 -11.57 5.61
N ARG C 227 0.06 -11.67 5.04
CA ARG C 227 -0.71 -10.51 4.64
C ARG C 227 -2.14 -10.64 5.11
N PHE C 228 -2.84 -9.52 5.18
CA PHE C 228 -4.24 -9.49 5.61
C PHE C 228 -5.13 -9.77 4.41
N LEU C 229 -5.61 -10.99 4.29
CA LEU C 229 -6.45 -11.35 3.17
C LEU C 229 -7.82 -11.77 3.65
N PRO C 230 -8.87 -11.61 2.83
CA PRO C 230 -10.20 -12.10 3.20
C PRO C 230 -10.33 -13.60 2.97
N VAL C 231 -10.35 -14.35 4.06
CA VAL C 231 -10.39 -15.81 3.98
C VAL C 231 -11.72 -16.30 4.51
N ALA C 232 -12.14 -17.47 4.04
CA ALA C 232 -13.38 -18.08 4.51
C ALA C 232 -13.23 -19.59 4.44
N GLY C 233 -12.78 -20.18 5.53
CA GLY C 233 -12.83 -21.62 5.69
C GLY C 233 -11.58 -22.39 5.33
N ALA C 234 -10.55 -21.74 4.79
CA ALA C 234 -9.32 -22.44 4.44
C ALA C 234 -8.18 -21.42 4.47
N THR C 235 -7.40 -21.43 5.53
CA THR C 235 -6.37 -20.42 5.74
C THR C 235 -4.95 -20.96 5.60
N SER C 236 -4.78 -22.22 5.23
CA SER C 236 -3.43 -22.74 5.05
C SER C 236 -2.82 -22.23 3.76
N ALA C 237 -1.50 -22.14 3.73
CA ALA C 237 -0.79 -21.54 2.60
C ALA C 237 -0.89 -22.36 1.32
N GLU C 238 -1.37 -23.60 1.39
CA GLU C 238 -1.73 -24.35 0.20
C GLU C 238 -3.07 -23.94 -0.38
N PHE C 239 -3.93 -23.32 0.44
CA PHE C 239 -5.22 -22.84 -0.02
C PHE C 239 -5.24 -21.35 -0.26
N ILE C 240 -4.27 -20.60 0.28
CA ILE C 240 -4.20 -19.17 0.06
C ILE C 240 -3.55 -18.86 -1.28
N GLU C 241 -2.68 -19.76 -1.78
CA GLU C 241 -2.04 -19.54 -3.07
C GLU C 241 -3.00 -19.64 -4.24
N MET C 242 -4.18 -20.22 -4.03
CA MET C 242 -5.24 -20.32 -5.03
C MET C 242 -6.52 -19.67 -4.49
N LEU C 243 -6.38 -18.57 -3.75
CA LEU C 243 -7.53 -17.98 -3.06
C LEU C 243 -8.47 -17.28 -4.03
N HIS C 244 -7.95 -16.79 -5.15
CA HIS C 244 -8.77 -16.09 -6.14
C HIS C 244 -9.77 -17.04 -6.79
N CYS C 245 -9.35 -18.28 -7.03
CA CYS C 245 -10.22 -19.30 -7.59
C CYS C 245 -10.97 -20.08 -6.53
N LEU C 246 -10.69 -19.84 -5.25
CA LEU C 246 -11.27 -20.66 -4.20
C LEU C 246 -12.71 -20.25 -3.91
N GLN C 247 -12.91 -19.01 -3.48
CA GLN C 247 -14.25 -18.53 -3.19
C GLN C 247 -14.36 -17.07 -3.60
N GLY C 248 -15.60 -16.61 -3.70
CA GLY C 248 -15.85 -15.21 -3.92
C GLY C 248 -16.82 -14.73 -2.88
N GLU C 249 -17.47 -13.60 -3.12
CA GLU C 249 -18.50 -13.17 -2.18
C GLU C 249 -19.78 -13.97 -2.34
N ASN C 250 -19.99 -14.61 -3.49
CA ASN C 250 -21.25 -15.32 -3.73
C ASN C 250 -21.06 -16.70 -4.34
N TRP C 251 -19.87 -17.26 -4.30
CA TRP C 251 -19.65 -18.61 -4.81
C TRP C 251 -18.44 -19.21 -4.11
N ARG C 252 -18.34 -20.54 -4.16
CA ARG C 252 -17.28 -21.26 -3.47
C ARG C 252 -16.88 -22.47 -4.29
N GLN C 253 -15.60 -22.59 -4.62
CA GLN C 253 -15.09 -23.68 -5.43
C GLN C 253 -14.28 -24.62 -4.55
N ILE C 254 -14.69 -25.88 -4.50
CA ILE C 254 -13.96 -26.87 -3.71
C ILE C 254 -12.66 -27.23 -4.42
N TYR C 255 -11.59 -27.37 -3.64
CA TYR C 255 -10.27 -27.57 -4.19
C TYR C 255 -9.51 -28.55 -3.31
N HIS C 256 -8.76 -29.45 -3.94
CA HIS C 256 -7.95 -30.43 -3.23
C HIS C 256 -6.52 -30.30 -3.74
N PRO C 257 -5.67 -29.56 -3.03
CA PRO C 257 -4.35 -29.23 -3.57
C PRO C 257 -3.40 -30.41 -3.53
N GLY C 258 -2.24 -30.20 -4.13
CA GLY C 258 -1.23 -31.23 -4.23
C GLY C 258 -0.12 -31.05 -3.21
N GLY C 259 0.97 -31.77 -3.44
CA GLY C 259 2.04 -31.78 -2.47
C GLY C 259 1.67 -32.63 -1.26
N ASN C 260 2.09 -32.16 -0.09
CA ASN C 260 1.80 -32.84 1.16
C ASN C 260 1.43 -31.81 2.22
N LYS C 261 0.72 -32.27 3.24
CA LYS C 261 0.25 -31.43 4.32
C LYS C 261 0.86 -31.90 5.64
N LEU C 262 0.50 -31.21 6.71
CA LEU C 262 1.02 -31.50 8.03
C LEU C 262 -0.12 -31.91 8.95
N THR C 263 0.22 -32.69 9.98
CA THR C 263 -0.78 -33.20 10.91
C THR C 263 -1.30 -32.13 11.85
N GLU C 264 -0.57 -31.02 12.01
CA GLU C 264 -1.06 -29.93 12.86
C GLU C 264 -2.25 -29.24 12.22
N SER C 265 -2.20 -29.01 10.91
CA SER C 265 -3.33 -28.43 10.20
C SER C 265 -4.52 -29.39 10.19
N ARG C 266 -4.26 -30.68 10.07
CA ARG C 266 -5.34 -31.67 10.08
C ARG C 266 -5.98 -31.76 11.45
N SER C 267 -5.18 -31.64 12.51
CA SER C 267 -5.74 -31.65 13.86
C SER C 267 -6.53 -30.38 14.15
N GLN C 268 -6.03 -29.23 13.67
CA GLN C 268 -6.72 -27.97 13.89
C GLN C 268 -8.07 -27.95 13.16
N SER C 269 -8.08 -28.36 11.90
CA SER C 269 -9.34 -28.44 11.16
C SER C 269 -10.26 -29.52 11.71
N MET C 270 -9.70 -30.57 12.31
CA MET C 270 -10.54 -31.58 12.95
C MET C 270 -11.24 -31.02 14.18
N ILE C 271 -10.53 -30.21 14.97
CA ILE C 271 -11.13 -29.56 16.14
C ILE C 271 -12.24 -28.61 15.71
N VAL C 272 -11.98 -27.83 14.64
CA VAL C 272 -12.97 -26.87 14.14
C VAL C 272 -14.22 -27.58 13.63
N ALA C 273 -14.03 -28.68 12.87
CA ALA C 273 -15.17 -29.41 12.33
C ALA C 273 -15.99 -30.07 13.43
N CYS C 274 -15.32 -30.61 14.45
CA CYS C 274 -16.04 -31.22 15.56
C CYS C 274 -16.84 -30.19 16.35
N ARG C 275 -16.26 -29.00 16.55
CA ARG C 275 -16.98 -27.93 17.23
C ARG C 275 -18.21 -27.48 16.47
N LYS C 276 -18.09 -27.33 15.14
CA LYS C 276 -19.23 -26.91 14.33
C LYS C 276 -20.32 -27.97 14.31
N ILE C 277 -19.94 -29.25 14.29
CA ILE C 277 -20.92 -30.33 14.29
C ILE C 277 -21.70 -30.37 15.59
N ILE C 278 -21.00 -30.19 16.73
CA ILE C 278 -21.70 -30.22 18.02
C ILE C 278 -22.56 -28.97 18.19
N ARG C 279 -22.09 -27.82 17.70
CA ARG C 279 -22.85 -26.59 17.84
C ARG C 279 -24.13 -26.62 17.01
N ARG C 280 -24.08 -27.22 15.82
CA ARG C 280 -25.32 -27.35 15.07
C ARG C 280 -26.17 -28.48 15.63
N SER C 281 -25.57 -29.47 16.29
CA SER C 281 -26.31 -30.64 16.72
C SER C 281 -27.13 -30.40 17.97
N ILE C 282 -26.68 -29.51 18.85
CA ILE C 282 -27.22 -29.42 20.21
C ILE C 282 -28.63 -28.84 20.28
N VAL C 283 -29.15 -28.26 19.20
CA VAL C 283 -30.52 -27.76 19.23
C VAL C 283 -31.54 -28.78 18.74
N ALA C 284 -31.09 -29.90 18.19
CA ALA C 284 -32.02 -30.85 17.59
C ALA C 284 -32.69 -31.72 18.65
N SER C 285 -33.66 -32.50 18.20
CA SER C 285 -34.22 -33.57 19.00
C SER C 285 -33.40 -34.84 18.74
N ASN C 286 -32.97 -35.50 19.82
CA ASN C 286 -31.93 -36.52 19.84
C ASN C 286 -30.68 -36.00 19.12
N PRO C 287 -29.89 -35.12 19.76
CA PRO C 287 -28.72 -34.54 19.10
C PRO C 287 -27.65 -35.53 18.72
N LEU C 288 -27.61 -36.71 19.35
CA LEU C 288 -26.59 -37.71 19.05
C LEU C 288 -26.76 -38.27 17.64
N GLU C 289 -28.00 -38.49 17.21
CA GLU C 289 -28.27 -39.07 15.91
C GLU C 289 -27.86 -38.12 14.79
N LEU C 290 -28.26 -36.86 14.90
CA LEU C 290 -27.86 -35.84 13.92
C LEU C 290 -26.35 -35.59 13.99
N ALA C 291 -25.74 -35.70 15.16
CA ALA C 291 -24.30 -35.49 15.29
C ALA C 291 -23.51 -36.57 14.56
N VAL C 292 -23.90 -37.83 14.73
CA VAL C 292 -23.25 -38.92 14.00
C VAL C 292 -23.55 -38.82 12.50
N GLU C 293 -24.78 -38.42 12.16
CA GLU C 293 -25.20 -38.33 10.76
C GLU C 293 -24.43 -37.25 10.00
N ILE C 294 -24.09 -36.16 10.68
CA ILE C 294 -23.26 -35.14 10.05
C ILE C 294 -21.78 -35.53 10.11
N ALA C 295 -21.34 -36.18 11.19
CA ALA C 295 -19.93 -36.52 11.33
C ALA C 295 -19.49 -37.66 10.42
N ASN C 296 -20.42 -38.42 9.87
CA ASN C 296 -20.03 -39.46 8.92
C ASN C 296 -19.60 -38.85 7.59
N LYS C 297 -20.41 -37.95 7.04
CA LYS C 297 -20.20 -37.40 5.70
C LYS C 297 -19.38 -36.12 5.70
N THR C 298 -18.53 -35.92 6.70
CA THR C 298 -17.67 -34.76 6.78
C THR C 298 -16.28 -35.14 6.30
N VAL C 299 -15.78 -34.44 5.29
CA VAL C 299 -14.49 -34.72 4.68
C VAL C 299 -13.57 -33.54 4.93
N ILE C 300 -12.45 -33.80 5.60
CA ILE C 300 -11.42 -32.77 5.80
C ILE C 300 -10.44 -32.93 4.64
N ASP C 301 -10.83 -32.37 3.50
CA ASP C 301 -10.07 -32.09 2.28
C ASP C 301 -9.69 -33.32 1.45
N THR C 302 -9.61 -34.51 2.04
CA THR C 302 -9.43 -35.70 1.21
C THR C 302 -10.09 -36.95 1.76
N GLU C 303 -10.41 -36.94 3.05
CA GLU C 303 -10.66 -38.17 3.79
C GLU C 303 -11.73 -37.89 4.83
N PRO C 304 -12.50 -38.91 5.26
CA PRO C 304 -13.60 -38.64 6.20
C PRO C 304 -13.18 -38.20 7.58
N LEU C 305 -14.15 -37.86 8.41
CA LEU C 305 -13.82 -37.40 9.76
C LEU C 305 -13.44 -38.55 10.68
N LYS C 306 -13.95 -39.75 10.43
CA LYS C 306 -13.65 -40.87 11.33
C LYS C 306 -12.20 -41.33 11.19
N SER C 307 -11.63 -41.24 10.00
CA SER C 307 -10.22 -41.57 9.82
C SER C 307 -9.33 -40.54 10.50
N CYS C 308 -9.71 -39.26 10.43
CA CYS C 308 -8.96 -38.21 11.10
C CYS C 308 -9.03 -38.35 12.61
N LEU C 309 -10.21 -38.70 13.14
CA LEU C 309 -10.33 -38.96 14.56
C LEU C 309 -9.61 -40.24 14.98
N ALA C 310 -9.42 -41.19 14.06
CA ALA C 310 -8.70 -42.41 14.37
C ALA C 310 -7.20 -42.17 14.46
N ALA C 311 -6.63 -41.46 13.50
CA ALA C 311 -5.18 -41.41 13.38
C ALA C 311 -4.52 -40.26 14.13
N ILE C 312 -5.26 -39.24 14.54
CA ILE C 312 -4.67 -38.04 15.12
C ILE C 312 -4.69 -38.15 16.64
N ASP C 313 -3.50 -38.05 17.24
CA ASP C 313 -3.37 -38.01 18.70
C ASP C 313 -3.60 -36.58 19.16
N GLY C 314 -4.73 -36.33 19.81
CA GLY C 314 -5.04 -35.01 20.31
C GLY C 314 -6.50 -34.71 20.14
N GLY C 315 -6.81 -33.41 20.14
CA GLY C 315 -8.18 -32.98 20.04
C GLY C 315 -8.61 -32.15 21.22
N ASP C 316 -9.92 -32.01 21.44
CA ASP C 316 -10.45 -31.23 22.54
C ASP C 316 -11.65 -32.00 23.09
N VAL C 317 -12.50 -31.31 23.84
CA VAL C 317 -13.78 -31.88 24.29
C VAL C 317 -14.64 -32.27 23.08
N ALA C 318 -14.63 -31.45 22.03
CA ALA C 318 -15.49 -31.69 20.88
C ALA C 318 -15.02 -32.89 20.07
N CYS C 319 -13.70 -33.03 19.89
CA CYS C 319 -13.16 -34.20 19.22
C CYS C 319 -13.46 -35.48 19.99
N ASP C 320 -13.44 -35.40 21.32
CA ASP C 320 -13.73 -36.58 22.12
C ASP C 320 -15.20 -36.95 22.10
N ILE C 321 -16.10 -35.96 22.06
CA ILE C 321 -17.53 -36.25 21.97
C ILE C 321 -17.88 -36.85 20.61
N ILE C 322 -17.28 -36.32 19.54
CA ILE C 322 -17.52 -36.91 18.22
C ILE C 322 -16.85 -38.27 18.09
N ARG C 323 -15.71 -38.48 18.75
CA ARG C 323 -15.03 -39.77 18.76
C ARG C 323 -15.86 -40.83 19.47
N ALA C 324 -16.38 -40.51 20.65
CA ALA C 324 -17.20 -41.45 21.39
C ALA C 324 -18.58 -41.63 20.75
N ALA C 325 -19.03 -40.66 19.96
CA ALA C 325 -20.30 -40.83 19.26
C ALA C 325 -20.17 -41.82 18.12
N LEU C 326 -19.03 -41.80 17.44
CA LEU C 326 -18.78 -42.71 16.31
C LEU C 326 -18.34 -44.10 16.76
N GLY C 327 -18.01 -44.28 18.04
CA GLY C 327 -17.48 -45.56 18.48
C GLY C 327 -15.98 -45.66 18.33
N LEU C 328 -15.25 -44.75 18.97
CA LEU C 328 -13.80 -44.75 18.97
C LEU C 328 -13.30 -44.51 20.39
N LYS C 329 -12.02 -44.81 20.61
CA LYS C 329 -11.40 -44.58 21.90
C LYS C 329 -11.11 -43.09 22.07
N ILE C 330 -11.61 -42.51 23.15
CA ILE C 330 -11.37 -41.10 23.40
C ILE C 330 -9.92 -40.90 23.85
N ARG C 331 -9.29 -39.89 23.30
CA ARG C 331 -7.93 -39.50 23.67
C ARG C 331 -8.05 -38.20 24.44
N GLN C 332 -7.95 -38.27 25.77
CA GLN C 332 -8.12 -37.08 26.60
C GLN C 332 -6.82 -36.29 26.75
N ARG C 333 -6.19 -36.00 25.62
CA ARG C 333 -4.94 -35.25 25.59
C ARG C 333 -5.20 -33.86 25.03
N GLN C 334 -4.74 -32.84 25.75
CA GLN C 334 -4.91 -31.45 25.37
C GLN C 334 -3.55 -30.79 25.22
N ARG C 335 -3.56 -29.57 24.69
CA ARG C 335 -2.32 -28.85 24.41
C ARG C 335 -2.39 -27.42 24.92
N PHE C 336 -1.22 -26.90 25.25
CA PHE C 336 -0.98 -25.49 25.57
C PHE C 336 0.25 -25.00 24.82
N GLY C 337 0.27 -25.23 23.52
CA GLY C 337 1.45 -24.91 22.74
C GLY C 337 2.44 -26.05 22.76
N ARG C 338 3.50 -25.90 23.54
CA ARG C 338 4.48 -26.98 23.70
C ARG C 338 4.10 -27.96 24.79
N LEU C 339 3.20 -27.60 25.70
CA LEU C 339 2.84 -28.43 26.84
C LEU C 339 1.73 -29.39 26.44
N GLU C 340 2.05 -30.67 26.38
CA GLU C 340 1.05 -31.72 26.13
C GLU C 340 0.59 -32.27 27.46
N LEU C 341 -0.73 -32.38 27.65
CA LEU C 341 -1.28 -32.80 28.92
C LEU C 341 -2.29 -33.91 28.72
N LYS C 342 -2.42 -34.76 29.74
CA LYS C 342 -3.41 -35.82 29.77
C LYS C 342 -4.12 -35.78 31.12
N ARG C 343 -5.44 -35.63 31.09
CA ARG C 343 -6.21 -35.43 32.32
C ARG C 343 -6.34 -36.76 33.05
N ILE C 344 -5.68 -36.87 34.22
CA ILE C 344 -5.86 -38.05 35.06
C ILE C 344 -7.26 -38.06 35.65
N SER C 345 -7.61 -36.99 36.37
CA SER C 345 -8.92 -36.83 36.98
C SER C 345 -9.15 -35.36 37.24
N GLY C 346 -10.38 -34.91 37.03
CA GLY C 346 -10.69 -33.52 37.27
C GLY C 346 -11.95 -33.10 36.54
N ARG C 347 -12.44 -31.92 36.92
CA ARG C 347 -13.69 -31.39 36.39
C ARG C 347 -13.69 -29.88 36.58
N GLY C 348 -13.40 -29.14 35.51
CA GLY C 348 -13.31 -27.70 35.58
C GLY C 348 -14.01 -26.96 34.45
N PHE C 349 -14.63 -25.82 34.77
CA PHE C 349 -15.49 -25.10 33.84
C PHE C 349 -15.02 -23.66 33.71
N LYS C 350 -14.94 -23.17 32.47
CA LYS C 350 -14.34 -21.88 32.20
C LYS C 350 -15.36 -20.76 32.33
N ASN C 351 -14.98 -19.71 33.07
CA ASN C 351 -15.75 -18.49 33.18
C ASN C 351 -14.81 -17.30 32.95
N ASP C 352 -15.37 -16.19 32.49
CA ASP C 352 -14.55 -15.01 32.22
C ASP C 352 -14.31 -14.23 33.51
N GLU C 353 -13.03 -13.93 33.78
CA GLU C 353 -12.63 -13.22 34.98
C GLU C 353 -11.88 -11.96 34.61
N GLU C 354 -12.20 -10.87 35.30
CA GLU C 354 -11.49 -9.61 35.13
C GLU C 354 -10.19 -9.68 35.92
N ILE C 355 -9.10 -10.01 35.24
CA ILE C 355 -7.79 -10.18 35.86
C ILE C 355 -7.02 -8.86 35.71
N LEU C 356 -6.53 -8.35 36.83
CA LEU C 356 -5.50 -7.32 36.82
C LEU C 356 -4.15 -8.01 36.75
N ILE C 357 -3.28 -7.53 35.88
CA ILE C 357 -2.01 -8.19 35.65
C ILE C 357 -0.87 -7.33 36.16
N GLY C 358 0.36 -7.80 36.02
CA GLY C 358 1.51 -7.27 36.75
C GLY C 358 1.90 -5.85 36.42
N ASN C 359 1.55 -5.35 35.23
CA ASN C 359 1.80 -3.96 34.90
C ASN C 359 0.55 -3.09 35.03
N GLY C 360 -0.56 -3.64 35.51
CA GLY C 360 -1.73 -2.85 35.83
C GLY C 360 -2.73 -2.72 34.71
N THR C 361 -3.12 -3.83 34.12
CA THR C 361 -4.08 -3.84 33.02
C THR C 361 -5.16 -4.88 33.29
N ILE C 362 -6.38 -4.58 32.86
CA ILE C 362 -7.55 -5.41 33.13
C ILE C 362 -7.88 -6.19 31.87
N GLN C 363 -8.03 -7.51 32.00
CA GLN C 363 -8.35 -8.37 30.87
C GLN C 363 -9.35 -9.43 31.27
N LYS C 364 -10.31 -9.70 30.39
CA LYS C 364 -11.22 -10.83 30.57
C LYS C 364 -10.51 -12.10 30.14
N ILE C 365 -10.09 -12.91 31.11
CA ILE C 365 -9.34 -14.13 30.86
C ILE C 365 -10.18 -15.32 31.29
N GLY C 366 -10.10 -16.41 30.54
CA GLY C 366 -10.82 -17.62 30.91
C GLY C 366 -10.18 -18.29 32.11
N ILE C 367 -10.94 -18.47 33.18
CA ILE C 367 -10.48 -19.08 34.41
C ILE C 367 -11.40 -20.25 34.74
N TRP C 368 -10.79 -21.39 35.06
CA TRP C 368 -11.50 -22.62 35.31
C TRP C 368 -11.69 -22.84 36.81
N ASP C 369 -12.43 -23.88 37.14
CA ASP C 369 -12.82 -24.18 38.52
C ASP C 369 -12.44 -25.61 38.86
N GLY C 370 -12.93 -26.09 40.00
CA GLY C 370 -12.73 -27.47 40.38
C GLY C 370 -11.33 -27.76 40.88
N GLU C 371 -10.87 -28.97 40.62
CA GLU C 371 -9.53 -29.42 41.03
C GLU C 371 -9.09 -30.51 40.05
N GLU C 372 -7.90 -30.33 39.48
CA GLU C 372 -7.52 -31.15 38.34
C GLU C 372 -6.10 -31.69 38.50
N GLU C 373 -5.86 -32.84 37.85
CA GLU C 373 -4.58 -33.53 37.88
C GLU C 373 -4.21 -33.92 36.46
N PHE C 374 -2.96 -33.69 36.08
CA PHE C 374 -2.51 -33.92 34.72
C PHE C 374 -1.19 -34.66 34.67
N HIS C 375 -1.05 -35.50 33.66
CA HIS C 375 0.25 -35.98 33.20
C HIS C 375 0.74 -34.99 32.14
N VAL C 376 1.75 -34.20 32.47
CA VAL C 376 2.24 -33.18 31.58
C VAL C 376 3.54 -33.65 30.94
N ARG C 377 3.85 -33.06 29.78
CA ARG C 377 5.01 -33.44 29.00
C ARG C 377 5.41 -32.26 28.12
N CYS C 378 6.72 -32.11 27.90
CA CYS C 378 7.22 -31.07 27.02
C CYS C 378 8.58 -31.48 26.48
N GLY C 379 8.72 -31.46 25.16
CA GLY C 379 9.96 -31.87 24.54
C GLY C 379 10.22 -33.34 24.72
N GLU C 380 11.18 -33.68 25.58
CA GLU C 380 11.39 -35.05 26.04
C GLU C 380 11.48 -35.09 27.56
N CYS C 381 10.76 -34.20 28.24
CA CYS C 381 10.68 -34.18 29.68
C CYS C 381 9.24 -34.45 30.12
N ARG C 382 9.10 -35.20 31.20
CA ARG C 382 7.81 -35.62 31.72
C ARG C 382 7.52 -34.91 33.04
N GLY C 383 6.29 -35.06 33.51
CA GLY C 383 5.95 -34.55 34.84
C GLY C 383 4.50 -34.80 35.16
N ILE C 384 4.16 -34.58 36.42
CA ILE C 384 2.79 -34.68 36.91
C ILE C 384 2.44 -33.39 37.63
N LEU C 385 1.31 -32.79 37.26
CA LEU C 385 0.88 -31.50 37.78
C LEU C 385 -0.46 -31.64 38.48
N LYS C 386 -0.68 -30.86 39.53
CA LYS C 386 -1.92 -30.90 40.29
C LYS C 386 -2.28 -29.49 40.68
N LYS C 387 -3.50 -29.05 40.32
CA LYS C 387 -3.91 -27.68 40.51
C LYS C 387 -5.38 -27.61 40.90
N SER C 388 -5.86 -26.39 41.07
CA SER C 388 -7.21 -26.07 41.51
C SER C 388 -7.61 -24.76 40.82
N LYS C 389 -8.63 -24.08 41.35
CA LYS C 389 -9.06 -22.82 40.77
C LYS C 389 -8.03 -21.74 41.04
N MET C 390 -7.33 -21.33 39.97
CA MET C 390 -6.37 -20.22 39.95
C MET C 390 -5.24 -20.41 40.96
N LYS C 391 -4.75 -21.65 41.08
CA LYS C 391 -3.67 -21.94 42.02
C LYS C 391 -2.93 -23.19 41.59
N LEU C 392 -1.61 -23.08 41.52
CA LEU C 392 -0.75 -24.26 41.42
C LEU C 392 -0.57 -24.84 42.81
N GLU C 393 -0.65 -26.17 42.91
CA GLU C 393 -0.39 -26.85 44.18
C GLU C 393 0.83 -27.76 44.10
N LYS C 394 0.85 -28.72 43.18
CA LYS C 394 1.94 -29.69 43.14
C LYS C 394 2.45 -29.86 41.71
N LEU C 395 3.75 -30.16 41.60
CA LEU C 395 4.33 -30.45 40.29
C LEU C 395 5.58 -31.32 40.53
N LEU C 396 5.45 -32.60 40.26
CA LEU C 396 6.55 -33.55 40.42
C LEU C 396 7.09 -33.90 39.03
N ILE C 397 8.31 -33.47 38.73
CA ILE C 397 8.87 -33.68 37.40
C ILE C 397 10.07 -34.61 37.47
N ASN C 398 10.42 -35.17 36.32
CA ASN C 398 11.53 -36.10 36.19
C ASN C 398 12.81 -35.36 35.83
N SER C 399 13.90 -36.11 35.73
CA SER C 399 15.20 -35.56 35.35
C SER C 399 15.33 -35.61 33.83
N ALA C 400 15.58 -34.45 33.23
CA ALA C 400 15.82 -34.32 31.80
C ALA C 400 16.73 -33.12 31.59
N LYS C 401 16.76 -32.60 30.36
CA LYS C 401 17.53 -31.40 30.06
C LYS C 401 17.00 -30.20 30.85
N LYS C 402 17.89 -29.23 31.07
CA LYS C 402 17.58 -28.15 32.00
C LYS C 402 16.67 -27.10 31.38
N GLU C 403 16.84 -26.82 30.09
CA GLU C 403 15.96 -25.82 29.47
C GLU C 403 14.59 -26.38 29.15
N ASP C 404 14.50 -27.69 28.87
CA ASP C 404 13.19 -28.32 28.70
C ASP C 404 12.45 -28.40 30.03
N MET C 405 13.17 -28.66 31.11
CA MET C 405 12.56 -28.60 32.45
C MET C 405 12.13 -27.19 32.80
N ARG C 406 12.93 -26.20 32.39
CA ARG C 406 12.59 -24.80 32.59
C ARG C 406 11.29 -24.45 31.87
N ASP C 407 11.19 -24.83 30.59
CA ASP C 407 9.97 -24.60 29.83
C ASP C 407 8.79 -25.38 30.39
N LEU C 408 9.04 -26.56 30.95
CA LEU C 408 7.95 -27.36 31.52
C LEU C 408 7.37 -26.71 32.77
N ILE C 409 8.24 -26.24 33.67
CA ILE C 409 7.76 -25.56 34.88
C ILE C 409 7.12 -24.22 34.52
N ILE C 410 7.63 -23.55 33.48
CA ILE C 410 7.04 -22.30 33.02
C ILE C 410 5.61 -22.53 32.48
N LEU C 411 5.45 -23.58 31.67
CA LEU C 411 4.15 -23.88 31.10
C LEU C 411 3.18 -24.41 32.16
N CYS C 412 3.69 -25.08 33.20
CA CYS C 412 2.80 -25.49 34.28
C CYS C 412 2.41 -24.31 35.15
N MET C 413 3.28 -23.31 35.29
CA MET C 413 2.93 -22.10 36.03
C MET C 413 1.87 -21.29 35.29
N VAL C 414 2.05 -21.11 33.98
CA VAL C 414 1.08 -20.36 33.19
C VAL C 414 -0.22 -21.14 33.06
N PHE C 415 -0.13 -22.47 32.89
CA PHE C 415 -1.31 -23.31 32.75
C PHE C 415 -2.13 -23.36 34.03
N SER C 416 -1.49 -23.16 35.18
CA SER C 416 -2.23 -23.19 36.44
C SER C 416 -3.11 -21.97 36.63
N GLN C 417 -2.83 -20.89 35.88
CA GLN C 417 -3.54 -19.60 35.97
C GLN C 417 -3.52 -19.03 37.39
N ASP C 418 -2.39 -19.21 38.06
CA ASP C 418 -2.21 -18.73 39.42
C ASP C 418 -2.17 -17.21 39.46
N THR C 419 -2.38 -16.66 40.66
CA THR C 419 -2.37 -15.21 40.81
C THR C 419 -0.97 -14.62 40.68
N ARG C 420 0.06 -15.41 40.99
CA ARG C 420 1.43 -14.92 40.89
C ARG C 420 1.85 -14.75 39.43
N MET C 421 1.39 -15.66 38.57
CA MET C 421 1.74 -15.58 37.15
C MET C 421 1.12 -14.35 36.50
N PHE C 422 -0.10 -14.01 36.89
CA PHE C 422 -0.71 -12.77 36.43
C PHE C 422 -0.01 -11.55 37.02
N GLN C 423 0.33 -11.61 38.30
CA GLN C 423 0.94 -10.46 38.97
C GLN C 423 2.41 -10.25 38.59
N GLY C 424 3.03 -11.17 37.87
CA GLY C 424 4.40 -11.01 37.44
C GLY C 424 4.60 -10.46 36.04
N VAL C 425 3.54 -10.01 35.37
CA VAL C 425 3.64 -9.55 33.97
C VAL C 425 3.95 -8.05 34.04
N ARG C 426 5.23 -7.74 34.22
CA ARG C 426 5.68 -6.36 34.32
C ARG C 426 6.33 -5.99 33.00
N GLY C 427 5.52 -5.52 32.06
CA GLY C 427 6.05 -5.18 30.75
C GLY C 427 4.93 -4.82 29.78
N GLU C 428 5.26 -4.90 28.50
CA GLU C 428 4.36 -4.53 27.43
C GLU C 428 3.74 -5.79 26.83
N ILE C 429 2.48 -6.05 27.15
CA ILE C 429 1.76 -7.22 26.65
C ILE C 429 0.72 -6.73 25.65
N ASN C 430 0.59 -7.46 24.55
CA ASN C 430 -0.34 -7.11 23.47
C ASN C 430 -1.53 -8.06 23.58
N PHE C 431 -2.61 -7.59 24.20
CA PHE C 431 -3.87 -8.32 24.25
C PHE C 431 -4.75 -8.06 23.05
N LEU C 432 -4.20 -7.51 21.98
CA LEU C 432 -4.99 -7.05 20.85
C LEU C 432 -4.09 -6.99 19.63
N ASN C 433 -4.72 -7.00 18.46
CA ASN C 433 -4.01 -6.93 17.20
C ASN C 433 -3.64 -5.48 16.89
N ARG C 434 -2.87 -5.29 15.82
CA ARG C 434 -2.72 -3.95 15.25
C ARG C 434 -4.00 -3.49 14.57
N ALA C 435 -4.85 -4.43 14.15
CA ALA C 435 -6.14 -4.14 13.56
C ALA C 435 -7.29 -4.32 14.55
N GLY C 436 -6.98 -4.35 15.85
CA GLY C 436 -8.01 -4.41 16.86
C GLY C 436 -8.71 -5.73 17.02
N GLN C 437 -8.08 -6.83 16.65
CA GLN C 437 -8.67 -8.15 16.77
C GLN C 437 -8.23 -8.79 18.08
N LEU C 438 -9.02 -9.78 18.51
CA LEU C 438 -8.95 -10.31 19.87
C LEU C 438 -7.99 -11.48 19.89
N LEU C 439 -6.79 -11.25 20.40
CA LEU C 439 -5.84 -12.34 20.58
C LEU C 439 -6.19 -13.12 21.84
N SER C 440 -5.68 -14.34 21.90
CA SER C 440 -5.90 -15.17 23.09
C SER C 440 -5.06 -14.64 24.24
N PRO C 441 -5.63 -14.53 25.45
CA PRO C 441 -4.82 -14.03 26.57
C PRO C 441 -3.79 -15.03 27.04
N MET C 442 -4.16 -16.31 27.10
CA MET C 442 -3.28 -17.31 27.71
C MET C 442 -2.12 -17.64 26.79
N TYR C 443 -2.34 -17.65 25.49
CA TYR C 443 -1.23 -17.89 24.57
C TYR C 443 -0.31 -16.67 24.49
N GLN C 444 -0.84 -15.47 24.72
CA GLN C 444 -0.01 -14.29 24.80
C GLN C 444 0.87 -14.32 26.06
N LEU C 445 0.30 -14.73 27.18
CA LEU C 445 1.09 -14.88 28.41
C LEU C 445 2.10 -16.02 28.29
N GLN C 446 1.75 -17.07 27.54
CA GLN C 446 2.69 -18.16 27.27
C GLN C 446 3.87 -17.68 26.44
N ARG C 447 3.62 -16.89 25.39
CA ARG C 447 4.72 -16.39 24.58
C ARG C 447 5.53 -15.34 25.32
N TYR C 448 4.91 -14.62 26.26
CA TYR C 448 5.67 -13.66 27.04
C TYR C 448 6.60 -14.36 28.03
N PHE C 449 6.08 -15.34 28.76
CA PHE C 449 6.82 -15.95 29.85
C PHE C 449 7.84 -16.97 29.41
N LEU C 450 8.26 -17.01 28.14
CA LEU C 450 9.32 -17.94 27.77
C LEU C 450 10.68 -17.37 28.12
N ASN C 451 11.03 -16.22 27.53
CA ASN C 451 12.35 -15.63 27.73
C ASN C 451 12.41 -14.67 28.91
N ARG C 452 11.38 -13.85 29.08
CA ARG C 452 11.32 -12.94 30.23
C ARG C 452 10.56 -13.54 31.40
N SER C 453 10.99 -14.75 31.80
CA SER C 453 10.38 -15.47 32.91
C SER C 453 11.15 -15.29 34.21
N ASN C 454 12.23 -14.51 34.20
CA ASN C 454 12.99 -14.29 35.42
C ASN C 454 12.20 -13.47 36.43
N ASP C 455 11.33 -12.57 35.95
CA ASP C 455 10.42 -11.89 36.86
C ASP C 455 9.38 -12.85 37.42
N LEU C 456 9.00 -13.87 36.64
CA LEU C 456 8.14 -14.91 37.18
C LEU C 456 8.88 -15.78 38.19
N PHE C 457 10.17 -16.01 37.98
CA PHE C 457 11.00 -16.70 38.97
C PHE C 457 11.09 -15.90 40.26
N ASP C 458 11.18 -14.57 40.16
CA ASP C 458 11.24 -13.73 41.34
C ASP C 458 9.91 -13.70 42.07
N GLN C 459 8.83 -13.37 41.36
CA GLN C 459 7.53 -13.18 41.99
C GLN C 459 6.85 -14.49 42.35
N TRP C 460 7.36 -15.63 41.87
CA TRP C 460 6.82 -16.90 42.33
C TRP C 460 7.25 -17.19 43.76
N GLY C 461 8.50 -16.90 44.09
CA GLY C 461 9.03 -17.14 45.41
C GLY C 461 9.86 -18.41 45.47
N TYR C 462 10.47 -18.62 46.63
CA TYR C 462 11.24 -19.82 46.91
C TYR C 462 10.90 -20.32 48.30
N GLU C 463 11.34 -21.54 48.59
CA GLU C 463 11.15 -22.16 49.89
C GLU C 463 12.24 -23.22 50.05
N GLU C 464 12.15 -24.00 51.11
CA GLU C 464 13.12 -25.07 51.33
C GLU C 464 12.87 -26.22 50.37
N SER C 465 13.82 -27.15 50.34
CA SER C 465 13.67 -28.38 49.60
C SER C 465 12.80 -29.36 50.38
N PRO C 466 12.20 -30.33 49.71
CA PRO C 466 11.68 -31.50 50.42
C PRO C 466 12.83 -32.39 50.86
N LYS C 467 12.64 -33.02 52.03
CA LYS C 467 13.66 -33.86 52.63
C LYS C 467 13.21 -35.31 52.72
N ALA C 468 12.60 -35.81 51.65
CA ALA C 468 12.23 -37.21 51.56
C ALA C 468 13.38 -37.97 50.88
N SER C 469 13.12 -39.20 50.46
CA SER C 469 14.17 -40.04 49.90
C SER C 469 14.59 -39.57 48.50
N GLU C 470 13.66 -39.60 47.54
CA GLU C 470 13.97 -39.24 46.16
C GLU C 470 13.41 -37.88 45.76
N LEU C 471 13.19 -37.00 46.72
CA LEU C 471 12.64 -35.67 46.45
C LEU C 471 13.74 -34.64 46.73
N HIS C 472 14.34 -34.13 45.67
CA HIS C 472 15.25 -33.00 45.77
C HIS C 472 14.76 -31.90 44.84
N GLY C 473 14.89 -30.65 45.28
CA GLY C 473 14.35 -29.51 44.56
C GLY C 473 15.46 -28.68 43.94
N ILE C 474 15.28 -28.33 42.67
CA ILE C 474 16.27 -27.56 41.93
C ILE C 474 15.95 -26.06 42.04
N ASN C 475 16.95 -25.24 41.70
CA ASN C 475 16.85 -23.79 41.73
C ASN C 475 16.93 -23.24 40.31
N GLU C 476 17.03 -21.90 40.22
CA GLU C 476 17.13 -21.21 38.93
C GLU C 476 18.42 -21.53 38.19
N SER C 477 19.44 -22.03 38.88
CA SER C 477 20.64 -22.55 38.23
C SER C 477 20.44 -23.93 37.62
N MET C 478 19.25 -24.51 37.78
CA MET C 478 18.85 -25.80 37.21
C MET C 478 19.74 -26.95 37.67
N ASN C 479 20.27 -26.83 38.89
CA ASN C 479 21.03 -27.88 39.55
C ASN C 479 20.37 -28.20 40.88
N ALA C 480 20.77 -29.32 41.47
CA ALA C 480 20.13 -29.82 42.69
C ALA C 480 20.52 -29.00 43.91
N SER C 481 20.02 -27.78 44.01
CA SER C 481 20.42 -26.85 45.06
C SER C 481 19.50 -26.99 46.26
N ASP C 482 19.59 -26.05 47.20
CA ASP C 482 18.91 -26.14 48.48
C ASP C 482 17.52 -25.53 48.45
N TYR C 483 17.36 -24.36 47.84
CA TYR C 483 16.10 -23.64 47.88
C TYR C 483 15.40 -23.78 46.53
N THR C 484 14.24 -24.43 46.54
CA THR C 484 13.48 -24.69 45.32
C THR C 484 12.24 -23.80 45.27
N LEU C 485 11.58 -23.83 44.12
CA LEU C 485 10.39 -23.03 43.92
C LEU C 485 9.20 -23.65 44.64
N LYS C 486 8.22 -22.81 44.96
CA LYS C 486 7.07 -23.22 45.76
C LYS C 486 6.17 -24.13 44.93
N GLY C 487 6.20 -25.42 45.21
CA GLY C 487 5.33 -26.38 44.56
C GLY C 487 5.98 -27.26 43.52
N VAL C 488 7.30 -27.17 43.34
CA VAL C 488 8.00 -27.90 42.29
C VAL C 488 8.99 -28.84 42.95
N VAL C 489 8.85 -30.14 42.68
CA VAL C 489 9.77 -31.15 43.18
C VAL C 489 10.28 -31.96 42.01
N VAL C 490 11.60 -32.07 41.88
CA VAL C 490 12.22 -32.90 40.85
C VAL C 490 12.47 -34.27 41.49
N THR C 491 11.52 -35.18 41.29
CA THR C 491 11.71 -36.55 41.73
C THR C 491 12.41 -37.36 40.64
N ARG C 492 13.22 -38.31 41.07
CA ARG C 492 13.99 -39.13 40.14
C ARG C 492 13.17 -40.23 39.49
N ASN C 493 11.96 -40.47 39.99
CA ASN C 493 11.08 -41.52 39.46
C ASN C 493 10.07 -40.96 38.47
N LYS C 505 -13.62 -46.98 27.83
CA LYS C 505 -14.16 -47.17 29.17
C LYS C 505 -15.18 -46.07 29.50
N VAL C 506 -15.95 -45.67 28.50
CA VAL C 506 -16.89 -44.56 28.64
C VAL C 506 -18.07 -44.79 27.68
N SER C 507 -19.16 -44.10 27.95
CA SER C 507 -20.37 -44.19 27.15
C SER C 507 -20.66 -42.83 26.50
N ILE C 508 -21.80 -42.74 25.84
CA ILE C 508 -22.27 -41.50 25.24
C ILE C 508 -23.77 -41.41 25.52
N THR C 509 -24.29 -40.19 25.55
CA THR C 509 -25.67 -39.94 25.91
C THR C 509 -26.42 -39.33 24.74
N LYS C 510 -27.70 -39.04 24.97
CA LYS C 510 -28.51 -38.35 23.98
C LYS C 510 -28.06 -36.90 23.82
N ASN C 511 -27.81 -36.21 24.93
CA ASN C 511 -27.39 -34.83 24.93
C ASN C 511 -25.89 -34.64 24.79
N LEU C 512 -25.19 -35.64 24.25
CA LEU C 512 -23.76 -35.59 23.94
C LEU C 512 -22.90 -35.36 25.18
N SER C 513 -23.20 -36.11 26.23
CA SER C 513 -22.38 -36.14 27.43
C SER C 513 -21.65 -37.46 27.50
N LEU C 514 -20.46 -37.45 28.08
CA LEU C 514 -19.63 -38.65 28.19
C LEU C 514 -19.74 -39.15 29.62
N ILE C 515 -20.66 -40.08 29.85
CA ILE C 515 -20.85 -40.67 31.17
C ILE C 515 -20.09 -41.98 31.24
N LYS C 516 -19.58 -42.29 32.43
CA LYS C 516 -18.78 -43.48 32.65
C LYS C 516 -19.68 -44.70 32.86
N ARG C 517 -19.09 -45.79 33.35
CA ARG C 517 -19.88 -46.94 33.75
C ARG C 517 -20.66 -46.65 35.04
N THR C 518 -20.08 -45.85 35.93
CA THR C 518 -20.74 -45.53 37.20
C THR C 518 -21.65 -44.30 37.10
N GLY C 519 -21.21 -43.24 36.44
CA GLY C 519 -22.08 -42.10 36.21
C GLY C 519 -21.45 -40.73 36.32
N GLU C 520 -20.19 -40.67 36.72
CA GLU C 520 -19.47 -39.41 36.84
C GLU C 520 -18.98 -38.99 35.46
N VAL C 521 -19.46 -37.86 34.97
CA VAL C 521 -19.14 -37.43 33.61
C VAL C 521 -17.76 -36.80 33.58
N ILE C 522 -17.13 -36.86 32.41
CA ILE C 522 -15.85 -36.20 32.20
C ILE C 522 -15.96 -35.06 31.20
N MET C 523 -16.88 -35.13 30.25
CA MET C 523 -17.07 -34.12 29.23
C MET C 523 -18.56 -33.99 28.92
N GLY C 524 -18.96 -32.79 28.53
CA GLY C 524 -20.33 -32.54 28.15
C GLY C 524 -20.41 -31.54 27.02
N ALA C 525 -21.64 -31.34 26.52
CA ALA C 525 -21.85 -30.40 25.45
C ALA C 525 -21.83 -28.95 25.91
N ASN C 526 -21.86 -28.71 27.23
CA ASN C 526 -21.67 -27.38 27.78
C ASN C 526 -20.21 -26.98 27.83
N ASP C 527 -19.29 -27.92 27.58
CA ASP C 527 -17.87 -27.69 27.78
C ASP C 527 -17.12 -27.37 26.50
N VAL C 528 -17.77 -27.42 25.34
CA VAL C 528 -17.09 -27.07 24.11
C VAL C 528 -16.94 -25.56 24.03
N SER C 529 -15.80 -25.10 23.53
CA SER C 529 -15.54 -23.68 23.47
C SER C 529 -16.31 -23.04 22.33
N GLU C 530 -16.49 -21.73 22.42
CA GLU C 530 -17.24 -20.98 21.41
C GLU C 530 -16.34 -20.06 20.59
N LEU C 531 -15.05 -20.37 20.52
CA LEU C 531 -14.19 -19.64 19.60
C LEU C 531 -14.48 -20.08 18.18
N GLU C 532 -15.32 -19.31 17.49
CA GLU C 532 -15.67 -19.62 16.10
C GLU C 532 -14.51 -19.27 15.18
N SER C 533 -13.59 -20.21 15.01
CA SER C 533 -12.35 -19.98 14.28
C SER C 533 -12.47 -20.47 12.84
N GLN C 534 -11.47 -20.13 12.04
CA GLN C 534 -11.39 -20.54 10.65
C GLN C 534 -10.50 -21.77 10.53
N ALA C 535 -10.96 -22.75 9.76
CA ALA C 535 -10.22 -24.00 9.62
C ALA C 535 -8.97 -23.79 8.79
N GLN C 536 -7.99 -24.67 9.00
CA GLN C 536 -6.74 -24.58 8.25
C GLN C 536 -6.91 -25.21 6.88
N LEU C 537 -7.41 -26.43 6.83
CA LEU C 537 -7.76 -27.06 5.56
C LEU C 537 -9.23 -26.75 5.28
N MET C 538 -9.79 -27.35 4.26
CA MET C 538 -11.18 -27.09 3.88
C MET C 538 -12.07 -28.24 4.35
N ILE C 539 -13.12 -27.89 5.07
CA ILE C 539 -14.10 -28.87 5.53
C ILE C 539 -15.23 -28.94 4.52
N THR C 540 -15.68 -30.15 4.20
CA THR C 540 -16.77 -30.32 3.25
C THR C 540 -17.82 -31.23 3.86
N TYR C 541 -19.08 -30.82 3.76
CA TYR C 541 -20.19 -31.58 4.31
C TYR C 541 -21.00 -32.11 3.14
N ASP C 542 -20.74 -33.37 2.77
CA ASP C 542 -21.46 -34.02 1.68
C ASP C 542 -22.85 -34.40 2.18
N THR C 543 -23.74 -33.40 2.19
CA THR C 543 -25.06 -33.57 2.76
C THR C 543 -26.01 -32.61 2.06
N PRO C 544 -27.30 -32.96 1.95
CA PRO C 544 -28.30 -31.94 1.66
C PRO C 544 -28.40 -31.00 2.85
N LYS C 545 -28.48 -29.71 2.55
CA LYS C 545 -28.45 -28.62 3.53
C LYS C 545 -27.17 -28.68 4.37
N MET C 546 -26.05 -28.47 3.66
CA MET C 546 -24.75 -28.28 4.28
C MET C 546 -24.48 -26.83 4.63
N TRP C 547 -25.47 -25.95 4.47
CA TRP C 547 -25.32 -24.56 4.84
C TRP C 547 -25.59 -24.31 6.31
N GLU C 548 -26.02 -25.31 7.05
CA GLU C 548 -26.33 -25.16 8.46
C GLU C 548 -25.09 -25.19 9.33
N MET C 549 -23.93 -25.52 8.75
CA MET C 549 -22.65 -25.41 9.42
C MET C 549 -21.87 -24.19 8.95
N GLY C 550 -22.57 -23.16 8.47
CA GLY C 550 -21.95 -21.92 8.08
C GLY C 550 -21.84 -20.96 9.25
N THR C 551 -21.58 -19.70 8.92
CA THR C 551 -21.47 -18.65 9.93
C THR C 551 -22.85 -18.04 10.17
N THR C 552 -22.89 -16.90 10.85
CA THR C 552 -24.16 -16.33 11.28
C THR C 552 -24.93 -15.71 10.13
N LYS C 553 -24.25 -14.88 9.31
CA LYS C 553 -24.92 -14.19 8.23
C LYS C 553 -25.35 -15.16 7.12
N GLU C 554 -24.59 -16.22 6.89
CA GLU C 554 -24.98 -17.24 5.92
C GLU C 554 -26.25 -17.96 6.37
N LEU C 555 -26.34 -18.31 7.65
CA LEU C 555 -27.54 -18.99 8.15
C LEU C 555 -28.74 -18.06 8.15
N VAL C 556 -28.54 -16.78 8.47
CA VAL C 556 -29.63 -15.81 8.45
C VAL C 556 -30.15 -15.61 7.03
N GLN C 557 -29.23 -15.45 6.07
CA GLN C 557 -29.62 -15.22 4.69
C GLN C 557 -30.26 -16.46 4.07
N ASN C 558 -29.74 -17.65 4.37
CA ASN C 558 -30.33 -18.86 3.83
C ASN C 558 -31.69 -19.15 4.44
N THR C 559 -31.88 -18.86 5.73
CA THR C 559 -33.18 -19.06 6.35
C THR C 559 -34.21 -18.07 5.81
N TYR C 560 -33.79 -16.83 5.54
CA TYR C 560 -34.74 -15.87 5.02
C TYR C 560 -35.06 -16.13 3.55
N GLN C 561 -34.10 -16.67 2.79
CA GLN C 561 -34.40 -17.14 1.44
C GLN C 561 -35.36 -18.31 1.45
N TRP C 562 -35.23 -19.21 2.44
CA TRP C 562 -36.16 -20.33 2.53
C TRP C 562 -37.55 -19.88 2.93
N VAL C 563 -37.66 -18.84 3.76
CA VAL C 563 -38.99 -18.32 4.10
C VAL C 563 -39.58 -17.59 2.91
N LEU C 564 -38.76 -16.87 2.14
CA LEU C 564 -39.24 -16.15 0.96
C LEU C 564 -39.70 -17.10 -0.13
N LYS C 565 -38.99 -18.21 -0.33
CA LYS C 565 -39.33 -19.15 -1.38
C LYS C 565 -40.65 -19.87 -1.09
N ASN C 566 -40.85 -20.27 0.17
CA ASN C 566 -42.04 -21.02 0.57
C ASN C 566 -43.06 -20.14 1.26
N LEU C 567 -43.18 -18.88 0.85
CA LEU C 567 -43.99 -17.92 1.60
C LEU C 567 -45.48 -18.20 1.47
N VAL C 568 -45.91 -18.74 0.34
CA VAL C 568 -47.34 -18.99 0.13
C VAL C 568 -47.82 -20.17 0.99
N THR C 569 -47.02 -21.23 1.06
CA THR C 569 -47.39 -22.40 1.85
C THR C 569 -47.37 -22.09 3.35
N LEU C 570 -46.34 -21.38 3.80
CA LEU C 570 -46.25 -20.97 5.20
C LEU C 570 -47.38 -20.02 5.57
N LYS C 571 -47.73 -19.11 4.65
CA LYS C 571 -48.78 -18.15 4.92
C LYS C 571 -50.15 -18.82 4.99
N ALA C 572 -50.41 -19.76 4.09
CA ALA C 572 -51.68 -20.49 4.11
C ALA C 572 -51.79 -21.41 5.33
N GLN C 573 -50.72 -22.13 5.65
CA GLN C 573 -50.75 -23.02 6.80
C GLN C 573 -50.64 -22.28 8.13
N PHE C 574 -50.29 -21.00 8.12
CA PHE C 574 -50.42 -20.20 9.33
C PHE C 574 -51.81 -19.61 9.47
N LEU C 575 -52.40 -19.16 8.36
CA LEU C 575 -53.74 -18.62 8.41
C LEU C 575 -54.79 -19.71 8.65
N LEU C 576 -54.48 -20.97 8.36
CA LEU C 576 -55.38 -22.07 8.68
C LEU C 576 -55.01 -22.75 10.01
N GLY C 577 -53.81 -23.34 10.09
CA GLY C 577 -53.41 -24.08 11.25
C GLY C 577 -53.00 -23.20 12.42
N LYS C 578 -52.56 -23.85 13.49
CA LYS C 578 -52.16 -23.13 14.70
C LYS C 578 -50.71 -23.36 15.09
N GLU C 579 -50.27 -24.61 15.25
CA GLU C 579 -48.93 -24.91 15.74
C GLU C 579 -48.24 -25.99 14.92
N ASP C 580 -48.54 -26.05 13.62
CA ASP C 580 -47.97 -27.08 12.76
C ASP C 580 -47.01 -26.51 11.72
N MET C 581 -46.69 -25.21 11.81
CA MET C 581 -45.68 -24.64 10.92
C MET C 581 -44.74 -23.70 11.65
N PHE C 582 -44.72 -23.69 12.97
CA PHE C 582 -43.60 -23.12 13.70
C PHE C 582 -42.41 -24.07 13.76
N GLN C 583 -42.59 -25.33 13.37
CA GLN C 583 -41.56 -26.36 13.42
C GLN C 583 -41.16 -26.72 12.00
N TRP C 584 -39.93 -26.37 11.62
CA TRP C 584 -39.37 -26.79 10.35
C TRP C 584 -37.90 -27.13 10.54
N ASP C 585 -37.34 -27.82 9.55
CA ASP C 585 -35.93 -28.15 9.57
C ASP C 585 -35.03 -26.96 9.33
N ALA C 586 -35.57 -25.89 8.74
CA ALA C 586 -34.77 -24.68 8.54
C ALA C 586 -34.64 -23.86 9.81
N PHE C 587 -35.69 -23.85 10.63
CA PHE C 587 -35.63 -23.07 11.86
C PHE C 587 -34.83 -23.79 12.94
N GLU C 588 -34.67 -25.11 12.81
CA GLU C 588 -33.76 -25.85 13.65
C GLU C 588 -32.31 -25.42 13.41
N ALA C 589 -31.98 -25.11 12.16
CA ALA C 589 -30.68 -24.55 11.84
C ALA C 589 -30.60 -23.09 12.24
N PHE C 590 -31.74 -22.38 12.22
CA PHE C 590 -31.70 -20.97 12.62
C PHE C 590 -31.55 -20.81 14.13
N GLU C 591 -32.02 -21.77 14.92
CA GLU C 591 -31.94 -21.65 16.37
C GLU C 591 -30.50 -21.72 16.89
N SER C 592 -29.61 -22.37 16.14
CA SER C 592 -28.27 -22.60 16.64
C SER C 592 -27.38 -21.35 16.61
N ILE C 593 -27.88 -20.21 16.13
CA ILE C 593 -27.17 -18.95 16.23
C ILE C 593 -27.90 -17.93 17.09
N ILE C 594 -28.98 -18.34 17.75
CA ILE C 594 -29.60 -17.54 18.79
C ILE C 594 -28.98 -17.99 20.10
N PRO C 595 -28.55 -17.08 20.99
CA PRO C 595 -28.01 -17.52 22.28
C PRO C 595 -29.07 -18.17 23.15
N GLN C 596 -28.58 -18.98 24.10
CA GLN C 596 -29.41 -20.00 24.73
C GLN C 596 -30.45 -19.41 25.67
N LYS C 597 -30.07 -18.42 26.47
CA LYS C 597 -31.00 -17.90 27.48
C LYS C 597 -32.08 -17.03 26.88
N MET C 598 -31.79 -16.37 25.76
CA MET C 598 -32.73 -15.44 25.13
C MET C 598 -33.54 -16.07 24.01
N ALA C 599 -33.28 -17.34 23.68
CA ALA C 599 -33.98 -17.96 22.56
C ALA C 599 -35.43 -18.22 22.89
N GLY C 600 -35.73 -18.71 24.10
CA GLY C 600 -37.11 -18.87 24.51
C GLY C 600 -37.85 -17.56 24.68
N GLN C 601 -37.15 -16.51 25.09
CA GLN C 601 -37.78 -15.21 25.24
C GLN C 601 -38.11 -14.59 23.89
N TYR C 602 -37.16 -14.66 22.94
CA TYR C 602 -37.41 -14.22 21.58
C TYR C 602 -38.55 -15.02 20.94
N SER C 603 -38.62 -16.32 21.26
CA SER C 603 -39.66 -17.17 20.72
C SER C 603 -41.03 -16.78 21.26
N GLY C 604 -41.13 -16.53 22.56
CA GLY C 604 -42.40 -16.12 23.13
C GLY C 604 -42.88 -14.78 22.60
N PHE C 605 -41.95 -13.83 22.46
CA PHE C 605 -42.29 -12.52 21.90
C PHE C 605 -42.76 -12.62 20.46
N ALA C 606 -42.01 -13.33 19.62
CA ALA C 606 -42.36 -13.41 18.21
C ALA C 606 -43.62 -14.23 17.97
N ARG C 607 -43.84 -15.29 18.77
CA ARG C 607 -45.08 -16.05 18.65
C ARG C 607 -46.29 -15.22 19.05
N ALA C 608 -46.14 -14.40 20.10
CA ALA C 608 -47.27 -13.56 20.49
C ALA C 608 -47.54 -12.46 19.47
N VAL C 609 -46.50 -11.91 18.85
CA VAL C 609 -46.70 -10.89 17.83
C VAL C 609 -47.36 -11.48 16.58
N LEU C 610 -46.96 -12.69 16.19
CA LEU C 610 -47.55 -13.32 15.02
C LEU C 610 -49.00 -13.75 15.28
N LYS C 611 -49.29 -14.27 16.48
CA LYS C 611 -50.66 -14.59 16.83
C LYS C 611 -51.52 -13.34 16.95
N GLN C 612 -50.92 -12.21 17.32
CA GLN C 612 -51.63 -10.94 17.33
C GLN C 612 -51.98 -10.50 15.91
N MET C 613 -51.02 -10.60 14.99
CA MET C 613 -51.27 -10.25 13.59
C MET C 613 -52.24 -11.19 12.91
N ARG C 614 -52.40 -12.43 13.41
CA ARG C 614 -53.40 -13.31 12.83
C ARG C 614 -54.78 -13.10 13.43
N ASP C 615 -54.87 -12.96 14.76
CA ASP C 615 -56.16 -12.97 15.44
C ASP C 615 -56.98 -11.73 15.12
N GLN C 616 -56.36 -10.56 15.20
CA GLN C 616 -56.94 -9.35 14.61
C GLN C 616 -56.37 -9.17 13.22
N GLU C 617 -57.19 -8.68 12.30
CA GLU C 617 -56.96 -8.85 10.88
C GLU C 617 -55.92 -7.90 10.28
N VAL C 618 -55.11 -7.24 11.11
CA VAL C 618 -54.00 -6.45 10.59
C VAL C 618 -52.83 -7.38 10.34
N MET C 619 -52.36 -7.45 9.10
CA MET C 619 -51.29 -8.36 8.73
C MET C 619 -50.21 -7.59 7.96
N LYS C 620 -48.96 -7.79 8.34
CA LYS C 620 -47.82 -7.26 7.62
C LYS C 620 -46.95 -8.43 7.17
N THR C 621 -46.43 -8.35 5.95
CA THR C 621 -45.66 -9.47 5.40
C THR C 621 -44.18 -9.37 5.75
N ASP C 622 -43.64 -8.15 5.84
CA ASP C 622 -42.26 -7.98 6.25
C ASP C 622 -42.05 -8.39 7.69
N GLN C 623 -43.01 -8.10 8.57
CA GLN C 623 -42.92 -8.53 9.96
C GLN C 623 -43.10 -10.03 10.09
N PHE C 624 -43.98 -10.62 9.27
CA PHE C 624 -44.17 -12.07 9.26
C PHE C 624 -42.88 -12.78 8.83
N ILE C 625 -42.25 -12.30 7.76
CA ILE C 625 -40.97 -12.87 7.31
C ILE C 625 -39.90 -12.65 8.37
N LYS C 626 -39.88 -11.46 9.00
CA LYS C 626 -38.80 -11.11 9.92
C LYS C 626 -38.86 -11.93 11.20
N LEU C 627 -40.04 -12.07 11.78
CA LEU C 627 -40.21 -12.71 13.08
C LEU C 627 -40.70 -14.15 12.97
N LEU C 628 -40.79 -14.72 11.77
CA LEU C 628 -41.11 -16.14 11.68
C LEU C 628 -39.98 -17.09 12.08
N PRO C 629 -38.70 -16.90 11.70
CA PRO C 629 -37.69 -17.88 12.13
C PRO C 629 -37.34 -17.83 13.60
N PHE C 630 -37.78 -16.82 14.34
CA PHE C 630 -37.59 -16.81 15.78
C PHE C 630 -38.62 -17.65 16.51
N CYS C 631 -39.68 -18.09 15.84
CA CYS C 631 -40.72 -18.90 16.45
C CYS C 631 -40.40 -20.38 16.33
N PHE C 632 -39.31 -20.80 16.94
CA PHE C 632 -38.98 -22.23 16.93
C PHE C 632 -38.92 -22.83 18.32
N SER C 633 -38.14 -22.24 19.21
CA SER C 633 -37.96 -22.74 20.56
C SER C 633 -39.24 -22.59 21.37
N PRO C 634 -39.42 -23.40 22.41
CA PRO C 634 -40.63 -23.27 23.23
C PRO C 634 -40.63 -21.95 23.98
N PRO C 635 -41.80 -21.34 24.19
CA PRO C 635 -41.84 -19.97 24.69
C PRO C 635 -41.57 -19.92 26.19
N LYS C 636 -40.60 -19.09 26.58
CA LYS C 636 -40.35 -18.77 27.98
C LYS C 636 -41.00 -17.43 28.26
N LEU C 637 -42.13 -17.47 28.97
CA LEU C 637 -42.88 -16.26 29.26
C LEU C 637 -42.37 -15.63 30.55
N ARG C 638 -43.10 -14.65 31.07
CA ARG C 638 -42.80 -14.08 32.37
C ARG C 638 -43.47 -14.94 33.45
N SER C 639 -43.49 -14.44 34.68
CA SER C 639 -44.04 -15.19 35.80
C SER C 639 -45.55 -15.01 35.96
N ASN C 640 -46.23 -14.41 34.97
CA ASN C 640 -47.67 -14.22 35.04
C ASN C 640 -48.34 -14.52 33.71
N GLY C 641 -47.73 -15.37 32.88
CA GLY C 641 -48.35 -15.78 31.63
C GLY C 641 -48.42 -14.73 30.54
N GLU C 642 -47.42 -13.86 30.45
CA GLU C 642 -47.37 -12.80 29.44
C GLU C 642 -45.95 -12.69 28.91
N PRO C 643 -45.77 -12.40 27.62
CA PRO C 643 -44.44 -12.50 27.02
C PRO C 643 -43.57 -11.29 27.34
N TYR C 644 -42.32 -11.39 26.92
CA TYR C 644 -41.38 -10.29 27.07
C TYR C 644 -41.55 -9.31 25.92
N GLN C 645 -40.89 -8.17 26.03
CA GLN C 645 -40.85 -7.17 24.98
C GLN C 645 -39.41 -6.89 24.62
N PHE C 646 -39.17 -6.59 23.35
CA PHE C 646 -37.82 -6.43 22.84
C PHE C 646 -37.77 -5.28 21.84
N LEU C 647 -36.64 -4.59 21.81
CA LEU C 647 -36.35 -3.63 20.75
C LEU C 647 -35.63 -4.30 19.60
N LYS C 648 -34.60 -5.07 19.90
CA LYS C 648 -33.83 -5.79 18.90
C LYS C 648 -33.64 -7.23 19.35
N LEU C 649 -33.32 -8.08 18.38
CA LEU C 649 -33.10 -9.50 18.62
C LEU C 649 -31.64 -9.79 18.28
N VAL C 650 -30.81 -9.94 19.30
CA VAL C 650 -29.36 -10.06 19.13
C VAL C 650 -29.00 -11.50 18.86
N LEU C 651 -28.20 -11.73 17.82
CA LEU C 651 -27.75 -13.06 17.42
C LEU C 651 -26.27 -13.22 17.72
N LYS C 652 -25.78 -14.43 17.49
CA LYS C 652 -24.44 -14.81 17.93
C LYS C 652 -23.39 -14.20 17.04
N GLY C 653 -22.32 -13.69 17.66
CA GLY C 653 -21.15 -13.26 16.91
C GLY C 653 -21.23 -11.83 16.43
N GLY C 654 -20.26 -11.01 16.82
CA GLY C 654 -20.14 -9.67 16.26
C GLY C 654 -21.19 -8.69 16.76
N GLY C 655 -21.03 -7.44 16.34
CA GLY C 655 -21.93 -6.38 16.74
C GLY C 655 -23.02 -6.09 15.73
N GLU C 656 -22.75 -6.39 14.45
CA GLU C 656 -23.74 -6.15 13.41
C GLU C 656 -24.90 -7.12 13.46
N ASN C 657 -24.72 -8.29 14.05
CA ASN C 657 -25.70 -9.38 13.92
C ASN C 657 -26.83 -9.18 14.91
N PHE C 658 -27.83 -8.40 14.51
CA PHE C 658 -29.07 -8.29 15.25
C PHE C 658 -30.19 -7.99 14.27
N ILE C 659 -31.40 -8.31 14.68
CA ILE C 659 -32.59 -8.06 13.89
C ILE C 659 -33.43 -7.02 14.63
N GLU C 660 -33.51 -5.82 14.07
CA GLU C 660 -34.32 -4.78 14.67
C GLU C 660 -35.80 -5.06 14.43
N VAL C 661 -36.61 -4.87 15.47
CA VAL C 661 -38.02 -5.17 15.34
C VAL C 661 -38.75 -4.08 14.57
N ARG C 662 -38.47 -2.83 14.88
CA ARG C 662 -39.17 -1.71 14.23
C ARG C 662 -38.35 -1.08 13.11
N LYS C 663 -37.06 -0.88 13.31
CA LYS C 663 -36.20 -0.27 12.31
C LYS C 663 -35.81 -1.29 11.25
N GLY C 664 -34.83 -0.92 10.43
CA GLY C 664 -34.06 -1.87 9.66
C GLY C 664 -32.78 -2.20 10.39
N SER C 665 -32.10 -3.23 9.89
CA SER C 665 -30.94 -3.82 10.52
C SER C 665 -29.85 -3.99 9.49
N PRO C 666 -28.62 -4.31 9.90
CA PRO C 666 -27.64 -4.79 8.94
C PRO C 666 -28.01 -6.12 8.28
N LEU C 667 -28.79 -6.96 8.97
CA LEU C 667 -29.19 -8.25 8.43
C LEU C 667 -30.60 -8.26 7.86
N PHE C 668 -31.35 -7.17 7.98
CA PHE C 668 -32.72 -7.15 7.48
C PHE C 668 -33.11 -5.71 7.21
N SER C 669 -33.71 -5.47 6.05
CA SER C 669 -34.28 -4.16 5.74
C SER C 669 -35.44 -4.35 4.77
N TYR C 670 -36.35 -3.40 4.78
CA TYR C 670 -37.51 -3.48 3.90
C TYR C 670 -37.86 -2.10 3.36
N ASN C 671 -37.97 -2.00 2.03
CA ASN C 671 -38.44 -0.79 1.39
C ASN C 671 -39.90 -0.98 1.03
N PRO C 672 -40.83 -0.24 1.66
CA PRO C 672 -42.26 -0.48 1.43
C PRO C 672 -42.77 0.09 0.12
N GLN C 673 -42.13 1.16 -0.35
CA GLN C 673 -42.52 1.79 -1.62
C GLN C 673 -42.20 0.87 -2.79
N THR C 674 -40.94 0.47 -2.93
CA THR C 674 -40.52 -0.44 -3.99
C THR C 674 -40.81 -1.90 -3.66
N GLU C 675 -41.20 -2.20 -2.42
CA GLU C 675 -41.45 -3.54 -1.90
C GLU C 675 -40.24 -4.46 -2.10
N VAL C 676 -39.12 -4.04 -1.53
CA VAL C 676 -37.83 -4.70 -1.76
C VAL C 676 -37.24 -5.08 -0.41
N LEU C 677 -36.96 -6.37 -0.24
CA LEU C 677 -36.37 -6.90 0.98
C LEU C 677 -34.87 -6.99 0.81
N THR C 678 -34.13 -6.65 1.87
CA THR C 678 -32.68 -6.69 1.86
C THR C 678 -32.23 -7.61 2.99
N ILE C 679 -31.68 -8.76 2.63
CA ILE C 679 -31.15 -9.72 3.59
C ILE C 679 -29.64 -9.76 3.36
N CYS C 680 -28.89 -9.30 4.36
CA CYS C 680 -27.42 -9.29 4.40
C CYS C 680 -26.79 -8.58 3.19
N GLY C 681 -27.50 -7.65 2.58
CA GLY C 681 -27.02 -7.00 1.37
C GLY C 681 -27.82 -7.35 0.13
N ARG C 682 -28.20 -8.62 -0.01
CA ARG C 682 -28.84 -9.06 -1.24
C ARG C 682 -30.32 -8.68 -1.23
N MET C 683 -30.79 -8.21 -2.38
CA MET C 683 -32.11 -7.59 -2.49
C MET C 683 -33.05 -8.53 -3.24
N MET C 684 -33.99 -9.11 -2.50
CA MET C 684 -35.10 -9.80 -3.13
C MET C 684 -36.26 -8.83 -3.29
N SER C 685 -37.22 -9.20 -4.12
CA SER C 685 -38.36 -8.35 -4.41
C SER C 685 -39.63 -9.04 -3.95
N LEU C 686 -40.33 -8.42 -2.99
CA LEU C 686 -41.61 -8.92 -2.52
C LEU C 686 -42.77 -8.52 -3.42
N LYS C 687 -42.49 -7.81 -4.51
CA LYS C 687 -43.53 -7.32 -5.42
C LYS C 687 -44.13 -8.50 -6.16
N GLY C 688 -45.34 -8.90 -5.75
CA GLY C 688 -46.01 -10.01 -6.39
C GLY C 688 -46.59 -10.98 -5.38
N LYS C 689 -45.96 -11.09 -4.22
CA LYS C 689 -46.43 -11.92 -3.12
C LYS C 689 -46.69 -11.01 -1.94
N ILE C 690 -47.85 -10.36 -1.95
CA ILE C 690 -48.22 -9.39 -0.92
C ILE C 690 -49.73 -9.17 -1.01
N GLU C 691 -50.32 -8.66 0.06
CA GLU C 691 -51.69 -8.17 0.03
C GLU C 691 -51.67 -6.73 -0.46
N ASP C 692 -52.48 -6.44 -1.49
CA ASP C 692 -52.39 -5.16 -2.18
C ASP C 692 -52.97 -3.99 -1.38
N GLU C 693 -53.59 -4.23 -0.23
CA GLU C 693 -54.07 -3.16 0.65
C GLU C 693 -53.34 -3.21 1.98
N GLU C 694 -52.03 -3.43 1.95
CA GLU C 694 -51.23 -3.51 3.17
C GLU C 694 -50.51 -2.23 3.52
N ARG C 695 -50.28 -1.34 2.55
CA ARG C 695 -49.61 -0.08 2.85
C ARG C 695 -50.50 0.89 3.61
N ASN C 696 -51.81 0.64 3.66
CA ASN C 696 -52.72 1.36 4.53
C ASN C 696 -52.73 0.80 5.95
N ARG C 697 -52.00 -0.27 6.21
CA ARG C 697 -51.91 -0.86 7.54
C ARG C 697 -50.67 -0.36 8.28
N SER C 698 -50.79 -0.26 9.60
CA SER C 698 -49.78 0.38 10.43
C SER C 698 -48.80 -0.65 10.99
N MET C 699 -47.56 -0.19 11.19
CA MET C 699 -46.49 -1.06 11.68
C MET C 699 -46.66 -1.39 13.15
N GLY C 700 -47.30 -0.50 13.91
CA GLY C 700 -47.34 -0.62 15.36
C GLY C 700 -48.19 -1.77 15.88
N ASN C 701 -49.04 -2.35 15.05
CA ASN C 701 -49.74 -3.57 15.41
C ASN C 701 -48.86 -4.80 15.35
N ALA C 702 -47.68 -4.70 14.77
CA ALA C 702 -46.72 -5.79 14.65
C ALA C 702 -45.37 -5.35 15.20
N VAL C 703 -45.40 -4.74 16.38
CA VAL C 703 -44.22 -4.17 17.02
C VAL C 703 -44.03 -4.72 18.44
N LEU C 704 -45.10 -4.80 19.22
CA LEU C 704 -45.06 -5.35 20.56
C LEU C 704 -46.14 -6.43 20.69
N ALA C 705 -46.07 -7.16 21.80
CA ALA C 705 -46.97 -8.28 22.07
C ALA C 705 -48.07 -7.81 23.01
N GLY C 706 -49.32 -7.92 22.57
CA GLY C 706 -50.45 -7.41 23.30
C GLY C 706 -50.72 -5.93 23.12
N PHE C 707 -49.74 -5.16 22.66
CA PHE C 707 -49.90 -3.74 22.40
C PHE C 707 -50.26 -3.53 20.93
N LEU C 708 -51.38 -2.85 20.69
CA LEU C 708 -51.84 -2.52 19.35
C LEU C 708 -51.89 -1.00 19.20
N VAL C 709 -52.46 -0.52 18.09
CA VAL C 709 -52.52 0.90 17.78
C VAL C 709 -53.98 1.33 17.80
N SER C 710 -54.27 2.40 18.54
CA SER C 710 -55.63 2.96 18.56
C SER C 710 -55.70 4.39 18.06
N GLY C 711 -54.71 5.22 18.35
CA GLY C 711 -54.83 6.63 18.02
C GLY C 711 -53.59 7.27 17.44
N LYS C 712 -53.37 8.54 17.76
CA LYS C 712 -52.24 9.32 17.26
C LYS C 712 -51.38 9.73 18.44
N TYR C 713 -50.33 10.51 18.15
CA TYR C 713 -49.39 11.01 19.15
C TYR C 713 -50.09 11.93 20.14
N ASP C 714 -50.14 11.52 21.39
CA ASP C 714 -50.89 12.23 22.42
C ASP C 714 -49.97 12.65 23.54
N PRO C 715 -49.69 13.94 23.72
CA PRO C 715 -48.86 14.38 24.85
C PRO C 715 -49.58 14.38 26.20
N ASP C 716 -50.85 13.98 26.25
CA ASP C 716 -51.60 13.88 27.49
C ASP C 716 -51.33 12.59 28.26
N LEU C 717 -50.54 11.68 27.69
CA LEU C 717 -50.19 10.44 28.36
C LEU C 717 -48.73 10.39 28.78
N GLY C 718 -47.90 11.30 28.28
CA GLY C 718 -46.51 11.36 28.69
C GLY C 718 -45.52 11.27 27.56
N ASP C 719 -44.30 10.83 27.85
CA ASP C 719 -43.27 10.67 26.85
C ASP C 719 -43.36 9.26 26.26
N PHE C 720 -42.42 8.94 25.38
CA PHE C 720 -42.35 7.61 24.78
C PHE C 720 -41.88 6.60 25.82
N LYS C 721 -42.73 5.64 26.16
CA LYS C 721 -42.40 4.68 27.20
C LYS C 721 -41.39 3.67 26.70
N THR C 722 -40.58 3.17 27.64
CA THR C 722 -39.53 2.23 27.35
C THR C 722 -40.06 0.80 27.53
N ILE C 723 -39.16 -0.18 27.55
CA ILE C 723 -39.58 -1.58 27.66
C ILE C 723 -40.05 -1.89 29.07
N GLU C 724 -39.28 -1.44 30.08
CA GLU C 724 -39.66 -1.67 31.47
C GLU C 724 -40.88 -0.87 31.88
N GLU C 725 -41.17 0.25 31.20
CA GLU C 725 -42.39 0.98 31.48
C GLU C 725 -43.61 0.31 30.85
N LEU C 726 -43.42 -0.42 29.76
CA LEU C 726 -44.52 -1.13 29.10
C LEU C 726 -44.78 -2.50 29.71
N GLU C 727 -43.76 -3.17 30.24
CA GLU C 727 -43.94 -4.48 30.83
C GLU C 727 -44.67 -4.41 32.18
N LYS C 728 -44.71 -3.23 32.80
CA LYS C 728 -45.35 -3.05 34.10
C LYS C 728 -46.61 -2.20 33.99
N LEU C 729 -47.28 -2.24 32.84
CA LEU C 729 -48.55 -1.55 32.66
C LEU C 729 -49.69 -2.48 33.09
N LYS C 730 -50.92 -2.08 32.77
CA LYS C 730 -52.11 -2.88 32.97
C LYS C 730 -52.93 -2.84 31.69
N PRO C 731 -53.78 -3.87 31.46
CA PRO C 731 -54.65 -3.87 30.26
C PRO C 731 -55.60 -2.69 30.16
N GLY C 732 -55.39 -1.86 29.16
CA GLY C 732 -56.14 -0.64 28.95
C GLY C 732 -55.33 0.63 29.02
N GLU C 733 -54.16 0.61 29.67
CA GLU C 733 -53.34 1.80 29.82
C GLU C 733 -52.61 2.12 28.51
N LYS C 734 -52.71 3.36 28.08
CA LYS C 734 -52.17 3.79 26.80
C LYS C 734 -50.85 4.52 26.99
N ALA C 735 -49.98 4.38 25.99
CA ALA C 735 -48.65 4.97 26.01
C ALA C 735 -48.31 5.48 24.62
N ASN C 736 -47.17 6.14 24.51
CA ASN C 736 -46.65 6.59 23.22
C ASN C 736 -45.44 5.74 22.85
N ILE C 737 -45.38 5.34 21.58
CA ILE C 737 -44.31 4.49 21.08
C ILE C 737 -43.72 5.16 19.84
N LEU C 738 -42.40 5.22 19.77
CA LEU C 738 -41.70 5.73 18.60
C LEU C 738 -41.20 4.54 17.80
N LEU C 739 -41.83 4.27 16.65
CA LEU C 739 -41.42 3.19 15.76
C LEU C 739 -40.02 3.41 15.22
N TYR C 740 -39.87 4.44 14.39
CA TYR C 740 -38.57 4.83 13.87
C TYR C 740 -38.53 6.36 13.92
N GLN C 741 -37.52 6.94 13.28
CA GLN C 741 -37.29 8.37 13.43
C GLN C 741 -38.32 9.19 12.67
N GLY C 742 -39.45 9.48 13.32
CA GLY C 742 -40.41 10.39 12.74
C GLY C 742 -41.87 10.05 12.96
N LYS C 743 -42.17 8.84 13.41
CA LYS C 743 -43.55 8.35 13.52
C LYS C 743 -43.87 7.97 14.96
N PRO C 744 -44.41 8.89 15.76
CA PRO C 744 -44.94 8.51 17.07
C PRO C 744 -46.38 8.02 16.95
N VAL C 745 -46.70 6.94 17.65
CA VAL C 745 -48.05 6.39 17.67
C VAL C 745 -48.50 6.18 19.11
N LYS C 746 -49.81 6.02 19.27
CA LYS C 746 -50.37 5.64 20.56
C LYS C 746 -50.52 4.12 20.61
N VAL C 747 -50.53 3.59 21.83
CA VAL C 747 -50.45 2.15 22.02
C VAL C 747 -51.29 1.78 23.25
N VAL C 748 -52.14 0.75 23.10
CA VAL C 748 -52.98 0.25 24.18
C VAL C 748 -52.71 -1.23 24.36
N LYS C 749 -52.72 -1.69 25.61
CA LYS C 749 -52.70 -3.12 25.89
C LYS C 749 -54.12 -3.69 25.94
PA GTG F 1 -7.40 -22.47 26.59
O1A GTG F 1 -6.86 -21.38 25.74
O2A GTG F 1 -7.93 -22.16 27.93
O3A GTG F 1 -8.52 -23.27 25.76
PB GTG F 1 -9.71 -22.55 24.98
O1B GTG F 1 -10.09 -21.32 25.70
O2B GTG F 1 -10.75 -23.55 24.69
O3B GTG F 1 -8.99 -22.16 23.61
N9A GTG F 1 -7.19 -26.04 29.84
C8A GTG F 1 -6.49 -24.98 30.19
N7A GTG F 1 -6.68 -24.78 31.48
C7X GTG F 1 -5.95 -23.63 32.06
C5A GTG F 1 -7.52 -25.71 31.95
C6A GTG F 1 -8.06 -25.97 33.14
O6A GTG F 1 -7.80 -25.29 34.14
N1A GTG F 1 -8.93 -27.04 33.31
C2A GTG F 1 -9.23 -27.82 32.20
N2A GTG F 1 -10.06 -28.85 32.32
N3A GTG F 1 -8.69 -27.52 31.03
C4A GTG F 1 -7.84 -26.49 30.90
O5D GTG F 1 -6.28 -23.60 26.73
C5D GTG F 1 -6.25 -24.64 25.75
C4D GTG F 1 -6.42 -26.02 26.38
O4D GTG F 1 -6.11 -25.86 27.79
C3D GTG F 1 -7.88 -26.49 26.36
O3D GTG F 1 -7.91 -27.93 26.42
C2D GTG F 1 -8.34 -25.98 27.68
O2D GTG F 1 -9.56 -26.61 28.07
C1D GTG F 1 -7.19 -26.51 28.47
PG GTG F 1 -9.84 -21.69 22.35
O1G GTG F 1 -10.49 -22.86 21.76
O2G GTG F 1 -10.64 -20.51 22.73
O5E GTG F 1 -8.65 -21.23 21.36
C5E GTG F 1 -7.38 -21.85 21.56
C4E GTG F 1 -6.52 -21.96 20.29
O4E GTG F 1 -5.72 -23.18 20.32
C3E GTG F 1 -7.29 -22.16 19.00
O3E GTG F 1 -6.33 -22.16 17.93
C2E GTG F 1 -7.78 -23.55 19.24
O2E GTG F 1 -8.32 -24.16 18.05
C1E GTG F 1 -6.49 -24.24 19.67
N9B GTG F 1 -6.80 -25.36 20.60
C8B GTG F 1 -7.69 -25.27 21.57
N7B GTG F 1 -7.74 -26.41 22.23
C5B GTG F 1 -6.86 -27.24 21.67
C6B GTG F 1 -6.55 -28.48 21.96
O6B GTG F 1 -7.12 -29.03 22.90
N1B GTG F 1 -5.59 -29.15 21.22
C2B GTG F 1 -4.98 -28.46 20.17
N2B GTG F 1 -4.06 -29.06 19.42
N3B GTG F 1 -5.34 -27.20 19.91
C4B GTG F 1 -6.27 -26.59 20.65
MG MG G . 40.85 -8.20 22.19
MG MG H . -14.29 12.10 4.12
#